data_1PPR
#
_entry.id   1PPR
#
_cell.length_a   198.426
_cell.length_b   116.296
_cell.length_c   67.025
_cell.angle_alpha   90.00
_cell.angle_beta   94.89
_cell.angle_gamma   90.00
#
_symmetry.space_group_name_H-M   'C 1 2 1'
#
loop_
_entity.id
_entity.type
_entity.pdbx_description
1 polymer 'PERIDININ-CHLOROPHYLL PROTEIN'
2 non-polymer 'CHLOROPHYLL A'
3 non-polymer PERIDININ
4 non-polymer 'DIGALACTOSYL DIACYL GLYCEROL (DGDG)'
5 water water
#
_entity_poly.entity_id   1
_entity_poly.type   'polypeptide(L)'
_entity_poly.pdbx_seq_one_letter_code
;DEIGDAAKKLGDASYAFAKEVDWNNGIFLQAPGKLQPLEALKAIDKMIVMGAAADPKLLKAAAEAHHKAIGSISGPNGVT
SRADWDNVNAALGRVIASVPENMVMDVYDSVSKITDPKVPAYMKSLVNGADAEKAYEGFLAFKDVVKKSQVTSAAGPATV
PSGDKIGVAAQQLSEASYPFLKEIDWLSDVYMKPLPGVSAQQSLKAIDKMIVMGAQADGNALKAAAEAHHKAIGSIDATG
VTSAADYAAVNAALGRVIASVPKSTVMDVYNAMAGVTDTSIPLNMFSKVNPLDANAAAKAFYTFKDVVQAAQ
;
_entity_poly.pdbx_strand_id   M,N,O
#
loop_
_chem_comp.id
_chem_comp.type
_chem_comp.name
_chem_comp.formula
CLA non-polymer 'CHLOROPHYLL A' 'C55 H72 Mg N4 O5'
DGD saccharide 'DIGALACTOSYL DIACYL GLYCEROL (DGDG)' 'C51 H96 O15'
PID non-polymer PERIDININ 'C39 H50 O7'
#
# COMPACT_ATOMS: atom_id res chain seq x y z
N ASP A 1 18.89 -29.45 -38.65
CA ASP A 1 20.05 -28.73 -39.22
C ASP A 1 21.25 -28.83 -38.27
N GLU A 2 22.35 -28.20 -38.63
CA GLU A 2 23.57 -28.24 -37.83
C GLU A 2 23.37 -27.73 -36.41
N ILE A 3 22.85 -26.51 -36.28
CA ILE A 3 22.61 -25.91 -34.97
C ILE A 3 21.68 -26.78 -34.11
N GLY A 4 20.66 -27.36 -34.75
CA GLY A 4 19.73 -28.23 -34.04
C GLY A 4 20.42 -29.46 -33.49
N ASP A 5 21.33 -30.03 -34.29
CA ASP A 5 22.08 -31.22 -33.88
C ASP A 5 23.06 -30.85 -32.76
N ALA A 6 23.69 -29.68 -32.88
CA ALA A 6 24.65 -29.22 -31.88
C ALA A 6 23.97 -28.88 -30.55
N ALA A 7 22.72 -28.38 -30.63
CA ALA A 7 21.96 -28.06 -29.42
C ALA A 7 21.70 -29.32 -28.58
N LYS A 8 21.49 -30.45 -29.24
CA LYS A 8 21.24 -31.71 -28.54
C LYS A 8 22.50 -32.09 -27.72
N LYS A 9 23.68 -31.83 -28.27
CA LYS A 9 24.92 -32.16 -27.56
C LYS A 9 25.11 -31.18 -26.40
N LEU A 10 24.74 -29.91 -26.65
CA LEU A 10 24.84 -28.86 -25.62
C LEU A 10 23.96 -29.29 -24.45
N GLY A 11 22.81 -29.88 -24.75
CA GLY A 11 21.88 -30.32 -23.73
C GLY A 11 22.45 -31.42 -22.86
N ASP A 12 23.13 -32.38 -23.48
CA ASP A 12 23.74 -33.48 -22.72
C ASP A 12 24.75 -32.91 -21.73
N ALA A 13 25.46 -31.84 -22.13
CA ALA A 13 26.47 -31.24 -21.25
C ALA A 13 25.94 -30.21 -20.24
N SER A 14 24.77 -29.63 -20.50
CA SER A 14 24.26 -28.59 -19.62
C SER A 14 22.96 -28.78 -18.85
N TYR A 15 22.18 -29.83 -19.15
CA TYR A 15 20.92 -29.98 -18.44
C TYR A 15 21.01 -30.23 -16.94
N ALA A 16 22.10 -30.88 -16.52
CA ALA A 16 22.31 -31.15 -15.09
C ALA A 16 22.40 -29.80 -14.36
N PHE A 17 23.21 -28.90 -14.92
CA PHE A 17 23.38 -27.55 -14.36
C PHE A 17 22.02 -26.81 -14.36
N ALA A 18 21.27 -26.89 -15.46
CA ALA A 18 19.98 -26.21 -15.55
C ALA A 18 19.04 -26.66 -14.45
N LYS A 19 19.05 -27.95 -14.12
CA LYS A 19 18.19 -28.48 -13.05
C LYS A 19 18.57 -27.97 -11.65
N GLU A 20 19.82 -27.56 -11.49
CA GLU A 20 20.30 -27.08 -10.20
C GLU A 20 20.06 -25.60 -9.94
N VAL A 21 19.88 -24.83 -11.00
CA VAL A 21 19.67 -23.38 -10.84
C VAL A 21 18.30 -23.14 -10.22
N ASP A 22 18.24 -22.24 -9.24
CA ASP A 22 16.96 -21.89 -8.60
C ASP A 22 16.41 -20.72 -9.46
N TRP A 23 15.62 -21.08 -10.48
CA TRP A 23 15.07 -20.10 -11.42
C TRP A 23 14.02 -19.17 -10.81
N ASN A 24 13.51 -19.57 -9.65
CA ASN A 24 12.49 -18.80 -8.93
C ASN A 24 13.10 -17.74 -8.01
N ASN A 25 14.42 -17.62 -7.98
CA ASN A 25 15.10 -16.65 -7.15
C ASN A 25 14.75 -15.23 -7.60
N GLY A 26 14.34 -14.37 -6.67
CA GLY A 26 13.98 -13.01 -7.05
C GLY A 26 15.19 -12.13 -7.38
N ILE A 27 16.40 -12.63 -7.11
CA ILE A 27 17.60 -11.85 -7.39
C ILE A 27 17.72 -11.49 -8.88
N PHE A 28 17.15 -12.30 -9.76
CA PHE A 28 17.26 -12.05 -11.19
C PHE A 28 16.49 -10.81 -11.65
N LEU A 29 15.62 -10.27 -10.80
CA LEU A 29 14.91 -9.03 -11.15
C LEU A 29 15.85 -7.83 -10.94
N GLN A 30 16.89 -8.01 -10.11
CA GLN A 30 17.82 -6.92 -9.79
C GLN A 30 18.99 -6.77 -10.76
N ALA A 31 19.64 -5.61 -10.73
CA ALA A 31 20.81 -5.37 -11.58
C ALA A 31 21.92 -6.27 -11.06
N PRO A 32 22.83 -6.70 -11.95
CA PRO A 32 23.93 -7.57 -11.54
C PRO A 32 25.05 -6.78 -10.86
N GLY A 33 24.70 -6.07 -9.78
CA GLY A 33 25.64 -5.26 -9.04
C GLY A 33 24.93 -3.95 -8.79
N LYS A 34 25.68 -2.88 -8.57
CA LYS A 34 25.08 -1.56 -8.33
C LYS A 34 24.33 -1.11 -9.59
N LEU A 35 23.14 -0.55 -9.41
CA LEU A 35 22.35 -0.09 -10.54
C LEU A 35 22.99 1.17 -11.12
N GLN A 36 23.19 1.18 -12.43
CA GLN A 36 23.80 2.33 -13.14
C GLN A 36 22.89 2.47 -14.35
N PRO A 37 21.73 3.14 -14.18
CA PRO A 37 20.75 3.32 -15.27
C PRO A 37 21.29 3.74 -16.64
N LEU A 38 22.06 4.82 -16.70
CA LEU A 38 22.57 5.29 -18.00
C LEU A 38 23.58 4.33 -18.66
N GLU A 39 24.39 3.66 -17.86
CA GLU A 39 25.35 2.70 -18.39
C GLU A 39 24.58 1.45 -18.86
N ALA A 40 23.56 1.05 -18.08
CA ALA A 40 22.75 -0.11 -18.46
C ALA A 40 21.99 0.23 -19.76
N LEU A 41 21.53 1.48 -19.89
CA LEU A 41 20.81 1.85 -21.11
C LEU A 41 21.68 1.66 -22.39
N LYS A 42 23.01 1.81 -22.25
CA LYS A 42 23.90 1.61 -23.41
C LYS A 42 23.90 0.14 -23.80
N ALA A 43 23.85 -0.74 -22.81
CA ALA A 43 23.81 -2.19 -23.06
C ALA A 43 22.46 -2.57 -23.70
N ILE A 44 21.37 -1.99 -23.19
CA ILE A 44 20.04 -2.27 -23.78
C ILE A 44 20.06 -1.80 -25.24
N ASP A 45 20.66 -0.64 -25.49
CA ASP A 45 20.77 -0.11 -26.85
C ASP A 45 21.47 -1.12 -27.80
N LYS A 46 22.57 -1.73 -27.35
CA LYS A 46 23.27 -2.71 -28.18
C LYS A 46 22.36 -3.90 -28.44
N MET A 47 21.56 -4.29 -27.44
CA MET A 47 20.66 -5.43 -27.65
C MET A 47 19.55 -5.07 -28.65
N ILE A 48 19.05 -3.83 -28.56
CA ILE A 48 18.00 -3.35 -29.47
C ILE A 48 18.52 -3.36 -30.92
N VAL A 49 19.73 -2.86 -31.11
CA VAL A 49 20.36 -2.84 -32.43
C VAL A 49 20.47 -4.28 -32.97
N MET A 50 20.90 -5.18 -32.10
CA MET A 50 21.02 -6.58 -32.50
C MET A 50 19.66 -7.20 -32.83
N GLY A 51 18.64 -6.89 -32.02
CA GLY A 51 17.32 -7.43 -32.25
C GLY A 51 16.75 -6.93 -33.56
N ALA A 52 16.97 -5.65 -33.89
CA ALA A 52 16.48 -5.08 -35.14
C ALA A 52 17.16 -5.71 -36.35
N ALA A 53 18.40 -6.18 -36.17
CA ALA A 53 19.14 -6.81 -37.28
C ALA A 53 18.84 -8.30 -37.44
N ALA A 54 18.36 -8.97 -36.40
CA ALA A 54 18.07 -10.41 -36.50
C ALA A 54 16.92 -10.73 -37.45
N ASP A 55 16.91 -11.95 -37.96
CA ASP A 55 15.87 -12.40 -38.88
C ASP A 55 14.54 -12.46 -38.10
N PRO A 56 13.52 -11.71 -38.54
CA PRO A 56 12.21 -11.71 -37.87
C PRO A 56 11.58 -13.11 -37.70
N LYS A 57 11.70 -13.97 -38.72
CA LYS A 57 11.11 -15.32 -38.60
C LYS A 57 11.83 -16.17 -37.55
N LEU A 58 13.13 -15.95 -37.37
CA LEU A 58 13.88 -16.69 -36.38
C LEU A 58 13.56 -16.16 -34.98
N LEU A 59 13.35 -14.85 -34.86
CA LEU A 59 12.98 -14.27 -33.56
C LEU A 59 11.63 -14.85 -33.16
N LYS A 60 10.70 -14.88 -34.12
CA LYS A 60 9.36 -15.43 -33.91
C LYS A 60 9.45 -16.89 -33.43
N ALA A 61 10.30 -17.69 -34.09
CA ALA A 61 10.48 -19.09 -33.72
C ALA A 61 11.03 -19.23 -32.30
N ALA A 62 11.98 -18.37 -31.94
CA ALA A 62 12.59 -18.42 -30.61
C ALA A 62 11.55 -18.05 -29.52
N ALA A 63 10.67 -17.09 -29.82
CA ALA A 63 9.60 -16.72 -28.87
C ALA A 63 8.66 -17.93 -28.66
N GLU A 64 8.25 -18.57 -29.76
CA GLU A 64 7.38 -19.75 -29.67
C GLU A 64 8.03 -20.85 -28.83
N ALA A 65 9.34 -21.03 -29.00
CA ALA A 65 10.07 -22.05 -28.24
C ALA A 65 10.02 -21.80 -26.72
N HIS A 66 10.07 -20.54 -26.32
CA HIS A 66 10.01 -20.18 -24.91
C HIS A 66 8.59 -20.38 -24.40
N HIS A 67 7.59 -20.03 -25.20
CA HIS A 67 6.18 -20.25 -24.80
C HIS A 67 5.95 -21.73 -24.52
N LYS A 68 6.48 -22.60 -25.38
CA LYS A 68 6.36 -24.05 -25.22
C LYS A 68 7.09 -24.49 -23.96
N ALA A 69 8.29 -23.95 -23.74
CA ALA A 69 9.10 -24.29 -22.57
C ALA A 69 8.41 -23.96 -21.24
N ILE A 70 7.72 -22.83 -21.21
CA ILE A 70 7.01 -22.39 -19.99
C ILE A 70 5.96 -23.44 -19.62
N GLY A 71 5.39 -24.08 -20.64
CA GLY A 71 4.39 -25.10 -20.38
C GLY A 71 4.88 -26.38 -19.71
N SER A 72 6.18 -26.67 -19.78
CA SER A 72 6.70 -27.89 -19.15
C SER A 72 7.49 -27.71 -17.86
N ILE A 73 7.45 -26.51 -17.29
CA ILE A 73 8.17 -26.22 -16.04
C ILE A 73 7.69 -27.17 -14.93
N SER A 74 8.60 -27.67 -14.10
CA SER A 74 8.23 -28.54 -12.98
C SER A 74 9.30 -28.54 -11.91
N GLY A 75 8.92 -29.01 -10.72
CA GLY A 75 9.88 -29.07 -9.63
C GLY A 75 9.92 -27.77 -8.87
N PRO A 76 10.62 -27.73 -7.74
CA PRO A 76 10.73 -26.53 -6.91
C PRO A 76 11.63 -25.44 -7.47
N ASN A 77 12.49 -25.79 -8.43
CA ASN A 77 13.43 -24.84 -9.03
C ASN A 77 12.90 -24.19 -10.31
N GLY A 78 11.74 -24.63 -10.77
CA GLY A 78 11.15 -24.10 -11.99
C GLY A 78 11.90 -24.41 -13.28
N VAL A 79 12.38 -25.63 -13.44
CA VAL A 79 13.14 -25.98 -14.66
C VAL A 79 12.24 -26.61 -15.73
N THR A 80 12.47 -26.20 -16.98
CA THR A 80 11.73 -26.72 -18.14
C THR A 80 12.24 -28.14 -18.49
N SER A 81 11.50 -28.88 -19.32
CA SER A 81 11.89 -30.24 -19.69
C SER A 81 13.15 -30.23 -20.53
N ARG A 82 13.85 -31.36 -20.57
CA ARG A 82 15.07 -31.49 -21.35
C ARG A 82 14.84 -31.17 -22.83
N ALA A 83 13.74 -31.66 -23.38
CA ALA A 83 13.39 -31.43 -24.80
C ALA A 83 13.22 -29.93 -25.08
N ASP A 84 12.55 -29.23 -24.15
CA ASP A 84 12.33 -27.78 -24.32
C ASP A 84 13.60 -26.96 -24.13
N TRP A 85 14.48 -27.40 -23.23
CA TRP A 85 15.76 -26.75 -23.00
C TRP A 85 16.54 -26.78 -24.35
N ASP A 86 16.56 -27.94 -25.02
CA ASP A 86 17.27 -28.06 -26.30
C ASP A 86 16.60 -27.23 -27.38
N ASN A 87 15.27 -27.26 -27.40
CA ASN A 87 14.52 -26.50 -28.39
C ASN A 87 14.82 -24.98 -28.27
N VAL A 88 14.94 -24.51 -27.03
CA VAL A 88 15.24 -23.09 -26.79
C VAL A 88 16.66 -22.75 -27.25
N ASN A 89 17.64 -23.56 -26.83
CA ASN A 89 19.03 -23.29 -27.22
C ASN A 89 19.22 -23.31 -28.74
N ALA A 90 18.56 -24.23 -29.44
CA ALA A 90 18.68 -24.31 -30.90
C ALA A 90 18.10 -23.04 -31.52
N ALA A 91 16.88 -22.68 -31.10
CA ALA A 91 16.24 -21.47 -31.65
C ALA A 91 17.10 -20.22 -31.39
N LEU A 92 17.68 -20.12 -30.20
CA LEU A 92 18.51 -18.94 -29.92
C LEU A 92 19.82 -18.99 -30.75
N GLY A 93 20.37 -20.20 -30.92
CA GLY A 93 21.58 -20.34 -31.73
C GLY A 93 21.31 -19.81 -33.13
N ARG A 94 20.15 -20.16 -33.70
CA ARG A 94 19.81 -19.67 -35.05
C ARG A 94 19.68 -18.15 -35.09
N VAL A 95 19.13 -17.54 -34.04
CA VAL A 95 18.98 -16.10 -33.99
C VAL A 95 20.37 -15.46 -33.97
N ILE A 96 21.26 -15.98 -33.14
CA ILE A 96 22.61 -15.44 -33.02
C ILE A 96 23.32 -15.48 -34.38
N ALA A 97 23.15 -16.59 -35.11
CA ALA A 97 23.78 -16.75 -36.42
C ALA A 97 23.22 -15.80 -37.48
N SER A 98 22.03 -15.22 -37.25
CA SER A 98 21.43 -14.34 -38.26
C SER A 98 21.93 -12.92 -38.13
N VAL A 99 22.85 -12.70 -37.20
CA VAL A 99 23.37 -11.37 -36.93
C VAL A 99 24.89 -11.45 -36.99
N PRO A 100 25.57 -10.40 -37.51
CA PRO A 100 27.04 -10.41 -37.60
C PRO A 100 27.72 -10.43 -36.23
N GLU A 101 28.89 -11.04 -36.17
CA GLU A 101 29.64 -11.20 -34.94
C GLU A 101 29.86 -9.95 -34.11
N ASN A 102 30.20 -8.84 -34.76
CA ASN A 102 30.45 -7.59 -34.02
C ASN A 102 29.24 -7.13 -33.19
N MET A 103 28.03 -7.39 -33.69
CA MET A 103 26.82 -7.00 -32.96
C MET A 103 26.68 -7.81 -31.67
N VAL A 104 26.99 -9.10 -31.76
CA VAL A 104 26.90 -9.99 -30.61
C VAL A 104 27.95 -9.62 -29.57
N MET A 105 29.18 -9.35 -30.02
CA MET A 105 30.26 -8.97 -29.10
C MET A 105 29.99 -7.63 -28.43
N ASP A 106 29.34 -6.72 -29.14
CA ASP A 106 29.01 -5.40 -28.58
C ASP A 106 28.10 -5.58 -27.35
N VAL A 107 27.17 -6.53 -27.43
CA VAL A 107 26.27 -6.78 -26.29
C VAL A 107 27.09 -7.28 -25.11
N TYR A 108 27.90 -8.30 -25.37
CA TYR A 108 28.76 -8.90 -24.35
C TYR A 108 29.62 -7.83 -23.66
N ASP A 109 30.26 -6.98 -24.46
CA ASP A 109 31.13 -5.93 -23.93
C ASP A 109 30.37 -4.92 -23.08
N SER A 110 29.20 -4.46 -23.54
CA SER A 110 28.47 -3.47 -22.75
C SER A 110 27.85 -4.04 -21.45
N VAL A 111 27.42 -5.31 -21.49
CA VAL A 111 26.86 -5.94 -20.29
C VAL A 111 27.99 -6.19 -19.28
N SER A 112 29.19 -6.52 -19.77
CA SER A 112 30.32 -6.74 -18.86
C SER A 112 30.61 -5.50 -18.05
N LYS A 113 30.44 -4.32 -18.66
CA LYS A 113 30.73 -3.07 -17.98
C LYS A 113 29.86 -2.83 -16.76
N ILE A 114 28.62 -3.30 -16.79
CA ILE A 114 27.73 -3.10 -15.65
C ILE A 114 27.63 -4.29 -14.69
N THR A 115 28.27 -5.40 -15.02
CA THR A 115 28.19 -6.58 -14.15
C THR A 115 29.33 -6.61 -13.14
N ASP A 116 29.00 -6.78 -11.86
CA ASP A 116 30.00 -6.85 -10.82
C ASP A 116 30.86 -8.11 -11.05
N PRO A 117 32.19 -8.00 -10.94
CA PRO A 117 33.10 -9.13 -11.15
C PRO A 117 32.77 -10.38 -10.31
N LYS A 118 32.15 -10.20 -9.15
CA LYS A 118 31.80 -11.31 -8.26
C LYS A 118 30.51 -12.05 -8.60
N VAL A 119 29.74 -11.53 -9.57
CA VAL A 119 28.48 -12.17 -9.94
C VAL A 119 28.61 -13.61 -10.39
N PRO A 120 29.52 -13.92 -11.34
CA PRO A 120 29.64 -15.31 -11.77
C PRO A 120 29.97 -16.28 -10.62
N ALA A 121 30.85 -15.87 -9.72
CA ALA A 121 31.24 -16.73 -8.62
C ALA A 121 30.07 -16.99 -7.68
N TYR A 122 29.30 -15.96 -7.37
CA TYR A 122 28.14 -16.11 -6.48
C TYR A 122 27.15 -17.08 -7.13
N MET A 123 26.87 -16.90 -8.41
CA MET A 123 25.94 -17.80 -9.11
C MET A 123 26.45 -19.23 -9.10
N LYS A 124 27.75 -19.42 -9.35
CA LYS A 124 28.30 -20.77 -9.35
C LYS A 124 28.26 -21.39 -7.94
N SER A 125 28.37 -20.56 -6.91
CA SER A 125 28.35 -21.07 -5.53
C SER A 125 27.03 -21.71 -5.15
N LEU A 126 25.96 -21.40 -5.89
CA LEU A 126 24.64 -21.96 -5.57
C LEU A 126 24.34 -23.28 -6.26
N VAL A 127 25.22 -23.71 -7.16
CA VAL A 127 25.02 -24.97 -7.88
C VAL A 127 26.22 -25.90 -7.71
N ASN A 128 26.20 -27.04 -8.41
CA ASN A 128 27.33 -27.98 -8.35
C ASN A 128 28.37 -27.41 -9.31
N GLY A 129 29.48 -26.94 -8.77
CA GLY A 129 30.55 -26.37 -9.58
C GLY A 129 30.99 -27.19 -10.78
N ALA A 130 31.12 -28.50 -10.62
CA ALA A 130 31.54 -29.36 -11.73
C ALA A 130 30.51 -29.33 -12.85
N ASP A 131 29.24 -29.33 -12.49
CA ASP A 131 28.19 -29.30 -13.49
C ASP A 131 28.16 -28.00 -14.27
N ALA A 132 28.49 -26.90 -13.60
CA ALA A 132 28.53 -25.59 -14.22
C ALA A 132 29.67 -25.57 -15.23
N GLU A 133 30.84 -26.05 -14.80
CA GLU A 133 32.01 -26.11 -15.68
C GLU A 133 31.72 -26.96 -16.92
N LYS A 134 31.08 -28.10 -16.70
CA LYS A 134 30.70 -29.02 -17.77
C LYS A 134 29.75 -28.29 -18.74
N ALA A 135 28.83 -27.51 -18.19
CA ALA A 135 27.87 -26.75 -19.00
C ALA A 135 28.59 -25.69 -19.84
N TYR A 136 29.55 -25.00 -19.23
CA TYR A 136 30.30 -23.97 -19.93
C TYR A 136 31.11 -24.55 -21.10
N GLU A 137 31.71 -25.72 -20.88
CA GLU A 137 32.48 -26.37 -21.95
C GLU A 137 31.51 -26.72 -23.08
N GLY A 138 30.32 -27.19 -22.72
CA GLY A 138 29.32 -27.51 -23.72
C GLY A 138 29.01 -26.26 -24.53
N PHE A 139 28.90 -25.11 -23.85
CA PHE A 139 28.62 -23.83 -24.50
C PHE A 139 29.73 -23.44 -25.48
N LEU A 140 30.99 -23.58 -25.07
CA LEU A 140 32.11 -23.25 -25.97
C LEU A 140 32.09 -24.08 -27.26
N ALA A 141 31.71 -25.35 -27.16
CA ALA A 141 31.62 -26.21 -28.34
C ALA A 141 30.45 -25.76 -29.22
N PHE A 142 29.30 -25.53 -28.59
CA PHE A 142 28.09 -25.08 -29.30
C PHE A 142 28.31 -23.79 -30.09
N LYS A 143 28.93 -22.78 -29.48
CA LYS A 143 29.17 -21.52 -30.15
C LYS A 143 30.03 -21.61 -31.43
N ASP A 144 30.85 -22.66 -31.53
CA ASP A 144 31.66 -22.84 -32.74
C ASP A 144 30.75 -23.23 -33.89
N VAL A 145 29.76 -24.08 -33.63
CA VAL A 145 28.80 -24.48 -34.67
C VAL A 145 28.00 -23.25 -35.14
N VAL A 146 27.57 -22.43 -34.18
CA VAL A 146 26.81 -21.23 -34.49
C VAL A 146 27.67 -20.29 -35.35
N LYS A 147 28.92 -20.11 -34.94
CA LYS A 147 29.84 -19.25 -35.66
C LYS A 147 30.02 -19.65 -37.13
N LYS A 148 30.07 -20.94 -37.42
CA LYS A 148 30.24 -21.42 -38.80
C LYS A 148 29.09 -21.01 -39.71
N SER A 149 27.90 -20.86 -39.14
CA SER A 149 26.72 -20.51 -39.92
C SER A 149 26.37 -19.02 -39.87
N GLN A 150 27.13 -18.25 -39.11
CA GLN A 150 26.88 -16.83 -38.93
C GLN A 150 27.10 -15.95 -40.15
N VAL A 151 26.16 -15.03 -40.40
CA VAL A 151 26.25 -14.11 -41.53
C VAL A 151 27.40 -13.12 -41.32
N THR A 152 27.78 -12.43 -42.39
CA THR A 152 28.87 -11.48 -42.33
C THR A 152 28.43 -10.02 -42.41
N SER A 153 27.17 -9.80 -42.80
CA SER A 153 26.65 -8.45 -42.87
C SER A 153 25.23 -8.41 -42.28
N ALA A 154 24.87 -7.25 -41.74
CA ALA A 154 23.55 -7.03 -41.14
C ALA A 154 22.50 -6.71 -42.19
N ALA A 155 21.28 -7.17 -41.97
CA ALA A 155 20.19 -6.89 -42.89
C ALA A 155 19.86 -5.41 -42.82
N GLY A 156 19.16 -4.90 -43.82
CA GLY A 156 18.81 -3.49 -43.85
C GLY A 156 17.61 -3.11 -42.99
N PRO A 157 17.45 -1.81 -42.69
CA PRO A 157 16.34 -1.30 -41.88
C PRO A 157 14.94 -1.62 -42.41
N ALA A 158 13.96 -1.60 -41.51
CA ALA A 158 12.58 -1.90 -41.86
C ALA A 158 11.95 -0.77 -42.66
N THR A 159 10.82 -1.08 -43.30
CA THR A 159 10.06 -0.09 -44.06
C THR A 159 9.04 0.54 -43.09
N VAL A 160 9.03 1.87 -43.03
CA VAL A 160 8.11 2.59 -42.13
C VAL A 160 7.07 3.37 -42.92
N PRO A 161 5.76 3.15 -42.65
CA PRO A 161 4.73 3.90 -43.38
C PRO A 161 4.83 5.38 -43.00
N SER A 162 4.12 6.22 -43.75
CA SER A 162 4.16 7.63 -43.43
C SER A 162 2.77 8.21 -43.66
N GLY A 163 2.37 9.08 -42.74
CA GLY A 163 1.08 9.72 -42.83
C GLY A 163 -0.10 8.76 -42.75
N ASP A 164 0.10 7.55 -42.20
CA ASP A 164 -1.01 6.62 -42.03
C ASP A 164 -1.83 7.13 -40.83
N LYS A 165 -3.04 6.62 -40.64
CA LYS A 165 -3.88 7.09 -39.54
C LYS A 165 -3.23 6.97 -38.17
N ILE A 166 -2.53 5.87 -37.94
CA ILE A 166 -1.86 5.66 -36.64
C ILE A 166 -0.75 6.70 -36.42
N GLY A 167 0.02 7.00 -37.45
CA GLY A 167 1.08 7.98 -37.32
C GLY A 167 0.58 9.36 -36.93
N VAL A 168 -0.52 9.77 -37.55
CA VAL A 168 -1.14 11.08 -37.29
C VAL A 168 -1.70 11.14 -35.86
N ALA A 169 -2.35 10.05 -35.43
CA ALA A 169 -2.92 10.00 -34.08
C ALA A 169 -1.79 9.99 -33.04
N ALA A 170 -0.69 9.33 -33.36
CA ALA A 170 0.45 9.24 -32.46
C ALA A 170 1.06 10.62 -32.21
N GLN A 171 0.94 11.50 -33.20
CA GLN A 171 1.45 12.86 -33.07
C GLN A 171 0.64 13.58 -31.98
N GLN A 172 -0.69 13.43 -32.02
CA GLN A 172 -1.55 14.08 -31.02
C GLN A 172 -1.31 13.47 -29.62
N LEU A 173 -1.20 12.15 -29.55
CA LEU A 173 -0.95 11.49 -28.28
C LEU A 173 0.38 12.00 -27.68
N SER A 174 1.40 12.10 -28.53
CA SER A 174 2.70 12.53 -28.05
C SER A 174 2.74 13.96 -27.54
N GLU A 175 2.10 14.90 -28.25
CA GLU A 175 2.09 16.29 -27.78
C GLU A 175 1.37 16.39 -26.45
N ALA A 176 0.27 15.66 -26.32
CA ALA A 176 -0.54 15.69 -25.09
C ALA A 176 0.14 15.05 -23.89
N SER A 177 0.99 14.06 -24.13
CA SER A 177 1.63 13.33 -23.03
C SER A 177 3.09 13.59 -22.74
N TYR A 178 3.75 14.39 -23.58
CA TYR A 178 5.16 14.67 -23.36
C TYR A 178 5.47 15.32 -22.00
N PRO A 179 4.62 16.27 -21.50
CA PRO A 179 4.88 16.89 -20.19
C PRO A 179 4.94 15.83 -19.10
N PHE A 180 4.05 14.85 -19.17
CA PHE A 180 3.99 13.72 -18.22
C PHE A 180 5.26 12.89 -18.37
N LEU A 181 5.66 12.62 -19.61
CA LEU A 181 6.86 11.82 -19.86
C LEU A 181 8.11 12.45 -19.25
N LYS A 182 8.20 13.78 -19.33
CA LYS A 182 9.33 14.51 -18.77
C LYS A 182 9.40 14.49 -17.23
N GLU A 183 8.26 14.30 -16.57
CA GLU A 183 8.19 14.30 -15.12
C GLU A 183 8.58 12.98 -14.45
N ILE A 184 8.48 11.87 -15.19
CA ILE A 184 8.81 10.55 -14.66
C ILE A 184 10.31 10.46 -14.32
N ASP A 185 10.63 9.88 -13.18
CA ASP A 185 12.04 9.70 -12.79
C ASP A 185 12.56 8.45 -13.49
N TRP A 186 13.17 8.62 -14.65
CA TRP A 186 13.65 7.48 -15.43
C TRP A 186 14.87 6.78 -14.85
N LEU A 187 15.50 7.41 -13.86
CA LEU A 187 16.71 6.86 -13.27
C LEU A 187 16.49 6.21 -11.90
N SER A 188 15.23 6.05 -11.53
CA SER A 188 14.86 5.46 -10.24
C SER A 188 15.04 3.94 -10.20
N ASP A 189 15.23 3.39 -9.00
CA ASP A 189 15.35 1.94 -8.87
C ASP A 189 13.97 1.32 -8.53
N VAL A 190 12.93 2.16 -8.47
CA VAL A 190 11.61 1.65 -8.08
C VAL A 190 11.07 0.60 -9.06
N TYR A 191 11.53 0.66 -10.31
CA TYR A 191 11.04 -0.27 -11.33
C TYR A 191 11.44 -1.69 -11.11
N MET A 192 12.44 -1.90 -10.24
CA MET A 192 12.90 -3.24 -9.93
C MET A 192 12.42 -3.72 -8.56
N LYS A 193 11.43 -3.02 -7.97
CA LYS A 193 10.88 -3.47 -6.69
C LYS A 193 9.84 -4.51 -7.14
N PRO A 194 9.81 -5.66 -6.47
CA PRO A 194 8.86 -6.73 -6.84
C PRO A 194 7.37 -6.43 -6.69
N LEU A 195 6.56 -7.22 -7.37
CA LEU A 195 5.10 -7.09 -7.30
C LEU A 195 4.64 -7.74 -6.00
N PRO A 196 3.94 -6.98 -5.13
CA PRO A 196 3.46 -7.52 -3.84
C PRO A 196 2.62 -8.77 -4.00
N GLY A 197 2.98 -9.82 -3.25
CA GLY A 197 2.26 -11.08 -3.25
C GLY A 197 2.24 -11.93 -4.51
N VAL A 198 3.13 -11.67 -5.45
CA VAL A 198 3.13 -12.44 -6.70
C VAL A 198 4.38 -13.32 -6.79
N SER A 199 4.20 -14.63 -6.95
CA SER A 199 5.37 -15.53 -7.03
C SER A 199 5.98 -15.46 -8.42
N ALA A 200 7.21 -15.97 -8.57
CA ALA A 200 7.87 -16.01 -9.87
C ALA A 200 7.03 -16.80 -10.86
N GLN A 201 6.39 -17.89 -10.42
CA GLN A 201 5.60 -18.69 -11.33
C GLN A 201 4.34 -17.96 -11.80
N GLN A 202 3.78 -17.12 -10.92
CA GLN A 202 2.61 -16.32 -11.31
C GLN A 202 3.01 -15.25 -12.35
N SER A 203 4.13 -14.57 -12.09
CA SER A 203 4.68 -13.56 -13.01
C SER A 203 4.99 -14.20 -14.38
N LEU A 204 5.57 -15.39 -14.35
CA LEU A 204 5.91 -16.09 -15.58
C LEU A 204 4.71 -16.31 -16.48
N LYS A 205 3.56 -16.65 -15.89
CA LYS A 205 2.34 -16.88 -16.69
C LYS A 205 1.86 -15.61 -17.36
N ALA A 206 2.11 -14.45 -16.73
CA ALA A 206 1.71 -13.17 -17.31
C ALA A 206 2.69 -12.83 -18.43
N ILE A 207 3.98 -13.03 -18.18
CA ILE A 207 4.98 -12.75 -19.20
C ILE A 207 4.75 -13.67 -20.43
N ASP A 208 4.30 -14.91 -20.19
CA ASP A 208 3.99 -15.83 -21.26
C ASP A 208 3.01 -15.19 -22.28
N LYS A 209 2.01 -14.45 -21.81
CA LYS A 209 1.04 -13.81 -22.73
C LYS A 209 1.72 -12.80 -23.64
N MET A 210 2.71 -12.09 -23.10
CA MET A 210 3.46 -11.12 -23.90
C MET A 210 4.35 -11.83 -24.93
N ILE A 211 4.96 -12.95 -24.53
CA ILE A 211 5.79 -13.73 -25.46
C ILE A 211 4.92 -14.21 -26.64
N VAL A 212 3.74 -14.74 -26.32
CA VAL A 212 2.78 -15.18 -27.32
C VAL A 212 2.40 -14.02 -28.24
N MET A 213 2.12 -12.84 -27.67
CA MET A 213 1.79 -11.68 -28.51
C MET A 213 2.95 -11.33 -29.45
N GLY A 214 4.18 -11.37 -28.93
CA GLY A 214 5.33 -11.03 -29.75
C GLY A 214 5.51 -12.02 -30.89
N ALA A 215 5.24 -13.29 -30.64
CA ALA A 215 5.36 -14.30 -31.70
C ALA A 215 4.31 -14.07 -32.79
N GLN A 216 3.16 -13.51 -32.42
CA GLN A 216 2.10 -13.25 -33.39
C GLN A 216 2.24 -11.97 -34.18
N ALA A 217 2.97 -11.00 -33.62
CA ALA A 217 3.12 -9.70 -34.24
C ALA A 217 3.83 -9.73 -35.60
N ASP A 218 3.60 -8.69 -36.39
CA ASP A 218 4.26 -8.58 -37.69
C ASP A 218 5.76 -8.34 -37.46
N GLY A 219 6.59 -9.20 -38.05
CA GLY A 219 8.03 -9.11 -37.90
C GLY A 219 8.64 -7.77 -38.29
N ASN A 220 8.13 -7.18 -39.37
CA ASN A 220 8.62 -5.90 -39.86
C ASN A 220 8.21 -4.78 -38.89
N ALA A 221 6.96 -4.81 -38.43
CA ALA A 221 6.47 -3.79 -37.49
C ALA A 221 7.33 -3.85 -36.22
N LEU A 222 7.65 -5.04 -35.75
CA LEU A 222 8.49 -5.22 -34.54
C LEU A 222 9.90 -4.65 -34.78
N LYS A 223 10.45 -4.94 -35.95
CA LYS A 223 11.77 -4.46 -36.32
C LYS A 223 11.79 -2.94 -36.37
N ALA A 224 10.78 -2.33 -36.99
CA ALA A 224 10.71 -0.88 -37.04
C ALA A 224 10.56 -0.28 -35.63
N ALA A 225 9.78 -0.94 -34.76
CA ALA A 225 9.60 -0.43 -33.38
C ALA A 225 10.93 -0.44 -32.63
N ALA A 226 11.71 -1.50 -32.81
CA ALA A 226 13.04 -1.59 -32.17
C ALA A 226 13.95 -0.46 -32.69
N GLU A 227 13.94 -0.24 -33.99
CA GLU A 227 14.75 0.80 -34.59
C GLU A 227 14.34 2.18 -34.06
N ALA A 228 13.04 2.40 -33.87
CA ALA A 228 12.57 3.68 -33.36
C ALA A 228 13.08 3.91 -31.93
N HIS A 229 13.17 2.84 -31.13
CA HIS A 229 13.70 2.97 -29.76
C HIS A 229 15.21 3.26 -29.78
N HIS A 230 15.95 2.62 -30.69
CA HIS A 230 17.38 2.88 -30.80
C HIS A 230 17.60 4.37 -31.13
N LYS A 231 16.81 4.93 -32.04
CA LYS A 231 16.96 6.33 -32.36
C LYS A 231 16.63 7.20 -31.15
N ALA A 232 15.56 6.84 -30.43
CA ALA A 232 15.13 7.61 -29.26
C ALA A 232 16.20 7.65 -28.17
N ILE A 233 16.89 6.53 -27.98
CA ILE A 233 17.95 6.49 -26.99
C ILE A 233 19.07 7.49 -27.37
N GLY A 234 19.29 7.70 -28.66
CA GLY A 234 20.32 8.65 -29.07
C GLY A 234 20.04 10.11 -28.70
N SER A 235 18.78 10.52 -28.56
CA SER A 235 18.47 11.90 -28.25
C SER A 235 18.15 12.27 -26.81
N ILE A 236 18.37 11.35 -25.88
CA ILE A 236 18.05 11.65 -24.49
C ILE A 236 18.90 12.77 -23.91
N ASP A 237 18.29 13.52 -23.00
CA ASP A 237 19.00 14.57 -22.30
C ASP A 237 19.67 13.95 -21.06
N ALA A 238 20.14 14.79 -20.15
CA ALA A 238 20.84 14.33 -18.96
C ALA A 238 19.98 13.54 -17.97
N THR A 239 18.67 13.76 -18.02
CA THR A 239 17.75 13.05 -17.12
C THR A 239 17.17 11.77 -17.76
N GLY A 240 17.58 11.46 -18.99
CA GLY A 240 17.14 10.28 -19.70
C GLY A 240 15.90 10.46 -20.58
N VAL A 241 15.42 11.70 -20.73
CA VAL A 241 14.23 11.96 -21.54
C VAL A 241 14.56 12.19 -23.03
N THR A 242 13.97 11.39 -23.91
CA THR A 242 14.17 11.48 -25.35
C THR A 242 13.49 12.76 -25.91
N SER A 243 13.77 13.08 -27.17
CA SER A 243 13.17 14.25 -27.79
C SER A 243 11.69 13.99 -28.10
N ALA A 244 10.91 15.06 -28.22
CA ALA A 244 9.48 14.96 -28.52
C ALA A 244 9.25 14.25 -29.84
N ALA A 245 10.09 14.54 -30.83
CA ALA A 245 9.95 13.91 -32.16
C ALA A 245 10.24 12.40 -32.10
N ASP A 246 11.27 12.01 -31.36
CA ASP A 246 11.59 10.59 -31.26
C ASP A 246 10.49 9.85 -30.45
N TYR A 247 9.92 10.54 -29.48
CA TYR A 247 8.84 10.00 -28.66
C TYR A 247 7.63 9.69 -29.57
N ALA A 248 7.31 10.63 -30.45
CA ALA A 248 6.20 10.46 -31.38
C ALA A 248 6.45 9.27 -32.30
N ALA A 249 7.69 9.11 -32.76
CA ALA A 249 8.01 8.00 -33.66
C ALA A 249 7.86 6.66 -32.91
N VAL A 250 8.26 6.63 -31.64
CA VAL A 250 8.12 5.42 -30.84
C VAL A 250 6.61 5.06 -30.70
N ASN A 251 5.79 6.05 -30.37
CA ASN A 251 4.35 5.79 -30.20
C ASN A 251 3.70 5.29 -31.49
N ALA A 252 4.06 5.86 -32.62
CA ALA A 252 3.48 5.42 -33.89
C ALA A 252 3.88 3.99 -34.18
N ALA A 253 5.16 3.69 -33.97
CA ALA A 253 5.67 2.34 -34.20
C ALA A 253 4.98 1.28 -33.31
N LEU A 254 4.79 1.61 -32.04
CA LEU A 254 4.13 0.69 -31.11
C LEU A 254 2.66 0.52 -31.48
N GLY A 255 2.01 1.59 -31.91
CA GLY A 255 0.62 1.50 -32.32
C GLY A 255 0.49 0.50 -33.49
N ARG A 256 1.42 0.55 -34.46
CA ARG A 256 1.39 -0.39 -35.60
C ARG A 256 1.63 -1.82 -35.14
N VAL A 257 2.51 -2.02 -34.16
CA VAL A 257 2.74 -3.36 -33.63
C VAL A 257 1.41 -3.89 -33.01
N ILE A 258 0.74 -3.07 -32.20
CA ILE A 258 -0.53 -3.47 -31.54
C ILE A 258 -1.59 -3.85 -32.60
N ALA A 259 -1.68 -3.06 -33.65
CA ALA A 259 -2.65 -3.31 -34.71
C ALA A 259 -2.30 -4.51 -35.59
N SER A 260 -1.14 -5.13 -35.35
CA SER A 260 -0.75 -6.29 -36.15
C SER A 260 -1.11 -7.62 -35.53
N VAL A 261 -1.82 -7.59 -34.41
CA VAL A 261 -2.28 -8.82 -33.75
C VAL A 261 -3.75 -8.58 -33.44
N PRO A 262 -4.55 -9.63 -33.35
CA PRO A 262 -5.98 -9.42 -33.06
C PRO A 262 -6.23 -8.88 -31.64
N LYS A 263 -7.39 -8.27 -31.45
CA LYS A 263 -7.75 -7.70 -30.16
C LYS A 263 -7.63 -8.69 -28.99
N SER A 264 -8.08 -9.92 -29.19
CA SER A 264 -8.05 -10.92 -28.13
C SER A 264 -6.64 -11.19 -27.59
N THR A 265 -5.64 -11.16 -28.48
CA THR A 265 -4.25 -11.37 -28.08
C THR A 265 -3.74 -10.22 -27.15
N VAL A 266 -4.15 -8.99 -27.45
CA VAL A 266 -3.76 -7.84 -26.64
C VAL A 266 -4.51 -7.85 -25.32
N MET A 267 -5.80 -8.21 -25.37
CA MET A 267 -6.60 -8.30 -24.13
C MET A 267 -6.09 -9.40 -23.19
N ASP A 268 -5.57 -10.50 -23.75
CA ASP A 268 -5.00 -11.56 -22.89
C ASP A 268 -3.81 -11.00 -22.07
N VAL A 269 -3.00 -10.17 -22.71
CA VAL A 269 -1.87 -9.55 -22.00
C VAL A 269 -2.42 -8.65 -20.89
N TYR A 270 -3.36 -7.78 -21.23
CA TYR A 270 -3.92 -6.85 -20.24
C TYR A 270 -4.56 -7.58 -19.05
N ASN A 271 -5.35 -8.62 -19.34
CA ASN A 271 -6.02 -9.36 -18.25
C ASN A 271 -5.03 -10.07 -17.35
N ALA A 272 -3.99 -10.64 -17.94
CA ALA A 272 -2.96 -11.32 -17.15
C ALA A 272 -2.20 -10.32 -16.27
N MET A 273 -1.86 -9.15 -16.83
CA MET A 273 -1.16 -8.12 -16.04
C MET A 273 -2.06 -7.56 -14.95
N ALA A 274 -3.34 -7.37 -15.26
CA ALA A 274 -4.26 -6.86 -14.24
C ALA A 274 -4.30 -7.82 -13.04
N GLY A 275 -4.14 -9.11 -13.29
CA GLY A 275 -4.15 -10.08 -12.20
C GLY A 275 -2.90 -10.03 -11.30
N VAL A 276 -1.79 -9.49 -11.79
CA VAL A 276 -0.60 -9.44 -10.95
C VAL A 276 -0.17 -8.02 -10.51
N THR A 277 -0.92 -7.00 -10.91
CA THR A 277 -0.52 -5.63 -10.58
C THR A 277 -1.31 -5.06 -9.42
N ASP A 278 -0.67 -4.93 -8.27
CA ASP A 278 -1.33 -4.38 -7.07
C ASP A 278 -1.86 -2.97 -7.40
N THR A 279 -3.08 -2.65 -6.94
CA THR A 279 -3.66 -1.34 -7.23
C THR A 279 -2.86 -0.17 -6.66
N SER A 280 -1.98 -0.40 -5.68
CA SER A 280 -1.17 0.70 -5.17
C SER A 280 -0.01 1.11 -6.10
N ILE A 281 0.35 0.25 -7.04
CA ILE A 281 1.45 0.56 -7.97
C ILE A 281 1.14 1.75 -8.89
N PRO A 282 -0.01 1.73 -9.60
CA PRO A 282 -0.35 2.88 -10.47
C PRO A 282 -0.47 4.13 -9.59
N LEU A 283 -1.03 4.00 -8.38
CA LEU A 283 -1.16 5.15 -7.48
C LEU A 283 0.21 5.70 -7.07
N ASN A 284 1.14 4.82 -6.71
CA ASN A 284 2.49 5.25 -6.33
C ASN A 284 3.14 6.02 -7.51
N MET A 285 2.96 5.54 -8.74
CA MET A 285 3.55 6.20 -9.92
C MET A 285 2.89 7.56 -10.16
N PHE A 286 1.57 7.59 -10.01
CA PHE A 286 0.79 8.82 -10.19
C PHE A 286 1.19 9.89 -9.17
N SER A 287 1.45 9.48 -7.93
CA SER A 287 1.78 10.42 -6.89
C SER A 287 3.11 11.13 -7.08
N LYS A 288 3.96 10.61 -7.96
CA LYS A 288 5.29 11.21 -8.18
C LYS A 288 5.35 12.22 -9.32
N VAL A 289 4.26 12.39 -10.05
CA VAL A 289 4.23 13.32 -11.18
C VAL A 289 3.14 14.35 -10.96
N ASN A 290 2.97 15.26 -11.93
CA ASN A 290 1.93 16.28 -11.85
C ASN A 290 0.62 15.55 -12.17
N PRO A 291 -0.38 15.64 -11.28
CA PRO A 291 -1.67 14.96 -11.48
C PRO A 291 -2.48 15.44 -12.67
N LEU A 292 -2.30 16.72 -13.06
CA LEU A 292 -3.03 17.26 -14.21
C LEU A 292 -2.45 16.70 -15.48
N ASP A 293 -1.13 16.60 -15.53
CA ASP A 293 -0.44 16.11 -16.72
C ASP A 293 -0.67 14.61 -16.88
N ALA A 294 -0.70 13.87 -15.78
CA ALA A 294 -0.98 12.42 -15.85
C ALA A 294 -2.38 12.19 -16.44
N ASN A 295 -3.38 12.95 -15.98
CA ASN A 295 -4.75 12.81 -16.49
C ASN A 295 -4.85 13.23 -17.96
N ALA A 296 -4.07 14.25 -18.36
CA ALA A 296 -4.07 14.71 -19.75
C ALA A 296 -3.48 13.58 -20.63
N ALA A 297 -2.40 12.95 -20.17
CA ALA A 297 -1.77 11.88 -20.92
C ALA A 297 -2.74 10.69 -21.05
N ALA A 298 -3.39 10.34 -19.95
CA ALA A 298 -4.35 9.22 -19.94
C ALA A 298 -5.54 9.47 -20.90
N LYS A 299 -6.11 10.67 -20.84
CA LYS A 299 -7.23 11.00 -21.72
C LYS A 299 -6.78 10.89 -23.20
N ALA A 300 -5.58 11.39 -23.50
CA ALA A 300 -5.04 11.33 -24.85
C ALA A 300 -4.87 9.87 -25.26
N PHE A 301 -4.39 9.03 -24.34
CA PHE A 301 -4.20 7.61 -24.63
C PHE A 301 -5.53 6.92 -24.97
N TYR A 302 -6.57 7.14 -24.18
CA TYR A 302 -7.86 6.49 -24.46
C TYR A 302 -8.47 6.97 -25.80
N THR A 303 -8.05 8.15 -26.26
CA THR A 303 -8.51 8.66 -27.56
C THR A 303 -7.68 7.99 -28.69
N PHE A 304 -6.36 7.89 -28.48
CA PHE A 304 -5.45 7.26 -29.44
C PHE A 304 -5.79 5.78 -29.69
N LYS A 305 -6.14 5.07 -28.61
CA LYS A 305 -6.45 3.65 -28.76
C LYS A 305 -7.64 3.36 -29.68
N ASP A 306 -8.53 4.32 -29.86
CA ASP A 306 -9.67 4.13 -30.76
C ASP A 306 -9.19 4.04 -32.21
N VAL A 307 -8.14 4.77 -32.55
CA VAL A 307 -7.58 4.74 -33.92
C VAL A 307 -6.86 3.40 -34.13
N VAL A 308 -6.11 2.95 -33.11
CA VAL A 308 -5.42 1.67 -33.19
C VAL A 308 -6.45 0.54 -33.28
N GLN A 309 -7.51 0.64 -32.48
CA GLN A 309 -8.57 -0.38 -32.49
C GLN A 309 -9.21 -0.53 -33.90
N ALA A 310 -9.48 0.59 -34.57
CA ALA A 310 -10.09 0.58 -35.90
C ALA A 310 -9.12 -0.05 -36.91
N ALA A 311 -7.83 0.25 -36.81
CA ALA A 311 -6.85 -0.34 -37.75
C ALA A 311 -6.66 -1.84 -37.52
N GLN A 312 -6.76 -2.25 -36.26
CA GLN A 312 -6.63 -3.64 -35.87
C GLN A 312 -7.80 -4.55 -36.31
N ASP B 1 -2.86 -24.42 45.84
CA ASP B 1 -1.70 -23.96 46.66
C ASP B 1 -1.96 -22.55 47.16
N GLU B 2 -1.00 -21.98 47.89
CA GLU B 2 -1.14 -20.64 48.44
C GLU B 2 -1.41 -19.56 47.40
N ILE B 3 -0.55 -19.49 46.38
CA ILE B 3 -0.70 -18.49 45.32
C ILE B 3 -2.06 -18.65 44.61
N GLY B 4 -2.48 -19.90 44.40
CA GLY B 4 -3.75 -20.17 43.77
C GLY B 4 -4.92 -19.62 44.59
N ASP B 5 -4.83 -19.80 45.90
CA ASP B 5 -5.87 -19.33 46.81
C ASP B 5 -5.87 -17.79 46.86
N ALA B 6 -4.68 -17.20 46.90
CA ALA B 6 -4.54 -15.75 46.94
C ALA B 6 -5.02 -15.10 45.63
N ALA B 7 -4.85 -15.80 44.50
CA ALA B 7 -5.29 -15.29 43.19
C ALA B 7 -6.82 -15.10 43.19
N LYS B 8 -7.52 -16.03 43.82
CA LYS B 8 -8.98 -15.97 43.90
C LYS B 8 -9.41 -14.69 44.64
N LYS B 9 -8.67 -14.30 45.67
CA LYS B 9 -8.99 -13.08 46.42
C LYS B 9 -8.64 -11.87 45.59
N LEU B 10 -7.54 -11.96 44.84
CA LEU B 10 -7.10 -10.86 43.97
C LEU B 10 -8.23 -10.63 42.94
N GLY B 11 -8.85 -11.71 42.48
CA GLY B 11 -9.91 -11.62 41.51
C GLY B 11 -11.12 -10.90 42.03
N ASP B 12 -11.50 -11.19 43.27
CA ASP B 12 -12.65 -10.52 43.87
C ASP B 12 -12.40 -9.02 43.92
N ALA B 13 -11.15 -8.62 44.17
CA ALA B 13 -10.82 -7.21 44.24
C ALA B 13 -10.54 -6.51 42.89
N SER B 14 -10.19 -7.28 41.86
CA SER B 14 -9.81 -6.67 40.58
C SER B 14 -10.63 -6.93 39.33
N TYR B 15 -11.54 -7.90 39.33
CA TYR B 15 -12.29 -8.20 38.12
C TYR B 15 -13.20 -7.05 37.62
N ALA B 16 -13.70 -6.22 38.53
CA ALA B 16 -14.55 -5.10 38.15
C ALA B 16 -13.72 -4.15 37.27
N PHE B 17 -12.50 -3.87 37.72
CA PHE B 17 -11.58 -3.01 36.98
C PHE B 17 -11.24 -3.65 35.60
N ALA B 18 -10.97 -4.96 35.60
CA ALA B 18 -10.65 -5.67 34.36
C ALA B 18 -11.76 -5.51 33.31
N LYS B 19 -13.01 -5.58 33.75
CA LYS B 19 -14.16 -5.44 32.85
C LYS B 19 -14.28 -4.04 32.26
N GLU B 20 -13.73 -3.06 32.95
CA GLU B 20 -13.82 -1.68 32.49
C GLU B 20 -12.74 -1.26 31.51
N VAL B 21 -11.60 -1.95 31.52
CA VAL B 21 -10.48 -1.60 30.64
C VAL B 21 -10.89 -1.92 29.21
N ASP B 22 -10.57 -1.02 28.29
CA ASP B 22 -10.86 -1.23 26.87
C ASP B 22 -9.58 -1.91 26.33
N TRP B 23 -9.58 -3.24 26.36
CA TRP B 23 -8.43 -4.05 25.93
C TRP B 23 -8.17 -4.00 24.43
N ASN B 24 -9.18 -3.57 23.67
CA ASN B 24 -9.08 -3.45 22.22
C ASN B 24 -8.46 -2.12 21.76
N ASN B 25 -8.06 -1.27 22.69
CA ASN B 25 -7.45 0.03 22.37
C ASN B 25 -6.11 -0.17 21.68
N GLY B 26 -5.89 0.47 20.54
CA GLY B 26 -4.63 0.30 19.84
C GLY B 26 -3.47 1.02 20.51
N ILE B 27 -3.76 1.83 21.54
CA ILE B 27 -2.67 2.56 22.20
C ILE B 27 -1.65 1.63 22.85
N PHE B 28 -2.07 0.42 23.20
CA PHE B 28 -1.16 -0.54 23.83
C PHE B 28 -0.04 -1.05 22.90
N LEU B 29 -0.18 -0.81 21.60
CA LEU B 29 0.87 -1.20 20.64
C LEU B 29 2.01 -0.14 20.69
N GLN B 30 1.71 1.06 21.17
CA GLN B 30 2.69 2.14 21.23
C GLN B 30 3.52 2.17 22.51
N ALA B 31 4.65 2.88 22.45
CA ALA B 31 5.53 3.02 23.63
C ALA B 31 4.75 3.86 24.65
N PRO B 32 5.01 3.66 25.95
CA PRO B 32 4.31 4.43 26.99
C PRO B 32 4.91 5.83 27.15
N GLY B 33 4.95 6.57 26.05
CA GLY B 33 5.51 7.91 26.04
C GLY B 33 6.35 7.98 24.79
N LYS B 34 7.32 8.89 24.75
CA LYS B 34 8.21 9.03 23.60
C LYS B 34 9.04 7.72 23.44
N LEU B 35 9.15 7.25 22.19
CA LEU B 35 9.90 6.04 21.90
C LEU B 35 11.40 6.31 22.08
N GLN B 36 12.07 5.46 22.86
CA GLN B 36 13.51 5.58 23.12
C GLN B 36 13.99 4.16 22.95
N PRO B 37 14.25 3.74 21.69
CA PRO B 37 14.69 2.38 21.36
C PRO B 37 15.81 1.78 22.22
N LEU B 38 16.92 2.49 22.35
CA LEU B 38 18.04 1.94 23.13
C LEU B 38 17.77 1.84 24.63
N GLU B 39 16.98 2.76 25.18
CA GLU B 39 16.61 2.71 26.59
C GLU B 39 15.61 1.57 26.81
N ALA B 40 14.68 1.42 25.86
CA ALA B 40 13.69 0.35 25.94
C ALA B 40 14.40 -0.99 25.81
N LEU B 41 15.45 -1.05 24.98
CA LEU B 41 16.16 -2.32 24.82
C LEU B 41 16.78 -2.80 26.17
N LYS B 42 17.15 -1.86 27.04
CA LYS B 42 17.71 -2.20 28.36
C LYS B 42 16.65 -2.87 29.20
N ALA B 43 15.41 -2.37 29.10
CA ALA B 43 14.30 -2.95 29.84
C ALA B 43 13.98 -4.36 29.31
N ILE B 44 13.96 -4.51 27.98
CA ILE B 44 13.69 -5.83 27.38
C ILE B 44 14.78 -6.80 27.88
N ASP B 45 16.02 -6.33 27.91
CA ASP B 45 17.13 -7.14 28.38
C ASP B 45 16.87 -7.66 29.80
N LYS B 46 16.39 -6.80 30.70
CA LYS B 46 16.11 -7.24 32.07
C LYS B 46 15.01 -8.31 32.04
N MET B 47 14.02 -8.12 31.17
CA MET B 47 12.95 -9.11 31.08
C MET B 47 13.49 -10.45 30.55
N ILE B 48 14.41 -10.38 29.59
CA ILE B 48 15.01 -11.58 29.00
C ILE B 48 15.78 -12.37 30.08
N VAL B 49 16.57 -11.64 30.86
CA VAL B 49 17.35 -12.22 31.95
C VAL B 49 16.38 -12.94 32.91
N MET B 50 15.30 -12.26 33.26
CA MET B 50 14.30 -12.83 34.15
C MET B 50 13.63 -14.06 33.56
N GLY B 51 13.30 -13.98 32.26
CA GLY B 51 12.65 -15.10 31.61
C GLY B 51 13.54 -16.33 31.58
N ALA B 52 14.84 -16.12 31.32
CA ALA B 52 15.81 -17.22 31.27
C ALA B 52 15.98 -17.87 32.66
N ALA B 53 15.79 -17.08 33.72
CA ALA B 53 15.93 -17.60 35.09
C ALA B 53 14.67 -18.29 35.61
N ALA B 54 13.52 -17.98 35.05
CA ALA B 54 12.27 -18.57 35.52
C ALA B 54 12.18 -20.08 35.25
N ASP B 55 11.34 -20.76 36.02
CA ASP B 55 11.14 -22.20 35.89
C ASP B 55 10.44 -22.46 34.56
N PRO B 56 11.07 -23.23 33.64
CA PRO B 56 10.47 -23.53 32.34
C PRO B 56 9.05 -24.13 32.42
N LYS B 57 8.80 -25.02 33.38
CA LYS B 57 7.48 -25.64 33.50
C LYS B 57 6.43 -24.62 33.92
N LEU B 58 6.82 -23.66 34.74
CA LEU B 58 5.88 -22.63 35.18
C LEU B 58 5.60 -21.63 34.03
N LEU B 59 6.62 -21.34 33.22
CA LEU B 59 6.44 -20.46 32.06
C LEU B 59 5.46 -21.12 31.11
N LYS B 60 5.65 -22.42 30.87
CA LYS B 60 4.79 -23.21 30.01
C LYS B 60 3.35 -23.18 30.52
N ALA B 61 3.17 -23.34 31.83
CA ALA B 61 1.83 -23.33 32.43
C ALA B 61 1.16 -21.94 32.27
N ALA B 62 1.93 -20.88 32.43
CA ALA B 62 1.41 -19.53 32.27
C ALA B 62 0.98 -19.26 30.80
N ALA B 63 1.75 -19.79 29.84
CA ALA B 63 1.39 -19.64 28.42
C ALA B 63 0.06 -20.35 28.17
N GLU B 64 -0.08 -21.59 28.67
CA GLU B 64 -1.31 -22.35 28.49
C GLU B 64 -2.51 -21.60 29.09
N ALA B 65 -2.30 -20.96 30.24
CA ALA B 65 -3.38 -20.21 30.91
C ALA B 65 -3.86 -19.05 30.04
N HIS B 66 -2.94 -18.39 29.33
CA HIS B 66 -3.33 -17.28 28.44
C HIS B 66 -4.05 -17.82 27.22
N HIS B 67 -3.62 -18.96 26.69
CA HIS B 67 -4.29 -19.57 25.55
C HIS B 67 -5.75 -19.86 25.92
N LYS B 68 -5.95 -20.40 27.12
CA LYS B 68 -7.29 -20.71 27.62
C LYS B 68 -8.11 -19.43 27.77
N ALA B 69 -7.50 -18.42 28.35
CA ALA B 69 -8.17 -17.12 28.56
C ALA B 69 -8.65 -16.45 27.25
N ILE B 70 -7.85 -16.56 26.20
CA ILE B 70 -8.19 -15.97 24.89
C ILE B 70 -9.49 -16.60 24.41
N GLY B 71 -9.70 -17.88 24.75
CA GLY B 71 -10.90 -18.55 24.33
C GLY B 71 -12.19 -18.06 24.97
N SER B 72 -12.12 -17.37 26.10
CA SER B 72 -13.34 -16.91 26.76
C SER B 72 -13.62 -15.41 26.66
N ILE B 73 -12.87 -14.71 25.82
CA ILE B 73 -13.07 -13.27 25.64
C ILE B 73 -14.49 -12.97 25.21
N SER B 74 -15.09 -11.91 25.75
CA SER B 74 -16.44 -11.53 25.33
C SER B 74 -16.72 -10.06 25.63
N GLY B 75 -17.74 -9.53 24.99
CA GLY B 75 -18.09 -8.14 25.22
C GLY B 75 -17.32 -7.21 24.31
N PRO B 76 -17.69 -5.93 24.28
CA PRO B 76 -17.01 -4.95 23.44
C PRO B 76 -15.61 -4.54 23.91
N ASN B 77 -15.29 -4.81 25.17
CA ASN B 77 -13.98 -4.46 25.73
C ASN B 77 -12.95 -5.57 25.64
N GLY B 78 -13.36 -6.74 25.17
CA GLY B 78 -12.47 -7.87 25.04
C GLY B 78 -11.96 -8.48 26.35
N VAL B 79 -12.81 -8.56 27.38
CA VAL B 79 -12.38 -9.11 28.67
C VAL B 79 -12.63 -10.62 28.79
N THR B 80 -11.65 -11.33 29.35
CA THR B 80 -11.73 -12.78 29.55
C THR B 80 -12.64 -13.07 30.75
N SER B 81 -13.06 -14.34 30.91
CA SER B 81 -13.94 -14.72 32.01
C SER B 81 -13.26 -14.55 33.36
N ARG B 82 -14.07 -14.45 34.41
CA ARG B 82 -13.55 -14.31 35.77
C ARG B 82 -12.62 -15.48 36.16
N ALA B 83 -13.02 -16.70 35.80
CA ALA B 83 -12.24 -17.91 36.08
C ALA B 83 -10.86 -17.87 35.40
N ASP B 84 -10.84 -17.41 34.15
CA ASP B 84 -9.58 -17.31 33.39
C ASP B 84 -8.68 -16.18 33.90
N TRP B 85 -9.29 -15.08 34.35
CA TRP B 85 -8.56 -13.95 34.90
C TRP B 85 -7.77 -14.47 36.14
N ASP B 86 -8.45 -15.25 37.00
CA ASP B 86 -7.80 -15.82 38.20
C ASP B 86 -6.73 -16.83 37.81
N ASN B 87 -7.04 -17.68 36.82
CA ASN B 87 -6.10 -18.70 36.37
C ASN B 87 -4.80 -18.03 35.87
N VAL B 88 -4.94 -16.92 35.16
CA VAL B 88 -3.78 -16.20 34.63
C VAL B 88 -2.95 -15.58 35.75
N ASN B 89 -3.61 -14.86 36.66
CA ASN B 89 -2.91 -14.24 37.76
C ASN B 89 -2.15 -15.24 38.64
N ALA B 90 -2.76 -16.40 38.88
CA ALA B 90 -2.13 -17.46 39.69
C ALA B 90 -0.88 -17.97 38.98
N ALA B 91 -1.03 -18.31 37.70
CA ALA B 91 0.10 -18.82 36.91
C ALA B 91 1.24 -17.82 36.86
N LEU B 92 0.92 -16.54 36.72
CA LEU B 92 1.97 -15.51 36.69
C LEU B 92 2.60 -15.35 38.07
N GLY B 93 1.78 -15.42 39.12
CA GLY B 93 2.30 -15.33 40.48
C GLY B 93 3.35 -16.40 40.71
N ARG B 94 3.08 -17.62 40.27
CA ARG B 94 4.03 -18.71 40.40
C ARG B 94 5.33 -18.47 39.62
N VAL B 95 5.22 -17.85 38.45
CA VAL B 95 6.41 -17.54 37.65
C VAL B 95 7.27 -16.53 38.39
N ILE B 96 6.63 -15.50 38.92
CA ILE B 96 7.33 -14.43 39.64
C ILE B 96 8.09 -15.01 40.84
N ALA B 97 7.46 -15.95 41.55
CA ALA B 97 8.09 -16.59 42.71
C ALA B 97 9.27 -17.50 42.35
N SER B 98 9.37 -17.92 41.10
CA SER B 98 10.47 -18.81 40.69
C SER B 98 11.73 -18.04 40.34
N VAL B 99 11.68 -16.74 40.51
CA VAL B 99 12.80 -15.88 40.20
C VAL B 99 13.12 -15.00 41.42
N PRO B 100 14.41 -14.73 41.69
CA PRO B 100 14.76 -13.89 42.84
C PRO B 100 14.26 -12.45 42.72
N GLU B 101 13.95 -11.85 43.85
CA GLU B 101 13.42 -10.50 43.92
C GLU B 101 14.16 -9.45 43.14
N ASN B 102 15.49 -9.43 43.21
CA ASN B 102 16.27 -8.42 42.49
C ASN B 102 16.02 -8.42 40.97
N MET B 103 15.72 -9.59 40.40
CA MET B 103 15.47 -9.69 38.97
C MET B 103 14.15 -9.02 38.62
N VAL B 104 13.14 -9.23 39.48
CA VAL B 104 11.82 -8.64 39.27
C VAL B 104 11.89 -7.12 39.41
N MET B 105 12.61 -6.64 40.41
CA MET B 105 12.74 -5.20 40.64
C MET B 105 13.51 -4.52 39.53
N ASP B 106 14.47 -5.23 38.94
CA ASP B 106 15.27 -4.69 37.84
C ASP B 106 14.33 -4.34 36.66
N VAL B 107 13.36 -5.22 36.40
CA VAL B 107 12.41 -5.00 35.30
C VAL B 107 11.61 -3.73 35.60
N TYR B 108 11.05 -3.68 36.80
CA TYR B 108 10.27 -2.52 37.24
C TYR B 108 11.04 -1.22 37.09
N ASP B 109 12.29 -1.21 37.54
CA ASP B 109 13.13 -0.02 37.47
C ASP B 109 13.41 0.42 36.04
N SER B 110 13.77 -0.53 35.18
CA SER B 110 14.10 -0.17 33.81
C SER B 110 12.85 0.27 32.98
N VAL B 111 11.70 -0.33 33.26
CA VAL B 111 10.46 0.06 32.57
C VAL B 111 10.03 1.46 33.06
N SER B 112 10.21 1.74 34.33
CA SER B 112 9.87 3.07 34.87
C SER B 112 10.62 4.17 34.14
N LYS B 113 11.87 3.90 33.79
CA LYS B 113 12.70 4.89 33.11
C LYS B 113 12.14 5.34 31.76
N ILE B 114 11.47 4.45 31.06
CA ILE B 114 10.91 4.79 29.75
C ILE B 114 9.42 5.15 29.76
N THR B 115 8.76 5.01 30.91
CA THR B 115 7.34 5.32 30.98
C THR B 115 7.09 6.78 31.39
N ASP B 116 6.27 7.47 30.62
CA ASP B 116 5.94 8.87 30.92
C ASP B 116 5.16 8.91 32.24
N PRO B 117 5.52 9.85 33.13
CA PRO B 117 4.84 9.98 34.43
C PRO B 117 3.30 10.07 34.37
N LYS B 118 2.78 10.60 33.27
CA LYS B 118 1.35 10.78 33.08
C LYS B 118 0.60 9.55 32.60
N VAL B 119 1.31 8.49 32.24
CA VAL B 119 0.64 7.27 31.76
C VAL B 119 -0.35 6.65 32.73
N PRO B 120 0.06 6.44 34.00
CA PRO B 120 -0.91 5.83 34.93
C PRO B 120 -2.20 6.65 35.09
N ALA B 121 -2.06 7.97 35.13
CA ALA B 121 -3.24 8.82 35.31
C ALA B 121 -4.16 8.74 34.09
N TYR B 122 -3.60 8.77 32.89
CA TYR B 122 -4.41 8.66 31.68
C TYR B 122 -5.15 7.32 31.68
N MET B 123 -4.45 6.24 32.00
CA MET B 123 -5.08 4.94 32.04
C MET B 123 -6.22 4.88 33.06
N LYS B 124 -5.98 5.46 34.24
CA LYS B 124 -7.01 5.47 35.27
C LYS B 124 -8.21 6.33 34.86
N SER B 125 -7.97 7.39 34.08
CA SER B 125 -9.05 8.27 33.65
C SER B 125 -10.09 7.58 32.77
N LEU B 126 -9.72 6.45 32.17
CA LEU B 126 -10.62 5.74 31.26
C LEU B 126 -11.49 4.71 31.96
N VAL B 127 -11.24 4.47 33.24
CA VAL B 127 -12.02 3.48 33.99
C VAL B 127 -12.64 4.12 35.24
N ASN B 128 -13.30 3.33 36.08
CA ASN B 128 -13.87 3.82 37.33
C ASN B 128 -12.71 3.87 38.32
N GLY B 129 -12.30 5.09 38.70
CA GLY B 129 -11.19 5.28 39.64
C GLY B 129 -11.22 4.44 40.90
N ALA B 130 -12.39 4.30 41.53
CA ALA B 130 -12.51 3.54 42.75
C ALA B 130 -12.20 2.07 42.49
N ASP B 131 -12.65 1.56 41.33
CA ASP B 131 -12.40 0.18 41.00
C ASP B 131 -10.93 -0.11 40.76
N ALA B 132 -10.23 0.87 40.20
CA ALA B 132 -8.79 0.76 39.92
C ALA B 132 -8.05 0.71 41.25
N GLU B 133 -8.40 1.63 42.15
CA GLU B 133 -7.80 1.68 43.48
C GLU B 133 -8.02 0.36 44.23
N LYS B 134 -9.23 -0.17 44.16
CA LYS B 134 -9.60 -1.43 44.79
C LYS B 134 -8.74 -2.55 44.20
N ALA B 135 -8.54 -2.52 42.89
CA ALA B 135 -7.73 -3.53 42.21
C ALA B 135 -6.26 -3.44 42.64
N TYR B 136 -5.74 -2.22 42.79
CA TYR B 136 -4.37 -2.03 43.20
C TYR B 136 -4.13 -2.56 44.63
N GLU B 137 -5.09 -2.33 45.52
CA GLU B 137 -4.98 -2.81 46.88
C GLU B 137 -4.98 -4.34 46.86
N GLY B 138 -5.81 -4.92 45.99
CA GLY B 138 -5.84 -6.35 45.84
C GLY B 138 -4.46 -6.84 45.42
N PHE B 139 -3.82 -6.10 44.51
CA PHE B 139 -2.49 -6.43 44.00
C PHE B 139 -1.43 -6.41 45.13
N LEU B 140 -1.48 -5.36 45.96
CA LEU B 140 -0.53 -5.26 47.07
C LEU B 140 -0.63 -6.44 48.04
N ALA B 141 -1.85 -6.93 48.28
CA ALA B 141 -2.05 -8.07 49.15
C ALA B 141 -1.51 -9.34 48.49
N PHE B 142 -1.84 -9.51 47.20
CA PHE B 142 -1.41 -10.67 46.42
C PHE B 142 0.11 -10.81 46.37
N LYS B 143 0.81 -9.71 46.11
CA LYS B 143 2.26 -9.77 46.02
C LYS B 143 2.97 -10.22 47.31
N ASP B 144 2.30 -10.08 48.46
CA ASP B 144 2.88 -10.52 49.73
C ASP B 144 2.90 -12.04 49.75
N VAL B 145 1.83 -12.66 49.27
CA VAL B 145 1.77 -14.11 49.23
C VAL B 145 2.85 -14.66 48.28
N VAL B 146 3.01 -14.01 47.12
CA VAL B 146 4.02 -14.40 46.13
C VAL B 146 5.40 -14.29 46.76
N LYS B 147 5.65 -13.16 47.42
CA LYS B 147 6.94 -12.92 48.08
C LYS B 147 7.32 -14.02 49.07
N LYS B 148 6.35 -14.53 49.84
CA LYS B 148 6.63 -15.57 50.84
C LYS B 148 7.15 -16.86 50.22
N SER B 149 6.75 -17.11 48.97
CA SER B 149 7.14 -18.34 48.28
C SER B 149 8.31 -18.15 47.32
N GLN B 150 8.78 -16.91 47.21
CA GLN B 150 9.86 -16.58 46.27
C GLN B 150 11.24 -17.14 46.62
N VAL B 151 11.93 -17.68 45.61
CA VAL B 151 13.26 -18.25 45.78
C VAL B 151 14.27 -17.13 46.10
N THR B 152 15.44 -17.53 46.58
CA THR B 152 16.47 -16.56 46.94
C THR B 152 17.65 -16.53 45.98
N SER B 153 17.74 -17.53 45.11
CA SER B 153 18.82 -17.59 44.14
C SER B 153 18.28 -18.02 42.77
N ALA B 154 18.93 -17.53 41.71
CA ALA B 154 18.54 -17.84 40.34
C ALA B 154 19.07 -19.20 39.90
N ALA B 155 18.29 -19.88 39.06
CA ALA B 155 18.71 -21.18 38.55
C ALA B 155 19.89 -20.97 37.59
N GLY B 156 20.63 -22.03 37.31
CA GLY B 156 21.78 -21.92 36.42
C GLY B 156 21.43 -21.91 34.93
N PRO B 157 22.36 -21.46 34.07
CA PRO B 157 22.17 -21.39 32.62
C PRO B 157 21.83 -22.73 31.96
N ALA B 158 21.22 -22.66 30.78
CA ALA B 158 20.82 -23.84 30.03
C ALA B 158 22.01 -24.54 29.41
N THR B 159 21.80 -25.79 29.00
CA THR B 159 22.83 -26.59 28.35
C THR B 159 22.69 -26.34 26.83
N VAL B 160 23.79 -25.96 26.19
CA VAL B 160 23.79 -25.67 24.76
C VAL B 160 24.60 -26.72 23.97
N PRO B 161 23.98 -27.35 22.96
CA PRO B 161 24.74 -28.35 22.18
C PRO B 161 25.85 -27.65 21.40
N SER B 162 26.75 -28.42 20.83
CA SER B 162 27.84 -27.82 20.08
C SER B 162 28.10 -28.69 18.87
N GLY B 163 28.33 -28.03 17.75
CA GLY B 163 28.63 -28.74 16.52
C GLY B 163 27.51 -29.63 16.01
N ASP B 164 26.27 -29.38 16.45
CA ASP B 164 25.15 -30.18 15.95
C ASP B 164 24.85 -29.66 14.52
N LYS B 165 24.04 -30.38 13.77
CA LYS B 165 23.75 -29.98 12.40
C LYS B 165 23.15 -28.57 12.30
N ILE B 166 22.25 -28.23 13.22
CA ILE B 166 21.63 -26.91 13.21
C ILE B 166 22.66 -25.80 13.47
N GLY B 167 23.58 -26.04 14.40
CA GLY B 167 24.60 -25.05 14.71
C GLY B 167 25.50 -24.73 13.52
N VAL B 168 25.87 -25.76 12.78
CA VAL B 168 26.72 -25.61 11.61
C VAL B 168 25.97 -24.85 10.48
N ALA B 169 24.71 -25.22 10.27
CA ALA B 169 23.90 -24.57 9.25
C ALA B 169 23.66 -23.10 9.59
N ALA B 170 23.52 -22.81 10.89
CA ALA B 170 23.28 -21.45 11.37
C ALA B 170 24.47 -20.56 11.06
N GLN B 171 25.65 -21.15 11.05
CA GLN B 171 26.87 -20.41 10.77
C GLN B 171 26.81 -19.90 9.32
N GLN B 172 26.40 -20.78 8.40
CA GLN B 172 26.29 -20.41 6.99
C GLN B 172 25.18 -19.36 6.80
N LEU B 173 24.04 -19.58 7.43
CA LEU B 173 22.92 -18.64 7.32
C LEU B 173 23.37 -17.25 7.81
N SER B 174 24.05 -17.21 8.95
CA SER B 174 24.51 -15.95 9.51
C SER B 174 25.51 -15.17 8.67
N GLU B 175 26.47 -15.86 8.08
CA GLU B 175 27.46 -15.21 7.22
C GLU B 175 26.76 -14.62 5.99
N ALA B 176 25.84 -15.39 5.42
CA ALA B 176 25.12 -14.97 4.23
C ALA B 176 24.16 -13.82 4.46
N SER B 177 23.60 -13.70 5.67
CA SER B 177 22.62 -12.67 5.96
C SER B 177 23.03 -11.48 6.81
N TYR B 178 24.24 -11.49 7.36
CA TYR B 178 24.70 -10.38 8.20
C TYR B 178 24.69 -9.02 7.49
N PRO B 179 25.08 -8.95 6.20
CA PRO B 179 25.07 -7.63 5.50
C PRO B 179 23.64 -7.05 5.49
N PHE B 180 22.63 -7.92 5.29
CA PHE B 180 21.22 -7.51 5.31
C PHE B 180 20.86 -7.04 6.73
N LEU B 181 21.28 -7.81 7.75
CA LEU B 181 20.98 -7.46 9.14
C LEU B 181 21.52 -6.08 9.52
N LYS B 182 22.70 -5.74 9.01
CA LYS B 182 23.31 -4.44 9.29
C LYS B 182 22.60 -3.27 8.62
N GLU B 183 21.90 -3.54 7.53
CA GLU B 183 21.19 -2.50 6.79
C GLU B 183 19.83 -2.08 7.37
N ILE B 184 19.21 -2.98 8.13
CA ILE B 184 17.90 -2.71 8.73
C ILE B 184 18.00 -1.56 9.75
N ASP B 185 17.04 -0.64 9.73
CA ASP B 185 17.04 0.46 10.70
C ASP B 185 16.39 -0.06 11.99
N TRP B 186 17.21 -0.54 12.92
CA TRP B 186 16.72 -1.07 14.18
C TRP B 186 16.12 -0.06 15.13
N LEU B 187 16.37 1.21 14.90
CA LEU B 187 15.86 2.26 15.78
C LEU B 187 14.62 2.98 15.25
N SER B 188 14.02 2.45 14.19
CA SER B 188 12.85 3.06 13.58
C SER B 188 11.56 2.82 14.39
N ASP B 189 10.57 3.69 14.22
CA ASP B 189 9.30 3.51 14.91
C ASP B 189 8.30 2.74 14.00
N VAL B 190 8.73 2.38 12.79
CA VAL B 190 7.84 1.71 11.84
C VAL B 190 7.28 0.38 12.37
N TYR B 191 8.00 -0.26 13.27
CA TYR B 191 7.59 -1.56 13.80
C TYR B 191 6.35 -1.48 14.66
N MET B 192 6.00 -0.26 15.11
CA MET B 192 4.81 -0.07 15.91
C MET B 192 3.64 0.51 15.12
N LYS B 193 3.71 0.53 13.79
CA LYS B 193 2.60 1.04 12.98
C LYS B 193 1.69 -0.20 12.88
N PRO B 194 0.38 0.00 13.05
CA PRO B 194 -0.55 -1.13 12.99
C PRO B 194 -0.70 -1.85 11.66
N LEU B 195 -1.21 -3.07 11.73
CA LEU B 195 -1.45 -3.87 10.53
C LEU B 195 -2.72 -3.35 9.87
N PRO B 196 -2.64 -2.94 8.58
CA PRO B 196 -3.82 -2.42 7.87
C PRO B 196 -5.02 -3.38 7.88
N GLY B 197 -6.17 -2.86 8.27
CA GLY B 197 -7.41 -3.62 8.27
C GLY B 197 -7.54 -4.79 9.24
N VAL B 198 -6.70 -4.85 10.26
CA VAL B 198 -6.76 -5.98 11.20
C VAL B 198 -7.19 -5.50 12.59
N SER B 199 -8.28 -6.05 13.11
CA SER B 199 -8.75 -5.64 14.44
C SER B 199 -7.90 -6.28 15.56
N ALA B 200 -7.99 -5.73 16.77
CA ALA B 200 -7.25 -6.28 17.90
C ALA B 200 -7.67 -7.76 18.11
N GLN B 201 -8.95 -8.08 17.90
CA GLN B 201 -9.37 -9.48 18.10
C GLN B 201 -8.80 -10.41 17.02
N GLN B 202 -8.62 -9.91 15.80
CA GLN B 202 -8.02 -10.71 14.74
C GLN B 202 -6.54 -10.96 15.04
N SER B 203 -5.84 -9.92 15.46
CA SER B 203 -4.42 -10.02 15.83
C SER B 203 -4.24 -11.01 16.99
N LEU B 204 -5.16 -10.94 17.96
CA LEU B 204 -5.10 -11.81 19.13
C LEU B 204 -5.15 -13.28 18.73
N LYS B 205 -5.98 -13.62 17.75
CA LYS B 205 -6.08 -15.03 17.32
C LYS B 205 -4.76 -15.50 16.68
N ALA B 206 -4.02 -14.59 16.04
CA ALA B 206 -2.75 -14.94 15.42
C ALA B 206 -1.70 -15.10 16.52
N ILE B 207 -1.68 -14.17 17.46
CA ILE B 207 -0.75 -14.24 18.60
C ILE B 207 -1.03 -15.55 19.42
N ASP B 208 -2.29 -15.95 19.50
CA ASP B 208 -2.65 -17.17 20.20
C ASP B 208 -1.85 -18.38 19.65
N LYS B 209 -1.66 -18.46 18.33
CA LYS B 209 -0.89 -19.57 17.73
C LYS B 209 0.53 -19.58 18.22
N MET B 210 1.11 -18.39 18.41
CA MET B 210 2.48 -18.30 18.90
C MET B 210 2.56 -18.71 20.38
N ILE B 211 1.56 -18.32 21.17
CA ILE B 211 1.51 -18.68 22.60
C ILE B 211 1.44 -20.22 22.70
N VAL B 212 0.61 -20.84 21.87
CA VAL B 212 0.46 -22.30 21.82
C VAL B 212 1.80 -22.93 21.45
N MET B 213 2.50 -22.38 20.45
CA MET B 213 3.80 -22.92 20.06
C MET B 213 4.80 -22.81 21.22
N GLY B 214 4.82 -21.68 21.91
CA GLY B 214 5.75 -21.49 23.01
C GLY B 214 5.48 -22.50 24.13
N ALA B 215 4.20 -22.81 24.38
CA ALA B 215 3.83 -23.76 25.42
C ALA B 215 4.30 -25.17 25.06
N GLN B 216 4.36 -25.47 23.75
CA GLN B 216 4.80 -26.77 23.29
C GLN B 216 6.30 -26.95 23.18
N ALA B 217 7.03 -25.85 23.03
CA ALA B 217 8.47 -25.89 22.85
C ALA B 217 9.25 -26.47 24.04
N ASP B 218 10.45 -26.95 23.77
CA ASP B 218 11.29 -27.50 24.82
C ASP B 218 11.72 -26.35 25.72
N GLY B 219 11.45 -26.48 27.03
CA GLY B 219 11.78 -25.44 27.99
C GLY B 219 13.24 -25.04 28.05
N ASN B 220 14.14 -26.02 27.88
CA ASN B 220 15.58 -25.77 27.91
C ASN B 220 16.00 -25.04 26.64
N ALA B 221 15.45 -25.45 25.50
CA ALA B 221 15.78 -24.80 24.23
C ALA B 221 15.34 -23.32 24.30
N LEU B 222 14.16 -23.06 24.87
CA LEU B 222 13.65 -21.69 25.02
C LEU B 222 14.55 -20.87 25.91
N LYS B 223 14.97 -21.47 27.04
CA LYS B 223 15.85 -20.81 27.99
C LYS B 223 17.17 -20.46 27.31
N ALA B 224 17.74 -21.40 26.57
CA ALA B 224 19.00 -21.13 25.88
C ALA B 224 18.85 -20.02 24.83
N ALA B 225 17.70 -19.99 24.14
CA ALA B 225 17.47 -18.96 23.12
C ALA B 225 17.38 -17.58 23.77
N ALA B 226 16.73 -17.49 24.93
CA ALA B 226 16.64 -16.23 25.68
C ALA B 226 18.05 -15.77 26.10
N GLU B 227 18.86 -16.71 26.61
CA GLU B 227 20.22 -16.40 27.03
C GLU B 227 21.05 -15.90 25.85
N ALA B 228 20.87 -16.52 24.67
CA ALA B 228 21.62 -16.10 23.49
C ALA B 228 21.25 -14.66 23.12
N HIS B 229 19.98 -14.27 23.32
CA HIS B 229 19.58 -12.89 23.01
C HIS B 229 20.17 -11.90 24.02
N HIS B 230 20.21 -12.30 25.28
CA HIS B 230 20.80 -11.43 26.31
C HIS B 230 22.28 -11.17 25.95
N LYS B 231 23.00 -12.20 25.53
CA LYS B 231 24.40 -11.99 25.15
C LYS B 231 24.50 -11.07 23.94
N ALA B 232 23.63 -11.29 22.96
CA ALA B 232 23.63 -10.50 21.74
C ALA B 232 23.42 -9.01 22.02
N ILE B 233 22.54 -8.71 22.97
CA ILE B 233 22.27 -7.33 23.33
C ILE B 233 23.54 -6.68 23.89
N GLY B 234 24.38 -7.48 24.53
CA GLY B 234 25.63 -6.94 25.09
C GLY B 234 26.63 -6.46 24.07
N SER B 235 26.61 -7.00 22.85
CA SER B 235 27.60 -6.60 21.85
C SER B 235 27.14 -5.63 20.77
N ILE B 236 25.99 -5.02 20.91
CA ILE B 236 25.50 -4.10 19.86
C ILE B 236 26.37 -2.86 19.72
N ASP B 237 26.44 -2.35 18.50
CA ASP B 237 27.18 -1.13 18.24
C ASP B 237 26.22 0.04 18.43
N ALA B 238 26.63 1.23 18.00
CA ALA B 238 25.83 2.43 18.17
C ALA B 238 24.51 2.45 17.42
N THR B 239 24.42 1.66 16.34
CA THR B 239 23.18 1.60 15.56
C THR B 239 22.26 0.43 16.00
N GLY B 240 22.68 -0.31 17.03
CA GLY B 240 21.89 -1.43 17.55
C GLY B 240 22.17 -2.80 16.95
N VAL B 241 23.18 -2.89 16.10
CA VAL B 241 23.52 -4.17 15.47
C VAL B 241 24.51 -5.02 16.29
N THR B 242 24.09 -6.24 16.61
CA THR B 242 24.90 -7.16 17.40
C THR B 242 26.09 -7.69 16.55
N SER B 243 27.05 -8.36 17.21
CA SER B 243 28.19 -8.92 16.51
C SER B 243 27.78 -10.14 15.68
N ALA B 244 28.58 -10.43 14.64
CA ALA B 244 28.33 -11.56 13.76
C ALA B 244 28.29 -12.88 14.51
N ALA B 245 29.17 -13.03 15.50
CA ALA B 245 29.21 -14.25 16.31
C ALA B 245 27.97 -14.40 17.18
N ASP B 246 27.54 -13.32 17.81
CA ASP B 246 26.33 -13.39 18.64
C ASP B 246 25.08 -13.65 17.77
N TYR B 247 25.08 -13.10 16.56
CA TYR B 247 23.99 -13.28 15.61
C TYR B 247 23.88 -14.78 15.26
N ALA B 248 25.02 -15.40 15.00
CA ALA B 248 25.06 -16.83 14.66
C ALA B 248 24.54 -17.67 15.82
N ALA B 249 24.89 -17.30 17.05
CA ALA B 249 24.43 -18.05 18.23
C ALA B 249 22.91 -17.92 18.38
N VAL B 250 22.38 -16.73 18.11
CA VAL B 250 20.92 -16.52 18.17
C VAL B 250 20.21 -17.42 17.12
N ASN B 251 20.73 -17.42 15.89
CA ASN B 251 20.11 -18.24 14.83
C ASN B 251 20.13 -19.73 15.16
N ALA B 252 21.24 -20.23 15.70
CA ALA B 252 21.33 -21.64 16.07
C ALA B 252 20.33 -21.97 17.17
N ALA B 253 20.24 -21.10 18.17
CA ALA B 253 19.32 -21.31 19.29
C ALA B 253 17.85 -21.31 18.81
N LEU B 254 17.52 -20.39 17.91
CA LEU B 254 16.13 -20.35 17.40
C LEU B 254 15.82 -21.57 16.54
N GLY B 255 16.81 -22.02 15.78
CA GLY B 255 16.62 -23.21 14.95
C GLY B 255 16.28 -24.40 15.85
N ARG B 256 16.96 -24.54 17.00
CA ARG B 256 16.69 -25.65 17.93
C ARG B 256 15.28 -25.51 18.53
N VAL B 257 14.88 -24.29 18.86
CA VAL B 257 13.53 -24.09 19.37
C VAL B 257 12.48 -24.57 18.33
N ILE B 258 12.66 -24.19 17.06
CA ILE B 258 11.73 -24.57 16.00
C ILE B 258 11.66 -26.08 15.85
N ALA B 259 12.82 -26.73 15.88
CA ALA B 259 12.88 -28.19 15.75
C ALA B 259 12.34 -28.94 17.00
N SER B 260 11.98 -28.22 18.06
CA SER B 260 11.44 -28.86 19.25
C SER B 260 9.93 -28.95 19.29
N VAL B 261 9.25 -28.51 18.22
CA VAL B 261 7.80 -28.63 18.12
C VAL B 261 7.54 -29.24 16.75
N PRO B 262 6.41 -29.93 16.57
CA PRO B 262 6.15 -30.53 15.26
C PRO B 262 5.87 -29.49 14.16
N LYS B 263 6.08 -29.90 12.92
CA LYS B 263 5.87 -29.03 11.78
C LYS B 263 4.51 -28.33 11.77
N SER B 264 3.44 -29.06 12.09
CA SER B 264 2.09 -28.49 12.06
C SER B 264 1.93 -27.29 12.99
N THR B 265 2.58 -27.32 14.16
CA THR B 265 2.53 -26.22 15.11
C THR B 265 3.18 -24.94 14.52
N VAL B 266 4.29 -25.11 13.81
CA VAL B 266 4.98 -23.99 13.22
C VAL B 266 4.18 -23.43 12.03
N MET B 267 3.60 -24.33 11.24
CA MET B 267 2.79 -23.93 10.10
C MET B 267 1.51 -23.19 10.55
N ASP B 268 0.93 -23.58 11.71
CA ASP B 268 -0.24 -22.85 12.23
C ASP B 268 0.12 -21.38 12.50
N VAL B 269 1.32 -21.15 13.03
CA VAL B 269 1.78 -19.77 13.26
C VAL B 269 1.89 -19.05 11.91
N TYR B 270 2.60 -19.66 10.96
CA TYR B 270 2.79 -19.04 9.64
C TYR B 270 1.46 -18.72 8.94
N ASN B 271 0.53 -19.67 8.91
CA ASN B 271 -0.76 -19.44 8.25
C ASN B 271 -1.56 -18.33 8.92
N ALA B 272 -1.52 -18.28 10.25
CA ALA B 272 -2.24 -17.25 10.98
C ALA B 272 -1.63 -15.86 10.66
N MET B 273 -0.31 -15.77 10.67
CA MET B 273 0.37 -14.51 10.37
C MET B 273 0.14 -14.12 8.91
N ALA B 274 0.15 -15.09 7.99
CA ALA B 274 -0.09 -14.77 6.58
C ALA B 274 -1.48 -14.14 6.43
N GLY B 275 -2.43 -14.56 7.25
CA GLY B 275 -3.76 -13.99 7.20
C GLY B 275 -3.88 -12.54 7.70
N VAL B 276 -2.95 -12.07 8.52
CA VAL B 276 -3.03 -10.69 9.01
C VAL B 276 -1.92 -9.75 8.48
N THR B 277 -1.03 -10.26 7.63
CA THR B 277 0.06 -9.41 7.16
C THR B 277 -0.16 -8.90 5.76
N ASP B 278 -0.46 -7.62 5.64
CA ASP B 278 -0.68 -7.01 4.32
C ASP B 278 0.56 -7.24 3.42
N THR B 279 0.34 -7.55 2.13
CA THR B 279 1.48 -7.79 1.23
C THR B 279 2.40 -6.58 1.03
N SER B 280 1.93 -5.37 1.35
CA SER B 280 2.81 -4.21 1.23
C SER B 280 3.84 -4.10 2.36
N ILE B 281 3.63 -4.79 3.47
CA ILE B 281 4.57 -4.72 4.59
C ILE B 281 5.96 -5.31 4.24
N PRO B 282 6.02 -6.54 3.70
CA PRO B 282 7.33 -7.11 3.33
C PRO B 282 7.99 -6.22 2.25
N LEU B 283 7.19 -5.69 1.33
CA LEU B 283 7.71 -4.80 0.29
C LEU B 283 8.29 -3.53 0.89
N ASN B 284 7.56 -2.92 1.83
CA ASN B 284 8.06 -1.69 2.47
C ASN B 284 9.41 -1.97 3.17
N MET B 285 9.52 -3.12 3.84
CA MET B 285 10.79 -3.46 4.52
C MET B 285 11.90 -3.69 3.51
N PHE B 286 11.60 -4.41 2.44
CA PHE B 286 12.56 -4.70 1.38
C PHE B 286 13.08 -3.42 0.70
N SER B 287 12.22 -2.43 0.52
CA SER B 287 12.61 -1.21 -0.15
C SER B 287 13.58 -0.35 0.63
N LYS B 288 13.73 -0.62 1.93
CA LYS B 288 14.64 0.17 2.76
C LYS B 288 16.06 -0.41 2.86
N VAL B 289 16.28 -1.59 2.30
CA VAL B 289 17.61 -2.21 2.37
C VAL B 289 18.17 -2.47 0.97
N ASN B 290 19.36 -3.06 0.90
CA ASN B 290 19.95 -3.36 -0.39
C ASN B 290 19.21 -4.60 -0.90
N PRO B 291 18.63 -4.53 -2.11
CA PRO B 291 17.87 -5.64 -2.67
C PRO B 291 18.66 -6.92 -2.96
N LEU B 292 19.95 -6.79 -3.26
CA LEU B 292 20.79 -7.95 -3.50
C LEU B 292 21.03 -8.70 -2.18
N ASP B 293 21.29 -7.93 -1.12
CA ASP B 293 21.56 -8.52 0.18
C ASP B 293 20.32 -9.16 0.78
N ALA B 294 19.16 -8.56 0.54
CA ALA B 294 17.91 -9.14 1.04
C ALA B 294 17.68 -10.50 0.35
N ASN B 295 17.85 -10.56 -0.96
CA ASN B 295 17.67 -11.84 -1.68
C ASN B 295 18.70 -12.89 -1.25
N ALA B 296 19.92 -12.45 -0.96
CA ALA B 296 20.98 -13.38 -0.50
C ALA B 296 20.58 -13.96 0.86
N ALA B 297 20.06 -13.10 1.76
CA ALA B 297 19.62 -13.54 3.08
C ALA B 297 18.46 -14.52 2.95
N ALA B 298 17.51 -14.21 2.07
CA ALA B 298 16.34 -15.06 1.86
C ALA B 298 16.74 -16.42 1.33
N LYS B 299 17.59 -16.44 0.30
CA LYS B 299 18.06 -17.71 -0.28
C LYS B 299 18.75 -18.57 0.79
N ALA B 300 19.58 -17.93 1.61
CA ALA B 300 20.26 -18.62 2.70
C ALA B 300 19.24 -19.17 3.68
N PHE B 301 18.20 -18.40 4.01
CA PHE B 301 17.17 -18.87 4.94
C PHE B 301 16.45 -20.11 4.39
N TYR B 302 16.05 -20.10 3.12
CA TYR B 302 15.34 -21.26 2.57
C TYR B 302 16.22 -22.53 2.52
N THR B 303 17.53 -22.32 2.53
CA THR B 303 18.48 -23.43 2.57
C THR B 303 18.63 -23.95 4.01
N PHE B 304 18.74 -23.02 4.96
CA PHE B 304 18.85 -23.34 6.38
C PHE B 304 17.63 -24.10 6.89
N LYS B 305 16.45 -23.67 6.47
CA LYS B 305 15.23 -24.32 6.96
C LYS B 305 15.15 -25.81 6.63
N ASP B 306 15.87 -26.26 5.60
CA ASP B 306 15.86 -27.69 5.24
C ASP B 306 16.56 -28.51 6.33
N VAL B 307 17.59 -27.95 6.94
CA VAL B 307 18.31 -28.63 8.03
C VAL B 307 17.39 -28.67 9.26
N VAL B 308 16.74 -27.54 9.56
CA VAL B 308 15.81 -27.50 10.70
C VAL B 308 14.67 -28.50 10.48
N GLN B 309 14.13 -28.52 9.26
CA GLN B 309 13.05 -29.43 8.91
C GLN B 309 13.43 -30.92 9.14
N ALA B 310 14.64 -31.30 8.76
CA ALA B 310 15.11 -32.67 8.93
C ALA B 310 15.23 -33.00 10.43
N ALA B 311 15.78 -32.07 11.23
CA ALA B 311 15.91 -32.29 12.67
C ALA B 311 14.55 -32.39 13.38
N GLN B 312 13.57 -31.63 12.90
CA GLN B 312 12.23 -31.59 13.46
C GLN B 312 11.43 -32.85 13.15
N ASP C 1 -43.25 26.12 -12.32
CA ASP C 1 -42.98 27.57 -12.07
C ASP C 1 -42.08 28.10 -13.16
N GLU C 2 -41.72 29.38 -13.07
CA GLU C 2 -40.89 30.03 -14.07
C GLU C 2 -39.55 29.35 -14.28
N ILE C 3 -38.80 29.15 -13.19
CA ILE C 3 -37.48 28.51 -13.27
C ILE C 3 -37.60 27.08 -13.87
N GLY C 4 -38.65 26.37 -13.48
CA GLY C 4 -38.89 25.03 -14.00
C GLY C 4 -39.10 25.04 -15.52
N ASP C 5 -39.86 26.02 -16.00
CA ASP C 5 -40.12 26.16 -17.44
C ASP C 5 -38.83 26.56 -18.18
N ALA C 6 -38.06 27.47 -17.58
CA ALA C 6 -36.81 27.95 -18.18
C ALA C 6 -35.77 26.83 -18.21
N ALA C 7 -35.80 25.94 -17.23
CA ALA C 7 -34.85 24.82 -17.18
C ALA C 7 -35.04 23.89 -18.39
N LYS C 8 -36.29 23.71 -18.79
CA LYS C 8 -36.60 22.87 -19.94
C LYS C 8 -35.95 23.47 -21.22
N LYS C 9 -35.97 24.79 -21.35
CA LYS C 9 -35.36 25.42 -22.52
C LYS C 9 -33.84 25.32 -22.43
N LEU C 10 -33.32 25.45 -21.21
CA LEU C 10 -31.88 25.33 -20.97
C LEU C 10 -31.45 23.94 -21.43
N GLY C 11 -32.28 22.94 -21.15
CA GLY C 11 -32.00 21.57 -21.52
C GLY C 11 -31.91 21.37 -23.02
N ASP C 12 -32.84 21.97 -23.76
CA ASP C 12 -32.83 21.86 -25.22
C ASP C 12 -31.52 22.42 -25.78
N ALA C 13 -30.99 23.45 -25.14
CA ALA C 13 -29.76 24.08 -25.58
C ALA C 13 -28.47 23.44 -25.07
N SER C 14 -28.54 22.70 -23.95
CA SER C 14 -27.32 22.14 -23.37
C SER C 14 -27.14 20.63 -23.26
N TYR C 15 -28.18 19.84 -23.46
CA TYR C 15 -28.04 18.40 -23.31
C TYR C 15 -27.05 17.73 -24.27
N ALA C 16 -26.92 18.28 -25.49
CA ALA C 16 -25.97 17.73 -26.47
C ALA C 16 -24.55 17.83 -25.87
N PHE C 17 -24.22 19.01 -25.34
CA PHE C 17 -22.93 19.24 -24.68
C PHE C 17 -22.76 18.28 -23.48
N ALA C 18 -23.80 18.14 -22.66
CA ALA C 18 -23.71 17.25 -21.48
C ALA C 18 -23.35 15.83 -21.88
N LYS C 19 -23.92 15.34 -22.99
CA LYS C 19 -23.63 13.98 -23.48
C LYS C 19 -22.20 13.81 -23.96
N GLU C 20 -21.55 14.91 -24.34
CA GLU C 20 -20.18 14.86 -24.84
C GLU C 20 -19.10 14.90 -23.79
N VAL C 21 -19.43 15.46 -22.62
CA VAL C 21 -18.46 15.57 -21.54
C VAL C 21 -18.15 14.18 -21.01
N ASP C 22 -16.87 13.91 -20.77
CA ASP C 22 -16.44 12.62 -20.19
C ASP C 22 -16.48 12.87 -18.66
N TRP C 23 -17.63 12.57 -18.04
CA TRP C 23 -17.82 12.79 -16.61
C TRP C 23 -17.00 11.86 -15.72
N ASN C 24 -16.50 10.78 -16.31
CA ASN C 24 -15.68 9.79 -15.62
C ASN C 24 -14.19 10.15 -15.58
N ASN C 25 -13.82 11.31 -16.11
CA ASN C 25 -12.43 11.75 -16.14
C ASN C 25 -11.99 12.04 -14.71
N GLY C 26 -10.84 11.49 -14.29
CA GLY C 26 -10.36 11.72 -12.94
C GLY C 26 -9.79 13.11 -12.73
N ILE C 27 -9.65 13.89 -13.81
CA ILE C 27 -9.10 15.24 -13.68
C ILE C 27 -9.96 16.15 -12.79
N PHE C 28 -11.24 15.84 -12.67
CA PHE C 28 -12.13 16.65 -11.86
C PHE C 28 -11.87 16.53 -10.35
N LEU C 29 -11.09 15.54 -9.94
CA LEU C 29 -10.74 15.41 -8.53
C LEU C 29 -9.61 16.42 -8.20
N GLN C 30 -8.89 16.88 -9.21
CA GLN C 30 -7.77 17.80 -9.04
C GLN C 30 -8.13 19.28 -9.04
N ALA C 31 -7.26 20.11 -8.49
CA ALA C 31 -7.48 21.56 -8.47
C ALA C 31 -7.43 22.02 -9.92
N PRO C 32 -8.17 23.09 -10.25
CA PRO C 32 -8.18 23.61 -11.62
C PRO C 32 -6.92 24.47 -11.92
N GLY C 33 -5.76 23.85 -11.76
CA GLY C 33 -4.49 24.53 -11.95
C GLY C 33 -3.62 24.15 -10.77
N LYS C 34 -2.62 24.96 -10.45
CA LYS C 34 -1.74 24.68 -9.31
C LYS C 34 -2.57 24.74 -8.01
N LEU C 35 -2.32 23.79 -7.10
CA LEU C 35 -3.06 23.74 -5.84
C LEU C 35 -2.57 24.88 -4.95
N GLN C 36 -3.52 25.66 -4.42
CA GLN C 36 -3.20 26.80 -3.52
C GLN C 36 -4.21 26.63 -2.40
N PRO C 37 -3.90 25.77 -1.43
CA PRO C 37 -4.81 25.47 -0.31
C PRO C 37 -5.46 26.65 0.40
N LEU C 38 -4.66 27.62 0.85
CA LEU C 38 -5.24 28.78 1.56
C LEU C 38 -6.09 29.69 0.68
N GLU C 39 -5.74 29.84 -0.59
CA GLU C 39 -6.54 30.64 -1.52
C GLU C 39 -7.85 29.88 -1.83
N ALA C 40 -7.74 28.56 -2.00
CA ALA C 40 -8.92 27.72 -2.28
C ALA C 40 -9.85 27.77 -1.06
N LEU C 41 -9.28 27.76 0.15
CA LEU C 41 -10.10 27.82 1.35
C LEU C 41 -10.99 29.09 1.41
N LYS C 42 -10.49 30.20 0.85
CA LYS C 42 -11.29 31.44 0.81
C LYS C 42 -12.51 31.24 -0.09
N ALA C 43 -12.33 30.51 -1.19
CA ALA C 43 -13.43 30.23 -2.10
C ALA C 43 -14.44 29.29 -1.42
N ILE C 44 -13.95 28.27 -0.73
CA ILE C 44 -14.83 27.34 -0.02
C ILE C 44 -15.63 28.14 1.01
N ASP C 45 -14.95 29.07 1.69
CA ASP C 45 -15.63 29.90 2.68
C ASP C 45 -16.80 30.68 2.06
N LYS C 46 -16.62 31.25 0.87
CA LYS C 46 -17.72 31.98 0.20
C LYS C 46 -18.86 31.02 -0.10
N MET C 47 -18.52 29.81 -0.50
CA MET C 47 -19.57 28.82 -0.79
C MET C 47 -20.32 28.45 0.48
N ILE C 48 -19.59 28.31 1.60
CA ILE C 48 -20.20 27.95 2.90
C ILE C 48 -21.19 29.05 3.34
N VAL C 49 -20.76 30.29 3.20
CA VAL C 49 -21.60 31.46 3.53
C VAL C 49 -22.88 31.41 2.70
N MET C 50 -22.73 31.15 1.40
CA MET C 50 -23.87 31.05 0.50
C MET C 50 -24.79 29.89 0.88
N GLY C 51 -24.19 28.73 1.20
CA GLY C 51 -24.98 27.58 1.57
C GLY C 51 -25.80 27.83 2.83
N ALA C 52 -25.19 28.48 3.83
CA ALA C 52 -25.89 28.78 5.08
C ALA C 52 -27.04 29.78 4.85
N ALA C 53 -26.93 30.63 3.82
CA ALA C 53 -27.97 31.60 3.54
C ALA C 53 -29.11 31.05 2.67
N ALA C 54 -28.85 29.97 1.93
CA ALA C 54 -29.87 29.38 1.05
C ALA C 54 -31.03 28.77 1.82
N ASP C 55 -32.17 28.68 1.16
CA ASP C 55 -33.38 28.10 1.76
C ASP C 55 -33.14 26.60 1.99
N PRO C 56 -33.21 26.14 3.25
CA PRO C 56 -32.99 24.72 3.56
C PRO C 56 -33.86 23.75 2.77
N LYS C 57 -35.13 24.07 2.54
CA LYS C 57 -36.02 23.19 1.79
C LYS C 57 -35.60 23.07 0.34
N LEU C 58 -35.07 24.16 -0.23
CA LEU C 58 -34.63 24.15 -1.61
C LEU C 58 -33.30 23.38 -1.75
N LEU C 59 -32.43 23.49 -0.74
CA LEU C 59 -31.18 22.72 -0.74
C LEU C 59 -31.55 21.24 -0.69
N LYS C 60 -32.48 20.88 0.18
CA LYS C 60 -32.95 19.51 0.33
C LYS C 60 -33.49 18.98 -1.02
N ALA C 61 -34.32 19.78 -1.68
CA ALA C 61 -34.88 19.41 -2.98
C ALA C 61 -33.77 19.20 -4.03
N ALA C 62 -32.76 20.05 -4.03
CA ALA C 62 -31.66 19.92 -5.00
C ALA C 62 -30.84 18.64 -4.73
N ALA C 63 -30.64 18.28 -3.47
CA ALA C 63 -29.92 17.04 -3.14
C ALA C 63 -30.74 15.84 -3.67
N GLU C 64 -32.05 15.81 -3.40
CA GLU C 64 -32.91 14.73 -3.90
C GLU C 64 -32.84 14.63 -5.43
N ALA C 65 -32.80 15.78 -6.11
CA ALA C 65 -32.73 15.78 -7.58
C ALA C 65 -31.44 15.12 -8.09
N HIS C 66 -30.34 15.29 -7.35
CA HIS C 66 -29.07 14.67 -7.76
C HIS C 66 -29.12 13.18 -7.47
N HIS C 67 -29.72 12.80 -6.35
CA HIS C 67 -29.86 11.38 -6.01
C HIS C 67 -30.63 10.67 -7.14
N LYS C 68 -31.70 11.30 -7.60
CA LYS C 68 -32.51 10.73 -8.70
C LYS C 68 -31.68 10.63 -9.97
N ALA C 69 -30.93 11.69 -10.27
CA ALA C 69 -30.09 11.75 -11.48
C ALA C 69 -29.01 10.67 -11.53
N ILE C 70 -28.44 10.34 -10.37
CA ILE C 70 -27.41 9.30 -10.28
C ILE C 70 -28.02 7.96 -10.73
N GLY C 71 -29.30 7.78 -10.46
CA GLY C 71 -29.94 6.54 -10.83
C GLY C 71 -30.15 6.32 -12.32
N SER C 72 -30.08 7.37 -13.13
CA SER C 72 -30.30 7.20 -14.56
C SER C 72 -29.05 7.34 -15.43
N ILE C 73 -27.87 7.37 -14.80
CA ILE C 73 -26.60 7.46 -15.54
C ILE C 73 -26.47 6.30 -16.53
N SER C 74 -26.00 6.57 -17.75
CA SER C 74 -25.79 5.51 -18.73
C SER C 74 -24.73 5.91 -19.76
N GLY C 75 -24.21 4.92 -20.47
CA GLY C 75 -23.23 5.21 -21.50
C GLY C 75 -21.83 5.25 -20.92
N PRO C 76 -20.81 5.31 -21.78
CA PRO C 76 -19.42 5.35 -21.34
C PRO C 76 -18.97 6.67 -20.74
N ASN C 77 -19.71 7.74 -20.97
CA ASN C 77 -19.36 9.05 -20.44
C ASN C 77 -20.02 9.36 -19.09
N GLY C 78 -20.89 8.48 -18.62
CA GLY C 78 -21.60 8.69 -17.36
C GLY C 78 -22.61 9.84 -17.34
N VAL C 79 -23.38 10.02 -18.41
CA VAL C 79 -24.35 11.11 -18.45
C VAL C 79 -25.73 10.68 -17.95
N THR C 80 -26.37 11.55 -17.17
CA THR C 80 -27.72 11.29 -16.63
C THR C 80 -28.76 11.52 -17.74
N SER C 81 -30.02 11.10 -17.53
CA SER C 81 -31.07 11.26 -18.54
C SER C 81 -31.41 12.72 -18.76
N ARG C 82 -32.00 13.03 -19.91
CA ARG C 82 -32.40 14.40 -20.23
C ARG C 82 -33.37 14.97 -19.19
N ALA C 83 -34.33 14.16 -18.74
CA ALA C 83 -35.30 14.58 -17.73
C ALA C 83 -34.61 14.94 -16.41
N ASP C 84 -33.62 14.14 -16.01
CA ASP C 84 -32.88 14.40 -14.76
C ASP C 84 -31.96 15.61 -14.85
N TRP C 85 -31.39 15.81 -16.05
CA TRP C 85 -30.52 16.96 -16.29
C TRP C 85 -31.37 18.24 -16.05
N ASP C 86 -32.59 18.27 -16.59
CA ASP C 86 -33.48 19.42 -16.42
C ASP C 86 -33.92 19.56 -14.96
N ASN C 87 -34.24 18.43 -14.32
CA ASN C 87 -34.66 18.44 -12.92
C ASN C 87 -33.56 19.05 -12.03
N VAL C 88 -32.31 18.70 -12.30
CA VAL C 88 -31.17 19.21 -11.54
C VAL C 88 -30.98 20.71 -11.77
N ASN C 89 -30.98 21.14 -13.04
CA ASN C 89 -30.81 22.55 -13.32
C ASN C 89 -31.91 23.42 -12.70
N ALA C 90 -33.14 22.94 -12.72
CA ALA C 90 -34.26 23.70 -12.14
C ALA C 90 -34.06 23.82 -10.63
N ALA C 91 -33.78 22.69 -9.97
CA ALA C 91 -33.58 22.70 -8.52
C ALA C 91 -32.42 23.63 -8.13
N LEU C 92 -31.34 23.62 -8.90
CA LEU C 92 -30.22 24.51 -8.58
C LEU C 92 -30.58 25.98 -8.85
N GLY C 93 -31.34 26.23 -9.92
CA GLY C 93 -31.77 27.59 -10.22
C GLY C 93 -32.54 28.15 -9.05
N ARG C 94 -33.43 27.35 -8.47
CA ARG C 94 -34.22 27.79 -7.31
C ARG C 94 -33.34 28.10 -6.09
N VAL C 95 -32.30 27.29 -5.88
CA VAL C 95 -31.37 27.53 -4.77
C VAL C 95 -30.65 28.87 -4.98
N ILE C 96 -30.18 29.11 -6.20
CA ILE C 96 -29.47 30.34 -6.52
C ILE C 96 -30.35 31.57 -6.25
N ALA C 97 -31.63 31.46 -6.63
CA ALA C 97 -32.58 32.55 -6.42
C ALA C 97 -32.91 32.82 -4.94
N SER C 98 -32.63 31.85 -4.05
CA SER C 98 -32.94 32.04 -2.64
C SER C 98 -31.83 32.76 -1.89
N VAL C 99 -30.80 33.16 -2.62
CA VAL C 99 -29.67 33.84 -2.04
C VAL C 99 -29.43 35.14 -2.81
N PRO C 100 -29.04 36.23 -2.11
CA PRO C 100 -28.79 37.51 -2.80
C PRO C 100 -27.63 37.43 -3.79
N GLU C 101 -27.73 38.23 -4.85
CA GLU C 101 -26.74 38.28 -5.91
C GLU C 101 -25.28 38.41 -5.48
N ASN C 102 -24.99 39.29 -4.51
CA ASN C 102 -23.62 39.50 -4.08
C ASN C 102 -22.95 38.22 -3.55
N MET C 103 -23.74 37.36 -2.91
CA MET C 103 -23.21 36.10 -2.39
C MET C 103 -22.78 35.17 -3.53
N VAL C 104 -23.60 35.13 -4.58
CA VAL C 104 -23.32 34.30 -5.75
C VAL C 104 -22.08 34.80 -6.48
N MET C 105 -21.99 36.13 -6.65
CA MET C 105 -20.83 36.72 -7.33
C MET C 105 -19.55 36.52 -6.56
N ASP C 106 -19.64 36.54 -5.23
CA ASP C 106 -18.47 36.33 -4.38
C ASP C 106 -17.85 34.94 -4.67
N VAL C 107 -18.69 33.94 -4.84
CA VAL C 107 -18.21 32.59 -5.14
C VAL C 107 -17.45 32.61 -6.47
N TYR C 108 -18.12 33.14 -7.49
CA TYR C 108 -17.53 33.25 -8.82
C TYR C 108 -16.17 33.95 -8.78
N ASP C 109 -16.10 35.08 -8.08
CA ASP C 109 -14.85 35.85 -7.98
C ASP C 109 -13.74 35.08 -7.29
N SER C 110 -14.05 34.44 -6.17
CA SER C 110 -13.01 33.71 -5.46
C SER C 110 -12.54 32.43 -6.20
N VAL C 111 -13.46 31.76 -6.91
CA VAL C 111 -13.07 30.56 -7.67
C VAL C 111 -12.21 30.99 -8.87
N SER C 112 -12.55 32.12 -9.50
CA SER C 112 -11.76 32.62 -10.63
C SER C 112 -10.31 32.83 -10.24
N LYS C 113 -10.08 33.26 -9.00
CA LYS C 113 -8.71 33.52 -8.53
C LYS C 113 -7.81 32.29 -8.52
N ILE C 114 -8.41 31.12 -8.26
CA ILE C 114 -7.62 29.90 -8.22
C ILE C 114 -7.67 29.08 -9.51
N THR C 115 -8.48 29.47 -10.48
CA THR C 115 -8.59 28.69 -11.72
C THR C 115 -7.61 29.18 -12.78
N ASP C 116 -6.84 28.27 -13.36
CA ASP C 116 -5.88 28.61 -14.40
C ASP C 116 -6.65 29.12 -15.62
N PRO C 117 -6.20 30.24 -16.23
CA PRO C 117 -6.86 30.80 -17.40
C PRO C 117 -7.10 29.81 -18.56
N LYS C 118 -6.25 28.80 -18.66
CA LYS C 118 -6.36 27.81 -19.73
C LYS C 118 -7.36 26.67 -19.49
N VAL C 119 -7.91 26.59 -18.29
CA VAL C 119 -8.89 25.53 -17.98
C VAL C 119 -10.10 25.49 -18.89
N PRO C 120 -10.81 26.63 -19.07
CA PRO C 120 -11.98 26.55 -19.96
C PRO C 120 -11.64 26.05 -21.38
N ALA C 121 -10.51 26.50 -21.94
CA ALA C 121 -10.14 26.08 -23.29
C ALA C 121 -9.86 24.59 -23.35
N TYR C 122 -9.14 24.07 -22.37
CA TYR C 122 -8.82 22.64 -22.36
C TYR C 122 -10.14 21.83 -22.26
N MET C 123 -11.05 22.24 -21.39
CA MET C 123 -12.33 21.55 -21.27
C MET C 123 -13.10 21.60 -22.58
N LYS C 124 -13.13 22.77 -23.23
CA LYS C 124 -13.85 22.89 -24.49
C LYS C 124 -13.20 22.04 -25.59
N SER C 125 -11.88 21.85 -25.52
CA SER C 125 -11.18 21.07 -26.54
C SER C 125 -11.59 19.60 -26.57
N LEU C 126 -12.17 19.11 -25.47
CA LEU C 126 -12.56 17.70 -25.40
C LEU C 126 -13.97 17.45 -25.90
N VAL C 127 -14.73 18.49 -26.19
CA VAL C 127 -16.11 18.31 -26.67
C VAL C 127 -16.31 19.02 -28.02
N ASN C 128 -17.53 19.01 -28.52
CA ASN C 128 -17.83 19.70 -29.78
C ASN C 128 -17.99 21.19 -29.40
N GLY C 129 -17.06 22.02 -29.88
CA GLY C 129 -17.06 23.44 -29.59
C GLY C 129 -18.38 24.17 -29.80
N ALA C 130 -19.07 23.86 -30.91
CA ALA C 130 -20.34 24.50 -31.22
C ALA C 130 -21.37 24.16 -30.17
N ASP C 131 -21.38 22.90 -29.72
CA ASP C 131 -22.33 22.47 -28.71
C ASP C 131 -22.11 23.14 -27.36
N ALA C 132 -20.84 23.39 -27.05
CA ALA C 132 -20.48 24.05 -25.81
C ALA C 132 -20.97 25.50 -25.86
N GLU C 133 -20.73 26.15 -27.00
CA GLU C 133 -21.16 27.53 -27.19
C GLU C 133 -22.69 27.65 -27.07
N LYS C 134 -23.38 26.70 -27.70
CA LYS C 134 -24.83 26.65 -27.67
C LYS C 134 -25.32 26.48 -26.22
N ALA C 135 -24.60 25.64 -25.46
CA ALA C 135 -24.93 25.40 -24.05
C ALA C 135 -24.74 26.68 -23.23
N TYR C 136 -23.64 27.37 -23.46
CA TYR C 136 -23.35 28.61 -22.73
C TYR C 136 -24.42 29.70 -23.00
N GLU C 137 -24.88 29.78 -24.24
CA GLU C 137 -25.92 30.75 -24.60
C GLU C 137 -27.19 30.38 -23.87
N GLY C 138 -27.46 29.07 -23.80
CA GLY C 138 -28.62 28.60 -23.06
C GLY C 138 -28.51 29.03 -21.61
N PHE C 139 -27.31 28.93 -21.04
CA PHE C 139 -27.04 29.32 -19.66
C PHE C 139 -27.31 30.83 -19.44
N LEU C 140 -26.83 31.66 -20.35
CA LEU C 140 -27.05 33.10 -20.22
C LEU C 140 -28.55 33.46 -20.21
N ALA C 141 -29.35 32.77 -20.99
CA ALA C 141 -30.79 33.01 -21.01
C ALA C 141 -31.42 32.54 -19.69
N PHE C 142 -31.03 31.34 -19.26
CA PHE C 142 -31.53 30.75 -18.02
C PHE C 142 -31.27 31.65 -16.79
N LYS C 143 -30.06 32.16 -16.66
CA LYS C 143 -29.73 33.00 -15.51
C LYS C 143 -30.57 34.29 -15.40
N ASP C 144 -31.13 34.75 -16.52
CA ASP C 144 -31.97 35.96 -16.48
C ASP C 144 -33.27 35.61 -15.76
N VAL C 145 -33.80 34.43 -16.03
CA VAL C 145 -35.03 34.01 -15.37
C VAL C 145 -34.79 33.85 -13.86
N VAL C 146 -33.66 33.26 -13.50
CA VAL C 146 -33.28 33.06 -12.09
C VAL C 146 -33.15 34.43 -11.41
N LYS C 147 -32.47 35.35 -12.07
CA LYS C 147 -32.26 36.70 -11.55
C LYS C 147 -33.59 37.42 -11.23
N LYS C 148 -34.61 37.25 -12.07
CA LYS C 148 -35.90 37.92 -11.84
C LYS C 148 -36.59 37.47 -10.57
N SER C 149 -36.31 36.23 -10.14
CA SER C 149 -36.94 35.68 -8.95
C SER C 149 -36.04 35.75 -7.72
N GLN C 150 -34.82 36.26 -7.89
CA GLN C 150 -33.85 36.32 -6.80
C GLN C 150 -34.16 37.31 -5.68
N VAL C 151 -33.98 36.85 -4.43
CA VAL C 151 -34.21 37.68 -3.25
C VAL C 151 -33.19 38.83 -3.17
N THR C 152 -33.48 39.82 -2.35
CA THR C 152 -32.59 40.97 -2.22
C THR C 152 -31.83 41.01 -0.91
N SER C 153 -32.26 40.19 0.05
CA SER C 153 -31.59 40.13 1.35
C SER C 153 -31.44 38.67 1.79
N ALA C 154 -30.37 38.42 2.55
CA ALA C 154 -30.07 37.09 3.06
C ALA C 154 -30.88 36.76 4.30
N ALA C 155 -31.26 35.49 4.44
CA ALA C 155 -32.02 35.07 5.61
C ALA C 155 -31.11 35.14 6.84
N GLY C 156 -31.70 35.14 8.03
CA GLY C 156 -30.91 35.21 9.25
C GLY C 156 -30.27 33.91 9.71
N PRO C 157 -29.27 33.97 10.60
CA PRO C 157 -28.57 32.80 11.12
C PRO C 157 -29.47 31.77 11.80
N ALA C 158 -29.00 30.53 11.87
CA ALA C 158 -29.74 29.44 12.49
C ALA C 158 -29.77 29.57 14.01
N THR C 159 -30.67 28.82 14.63
CA THR C 159 -30.78 28.78 16.08
C THR C 159 -29.89 27.64 16.58
N VAL C 160 -29.01 27.94 17.53
CA VAL C 160 -28.09 26.94 18.08
C VAL C 160 -28.41 26.63 19.53
N PRO C 161 -28.61 25.34 19.87
CA PRO C 161 -28.91 25.00 21.26
C PRO C 161 -27.69 25.30 22.12
N SER C 162 -27.86 25.26 23.43
CA SER C 162 -26.74 25.52 24.31
C SER C 162 -26.84 24.60 25.50
N GLY C 163 -25.69 24.08 25.91
CA GLY C 163 -25.64 23.17 27.04
C GLY C 163 -26.42 21.88 26.87
N ASP C 164 -26.71 21.47 25.63
CA ASP C 164 -27.42 20.21 25.42
C ASP C 164 -26.38 19.11 25.64
N LYS C 165 -26.81 17.86 25.74
CA LYS C 165 -25.88 16.77 25.97
C LYS C 165 -24.79 16.66 24.91
N ILE C 166 -25.15 16.87 23.64
CA ILE C 166 -24.16 16.78 22.56
C ILE C 166 -23.10 17.88 22.69
N GLY C 167 -23.53 19.10 23.03
CA GLY C 167 -22.59 20.22 23.17
C GLY C 167 -21.55 19.97 24.26
N VAL C 168 -21.99 19.41 25.37
CA VAL C 168 -21.11 19.10 26.49
C VAL C 168 -20.12 17.98 26.11
N ALA C 169 -20.62 16.93 25.47
CA ALA C 169 -19.76 15.81 25.05
C ALA C 169 -18.74 16.30 24.01
N ALA C 170 -19.16 17.23 23.15
CA ALA C 170 -18.28 17.74 22.10
C ALA C 170 -17.10 18.48 22.69
N GLN C 171 -17.32 19.07 23.86
CA GLN C 171 -16.26 19.81 24.55
C GLN C 171 -15.16 18.82 24.96
N GLN C 172 -15.57 17.68 25.51
CA GLN C 172 -14.60 16.65 25.92
C GLN C 172 -13.88 16.06 24.70
N LEU C 173 -14.64 15.74 23.64
CA LEU C 173 -14.03 15.21 22.42
C LEU C 173 -13.00 16.20 21.87
N SER C 174 -13.35 17.48 21.86
CA SER C 174 -12.44 18.48 21.30
C SER C 174 -11.15 18.66 22.08
N GLU C 175 -11.25 18.68 23.41
CA GLU C 175 -10.04 18.81 24.23
C GLU C 175 -9.12 17.61 24.02
N ALA C 176 -9.71 16.41 23.97
CA ALA C 176 -8.96 15.19 23.79
C ALA C 176 -8.30 15.05 22.43
N SER C 177 -8.93 15.59 21.39
CA SER C 177 -8.42 15.44 20.03
C SER C 177 -7.71 16.61 19.37
N TYR C 178 -7.70 17.78 20.01
CA TYR C 178 -7.05 18.94 19.43
C TYR C 178 -5.54 18.75 19.12
N PRO C 179 -4.78 18.03 19.98
CA PRO C 179 -3.34 17.82 19.69
C PRO C 179 -3.17 17.10 18.35
N PHE C 180 -4.04 16.11 18.10
CA PHE C 180 -4.05 15.34 16.85
C PHE C 180 -4.42 16.28 15.70
N LEU C 181 -5.44 17.13 15.91
CA LEU C 181 -5.88 18.04 14.85
C LEU C 181 -4.77 18.96 14.39
N LYS C 182 -3.96 19.42 15.36
CA LYS C 182 -2.84 20.33 15.09
C LYS C 182 -1.70 19.67 14.30
N GLU C 183 -1.55 18.36 14.45
CA GLU C 183 -0.48 17.60 13.76
C GLU C 183 -0.74 17.27 12.28
N ILE C 184 -2.01 17.24 11.89
CA ILE C 184 -2.36 16.92 10.50
C ILE C 184 -1.83 18.02 9.56
N ASP C 185 -1.28 17.63 8.41
CA ASP C 185 -0.80 18.60 7.44
C ASP C 185 -2.01 19.04 6.58
N TRP C 186 -2.68 20.11 6.97
CA TRP C 186 -3.85 20.59 6.25
C TRP C 186 -3.57 21.16 4.89
N LEU C 187 -2.31 21.44 4.59
CA LEU C 187 -1.95 22.05 3.30
C LEU C 187 -1.39 21.06 2.28
N SER C 188 -1.49 19.79 2.59
CA SER C 188 -0.96 18.74 1.72
C SER C 188 -1.85 18.46 0.49
N ASP C 189 -1.26 17.96 -0.58
CA ASP C 189 -2.03 17.60 -1.78
C ASP C 189 -2.46 16.10 -1.72
N VAL C 190 -2.14 15.41 -0.62
CA VAL C 190 -2.44 13.97 -0.53
C VAL C 190 -3.96 13.69 -0.57
N TYR C 191 -4.77 14.67 -0.20
CA TYR C 191 -6.21 14.48 -0.13
C TYR C 191 -6.85 14.37 -1.48
N MET C 192 -6.10 14.75 -2.52
CA MET C 192 -6.62 14.65 -3.87
C MET C 192 -6.03 13.47 -4.64
N LYS C 193 -5.34 12.55 -3.94
CA LYS C 193 -4.80 11.38 -4.63
C LYS C 193 -5.99 10.43 -4.68
N PRO C 194 -6.24 9.79 -5.84
CA PRO C 194 -7.38 8.89 -5.96
C PRO C 194 -7.38 7.62 -5.13
N LEU C 195 -8.57 7.08 -4.94
CA LEU C 195 -8.76 5.83 -4.19
C LEU C 195 -8.27 4.65 -5.05
N PRO C 196 -7.28 3.87 -4.58
CA PRO C 196 -6.76 2.73 -5.37
C PRO C 196 -7.86 1.73 -5.80
N GLY C 197 -7.89 1.43 -7.10
CA GLY C 197 -8.83 0.48 -7.66
C GLY C 197 -10.30 0.85 -7.70
N VAL C 198 -10.64 2.11 -7.52
CA VAL C 198 -12.06 2.48 -7.47
C VAL C 198 -12.42 3.34 -8.67
N SER C 199 -13.38 2.91 -9.48
CA SER C 199 -13.77 3.72 -10.65
C SER C 199 -14.65 4.91 -10.24
N ALA C 200 -14.79 5.89 -11.14
CA ALA C 200 -15.64 7.05 -10.85
C ALA C 200 -17.08 6.58 -10.56
N GLN C 201 -17.56 5.56 -11.27
CA GLN C 201 -18.93 5.10 -11.02
C GLN C 201 -19.08 4.44 -9.65
N GLN C 202 -18.04 3.77 -9.18
CA GLN C 202 -18.09 3.16 -7.84
C GLN C 202 -18.09 4.27 -6.76
N SER C 203 -17.23 5.26 -6.93
CA SER C 203 -17.16 6.42 -6.01
C SER C 203 -18.50 7.13 -5.97
N LEU C 204 -19.10 7.31 -7.14
CA LEU C 204 -20.39 7.98 -7.24
C LEU C 204 -21.47 7.32 -6.40
N LYS C 205 -21.50 5.99 -6.40
CA LYS C 205 -22.51 5.27 -5.59
C LYS C 205 -22.31 5.46 -4.09
N ALA C 206 -21.07 5.68 -3.65
CA ALA C 206 -20.77 5.94 -2.25
C ALA C 206 -21.17 7.39 -1.93
N ILE C 207 -20.81 8.33 -2.80
CA ILE C 207 -21.20 9.72 -2.59
C ILE C 207 -22.76 9.85 -2.58
N ASP C 208 -23.44 9.03 -3.38
CA ASP C 208 -24.90 9.04 -3.40
C ASP C 208 -25.47 8.84 -1.95
N LYS C 209 -24.86 7.98 -1.16
CA LYS C 209 -25.36 7.74 0.22
C LYS C 209 -25.26 9.00 1.06
N MET C 210 -24.19 9.78 0.82
CA MET C 210 -24.01 11.03 1.56
C MET C 210 -25.04 12.07 1.12
N ILE C 211 -25.32 12.12 -0.17
CA ILE C 211 -26.33 13.06 -0.71
C ILE C 211 -27.70 12.74 -0.08
N VAL C 212 -28.04 11.45 -0.05
CA VAL C 212 -29.29 10.97 0.56
C VAL C 212 -29.36 11.38 2.03
N MET C 213 -28.26 11.18 2.77
CA MET C 213 -28.21 11.58 4.19
C MET C 213 -28.42 13.11 4.33
N GLY C 214 -27.78 13.89 3.47
CA GLY C 214 -27.93 15.33 3.53
C GLY C 214 -29.37 15.75 3.27
N ALA C 215 -30.06 15.07 2.37
CA ALA C 215 -31.44 15.40 2.06
C ALA C 215 -32.36 15.08 3.24
N GLN C 216 -31.98 14.09 4.06
CA GLN C 216 -32.76 13.70 5.21
C GLN C 216 -32.50 14.51 6.46
N ALA C 217 -31.33 15.12 6.55
CA ALA C 217 -30.94 15.89 7.71
C ALA C 217 -31.82 17.10 8.00
N ASP C 218 -31.80 17.55 9.26
CA ASP C 218 -32.58 18.72 9.65
C ASP C 218 -31.94 19.95 9.00
N GLY C 219 -32.73 20.71 8.25
CA GLY C 219 -32.23 21.88 7.53
C GLY C 219 -31.59 22.94 8.39
N ASN C 220 -32.14 23.13 9.59
CA ASN C 220 -31.59 24.13 10.53
C ASN C 220 -30.27 23.61 11.12
N ALA C 221 -30.20 22.33 11.43
CA ALA C 221 -28.97 21.75 11.97
C ALA C 221 -27.87 21.88 10.93
N LEU C 222 -28.20 21.64 9.66
CA LEU C 222 -27.21 21.75 8.57
C LEU C 222 -26.72 23.18 8.43
N LYS C 223 -27.67 24.12 8.47
CA LYS C 223 -27.37 25.54 8.37
C LYS C 223 -26.42 25.96 9.51
N ALA C 224 -26.73 25.54 10.73
CA ALA C 224 -25.88 25.88 11.88
C ALA C 224 -24.48 25.26 11.74
N ALA C 225 -24.40 24.04 11.21
CA ALA C 225 -23.10 23.38 11.02
C ALA C 225 -22.26 24.15 9.98
N ALA C 226 -22.90 24.65 8.91
CA ALA C 226 -22.17 25.44 7.90
C ALA C 226 -21.67 26.77 8.54
N GLU C 227 -22.52 27.42 9.32
CA GLU C 227 -22.13 28.65 9.99
C GLU C 227 -20.95 28.42 10.93
N ALA C 228 -20.94 27.28 11.64
CA ALA C 228 -19.85 26.97 12.55
C ALA C 228 -18.55 26.82 11.77
N HIS C 229 -18.60 26.25 10.57
CA HIS C 229 -17.37 26.10 9.77
C HIS C 229 -16.90 27.46 9.28
N HIS C 230 -17.82 28.34 8.90
CA HIS C 230 -17.42 29.67 8.43
C HIS C 230 -16.68 30.38 9.56
N LYS C 231 -17.18 30.27 10.79
CA LYS C 231 -16.52 30.92 11.90
C LYS C 231 -15.14 30.32 12.13
N ALA C 232 -15.05 29.00 12.07
CA ALA C 232 -13.79 28.29 12.26
C ALA C 232 -12.73 28.70 11.24
N ILE C 233 -13.14 28.91 9.98
CA ILE C 233 -12.17 29.34 8.97
C ILE C 233 -11.59 30.73 9.35
N GLY C 234 -12.38 31.54 10.02
CA GLY C 234 -11.91 32.86 10.44
C GLY C 234 -10.76 32.85 11.45
N SER C 235 -10.65 31.80 12.26
CA SER C 235 -9.60 31.79 13.27
C SER C 235 -8.38 30.94 12.99
N ILE C 236 -8.20 30.48 11.76
CA ILE C 236 -7.05 29.61 11.46
C ILE C 236 -5.72 30.33 11.59
N ASP C 237 -4.70 29.60 12.01
CA ASP C 237 -3.36 30.16 12.10
C ASP C 237 -2.68 29.99 10.74
N ALA C 238 -1.38 30.19 10.69
CA ALA C 238 -0.63 30.11 9.45
C ALA C 238 -0.58 28.71 8.84
N THR C 239 -0.75 27.68 9.65
CA THR C 239 -0.73 26.32 9.13
C THR C 239 -2.14 25.78 8.80
N GLY C 240 -3.17 26.63 8.94
CA GLY C 240 -4.53 26.24 8.64
C GLY C 240 -5.34 25.65 9.79
N VAL C 241 -4.78 25.63 11.01
CA VAL C 241 -5.47 25.06 12.16
C VAL C 241 -6.35 26.12 12.88
N THR C 242 -7.63 25.81 13.02
CA THR C 242 -8.60 26.69 13.68
C THR C 242 -8.37 26.66 15.21
N SER C 243 -9.03 27.56 15.92
CA SER C 243 -8.91 27.62 17.37
C SER C 243 -9.65 26.45 18.03
N ALA C 244 -9.25 26.13 19.24
CA ALA C 244 -9.83 25.03 20.01
C ALA C 244 -11.32 25.28 20.26
N ALA C 245 -11.69 26.54 20.52
CA ALA C 245 -13.08 26.88 20.76
C ALA C 245 -13.96 26.70 19.50
N ASP C 246 -13.43 27.11 18.35
CA ASP C 246 -14.18 26.97 17.11
C ASP C 246 -14.28 25.48 16.72
N TYR C 247 -13.23 24.73 17.02
CA TYR C 247 -13.21 23.29 16.73
C TYR C 247 -14.33 22.62 17.54
N ALA C 248 -14.45 23.01 18.81
CA ALA C 248 -15.50 22.44 19.66
C ALA C 248 -16.89 22.75 19.14
N ALA C 249 -17.07 23.96 18.62
CA ALA C 249 -18.36 24.38 18.07
C ALA C 249 -18.68 23.57 16.81
N VAL C 250 -17.67 23.31 15.99
CA VAL C 250 -17.88 22.49 14.78
C VAL C 250 -18.31 21.05 15.19
N ASN C 251 -17.61 20.46 16.16
CA ASN C 251 -17.95 19.10 16.59
C ASN C 251 -19.37 19.01 17.15
N ALA C 252 -19.76 19.98 17.96
CA ALA C 252 -21.12 19.97 18.51
C ALA C 252 -22.16 20.09 17.40
N ALA C 253 -21.90 20.98 16.44
CA ALA C 253 -22.82 21.18 15.33
C ALA C 253 -22.95 19.89 14.46
N LEU C 254 -21.83 19.23 14.18
CA LEU C 254 -21.87 18.00 13.38
C LEU C 254 -22.57 16.88 14.14
N GLY C 255 -22.36 16.83 15.46
CA GLY C 255 -23.02 15.81 16.26
C GLY C 255 -24.54 15.96 16.16
N ARG C 256 -25.04 17.21 16.20
CA ARG C 256 -26.47 17.46 16.07
C ARG C 256 -26.99 17.06 14.68
N VAL C 257 -26.19 17.32 13.64
CA VAL C 257 -26.59 16.91 12.29
C VAL C 257 -26.75 15.38 12.25
N ILE C 258 -25.78 14.66 12.82
CA ILE C 258 -25.81 13.18 12.80
C ILE C 258 -27.06 12.67 13.53
N ALA C 259 -27.36 13.29 14.66
CA ALA C 259 -28.52 12.86 15.44
C ALA C 259 -29.85 13.26 14.82
N SER C 260 -29.83 13.99 13.70
CA SER C 260 -31.07 14.37 13.04
C SER C 260 -31.54 13.41 11.94
N VAL C 261 -30.80 12.33 11.74
CA VAL C 261 -31.19 11.32 10.76
C VAL C 261 -31.13 9.99 11.51
N PRO C 262 -31.89 8.98 11.08
CA PRO C 262 -31.86 7.68 11.79
C PRO C 262 -30.51 6.96 11.63
N LYS C 263 -30.21 6.07 12.57
CA LYS C 263 -28.98 5.32 12.53
C LYS C 263 -28.69 4.61 11.19
N SER C 264 -29.70 4.01 10.58
CA SER C 264 -29.54 3.26 9.33
C SER C 264 -29.00 4.14 8.20
N THR C 265 -29.43 5.40 8.15
CA THR C 265 -28.95 6.35 7.14
C THR C 265 -27.45 6.65 7.30
N VAL C 266 -27.00 6.77 8.55
CA VAL C 266 -25.59 7.01 8.83
C VAL C 266 -24.75 5.76 8.54
N MET C 267 -25.27 4.60 8.92
CA MET C 267 -24.57 3.34 8.65
C MET C 267 -24.46 3.07 7.14
N ASP C 268 -25.46 3.47 6.35
CA ASP C 268 -25.38 3.30 4.88
C ASP C 268 -24.17 4.08 4.32
N VAL C 269 -23.92 5.28 4.85
CA VAL C 269 -22.76 6.05 4.42
C VAL C 269 -21.49 5.31 4.81
N TYR C 270 -21.40 4.89 6.08
CA TYR C 270 -20.21 4.20 6.55
C TYR C 270 -19.91 2.93 5.74
N ASN C 271 -20.91 2.10 5.51
CA ASN C 271 -20.71 0.87 4.77
C ASN C 271 -20.29 1.12 3.34
N ALA C 272 -20.86 2.13 2.70
CA ALA C 272 -20.49 2.43 1.32
C ALA C 272 -19.02 2.93 1.27
N MET C 273 -18.64 3.79 2.22
CA MET C 273 -17.26 4.30 2.26
C MET C 273 -16.29 3.17 2.60
N ALA C 274 -16.70 2.24 3.47
CA ALA C 274 -15.81 1.12 3.84
C ALA C 274 -15.50 0.30 2.57
N GLY C 275 -16.48 0.24 1.68
CA GLY C 275 -16.28 -0.52 0.46
C GLY C 275 -15.31 0.13 -0.53
N VAL C 276 -15.11 1.43 -0.49
CA VAL C 276 -14.18 2.07 -1.42
C VAL C 276 -12.86 2.60 -0.80
N THR C 277 -12.66 2.40 0.51
CA THR C 277 -11.47 2.94 1.14
C THR C 277 -10.43 1.88 1.40
N ASP C 278 -9.35 1.91 0.63
CA ASP C 278 -8.26 0.95 0.80
C ASP C 278 -7.74 1.03 2.25
N THR C 279 -7.44 -0.11 2.85
CA THR C 279 -6.97 -0.13 4.25
C THR C 279 -5.63 0.56 4.46
N SER C 280 -4.87 0.83 3.39
CA SER C 280 -3.60 1.56 3.57
C SER C 280 -3.81 3.06 3.75
N ILE C 281 -4.98 3.57 3.39
CA ILE C 281 -5.23 5.01 3.52
C ILE C 281 -5.23 5.48 4.99
N PRO C 282 -6.00 4.81 5.88
CA PRO C 282 -6.00 5.22 7.30
C PRO C 282 -4.59 5.07 7.87
N LEU C 283 -3.87 4.01 7.46
CA LEU C 283 -2.52 3.79 7.93
C LEU C 283 -1.59 4.91 7.46
N ASN C 284 -1.69 5.29 6.19
CA ASN C 284 -0.84 6.38 5.69
C ASN C 284 -1.09 7.68 6.49
N MET C 285 -2.35 7.98 6.80
CA MET C 285 -2.67 9.19 7.59
C MET C 285 -2.13 9.08 9.00
N PHE C 286 -2.31 7.91 9.61
CA PHE C 286 -1.84 7.64 10.96
C PHE C 286 -0.31 7.78 11.09
N SER C 287 0.42 7.36 10.07
CA SER C 287 1.86 7.40 10.10
C SER C 287 2.44 8.80 10.05
N LYS C 288 1.64 9.79 9.69
CA LYS C 288 2.14 11.16 9.59
C LYS C 288 1.93 11.98 10.85
N VAL C 289 1.25 11.43 11.84
CA VAL C 289 1.00 12.16 13.08
C VAL C 289 1.57 11.42 14.29
N ASN C 290 1.36 11.96 15.49
CA ASN C 290 1.85 11.30 16.70
C ASN C 290 0.88 10.15 16.96
N PRO C 291 1.39 8.92 17.08
CA PRO C 291 0.52 7.76 17.32
C PRO C 291 -0.26 7.74 18.62
N LEU C 292 0.30 8.36 19.66
CA LEU C 292 -0.37 8.43 20.94
C LEU C 292 -1.55 9.39 20.84
N ASP C 293 -1.34 10.50 20.18
CA ASP C 293 -2.41 11.49 20.05
C ASP C 293 -3.52 11.01 19.13
N ALA C 294 -3.17 10.25 18.09
CA ALA C 294 -4.20 9.70 17.20
C ALA C 294 -5.08 8.70 17.99
N ASN C 295 -4.46 7.85 18.80
CA ASN C 295 -5.24 6.89 19.61
C ASN C 295 -6.09 7.58 20.67
N ALA C 296 -5.58 8.68 21.22
CA ALA C 296 -6.32 9.47 22.22
C ALA C 296 -7.56 10.08 21.52
N ALA C 297 -7.36 10.64 20.32
CA ALA C 297 -8.48 11.22 19.58
C ALA C 297 -9.53 10.15 19.25
N ALA C 298 -9.07 8.98 18.81
CA ALA C 298 -9.99 7.88 18.43
C ALA C 298 -10.79 7.39 19.64
N LYS C 299 -10.12 7.18 20.77
CA LYS C 299 -10.82 6.73 21.98
C LYS C 299 -11.89 7.77 22.38
N ALA C 300 -11.53 9.06 22.33
CA ALA C 300 -12.47 10.13 22.65
C ALA C 300 -13.65 10.09 21.67
N PHE C 301 -13.38 9.85 20.38
CA PHE C 301 -14.47 9.77 19.39
C PHE C 301 -15.44 8.63 19.70
N TYR C 302 -14.93 7.43 19.98
CA TYR C 302 -15.82 6.30 20.27
C TYR C 302 -16.64 6.53 21.55
N THR C 303 -16.16 7.41 22.43
CA THR C 303 -16.89 7.77 23.64
C THR C 303 -17.99 8.78 23.30
N PHE C 304 -17.64 9.77 22.50
CA PHE C 304 -18.57 10.82 22.07
C PHE C 304 -19.73 10.26 21.27
N LYS C 305 -19.46 9.29 20.39
CA LYS C 305 -20.52 8.74 19.56
C LYS C 305 -21.64 8.08 20.36
N ASP C 306 -21.36 7.65 21.59
CA ASP C 306 -22.41 7.05 22.43
C ASP C 306 -23.45 8.10 22.83
N VAL C 307 -23.01 9.33 23.02
CA VAL C 307 -23.94 10.42 23.38
C VAL C 307 -24.78 10.75 22.14
N VAL C 308 -24.14 10.83 20.97
CA VAL C 308 -24.87 11.12 19.73
C VAL C 308 -25.88 9.99 19.47
N GLN C 309 -25.44 8.75 19.64
CA GLN C 309 -26.31 7.59 19.41
C GLN C 309 -27.58 7.64 20.29
N ALA C 310 -27.41 8.00 21.55
CA ALA C 310 -28.56 8.11 22.47
C ALA C 310 -29.51 9.21 22.02
N ALA C 311 -28.97 10.37 21.61
CA ALA C 311 -29.83 11.46 21.14
C ALA C 311 -30.57 11.13 19.84
N GLN C 312 -29.93 10.36 18.97
CA GLN C 312 -30.48 9.96 17.68
C GLN C 312 -31.64 8.94 17.84
MG CLA D . 16.27 -15.54 -22.51
CHA CLA D . 19.71 -14.86 -22.45
CHB CLA D . 16.31 -15.88 -19.06
CHC CLA D . 12.76 -15.42 -22.38
CHD CLA D . 16.18 -14.19 -25.73
NA CLA D . 17.82 -15.41 -20.96
C1A CLA D . 19.19 -15.17 -21.18
C2A CLA D . 19.93 -15.21 -19.87
C3A CLA D . 18.87 -15.67 -18.86
C4A CLA D . 17.57 -15.67 -19.63
CMA CLA D . 19.16 -17.12 -18.38
CAA CLA D . 20.51 -13.85 -19.46
CBA CLA D . 21.40 -13.90 -18.20
CGA CLA D . 22.57 -14.88 -18.37
O1A CLA D . 23.33 -14.75 -19.34
O2A CLA D . 22.75 -15.97 -17.53
NB CLA D . 14.81 -15.62 -20.98
C1B CLA D . 15.07 -15.87 -19.67
C2B CLA D . 13.83 -16.19 -19.00
C3B CLA D . 12.83 -16.10 -19.90
C4B CLA D . 13.43 -15.69 -21.17
CMB CLA D . 13.73 -16.55 -17.54
CAB CLA D . 11.49 -16.37 -19.44
CBB CLA D . 10.43 -16.34 -20.31
NC CLA D . 14.74 -14.97 -23.84
C1C CLA D . 13.38 -15.07 -23.61
C2C CLA D . 12.69 -14.73 -24.83
C3C CLA D . 13.64 -14.33 -25.74
C4C CLA D . 14.92 -14.49 -25.12
CMC CLA D . 11.15 -14.80 -25.06
CAC CLA D . 13.40 -13.78 -27.16
CBC CLA D . 13.08 -14.93 -28.10
ND CLA D . 17.59 -14.79 -23.83
C1D CLA D . 17.44 -14.35 -25.14
C2D CLA D . 18.74 -14.14 -25.75
C3D CLA D . 19.65 -14.39 -24.78
C4D CLA D . 18.92 -14.72 -23.59
CMD CLA D . 19.03 -13.70 -27.21
CAD CLA D . 21.06 -14.40 -24.44
OBD CLA D . 22.06 -14.31 -25.15
CBD CLA D . 21.15 -14.50 -22.90
CGD CLA D . 22.13 -15.62 -22.53
O1D CLA D . 21.69 -16.77 -22.16
O2D CLA D . 23.53 -15.32 -22.58
CED CLA D . 24.50 -16.33 -22.33
C1 CLA D . 23.67 -17.00 -17.99
C2 CLA D . 22.98 -17.85 -18.94
C3 CLA D . 22.39 -19.08 -18.74
C4 CLA D . 22.38 -19.79 -17.39
C5 CLA D . 21.76 -19.89 -19.89
C6 CLA D . 22.81 -20.57 -20.77
C7 CLA D . 23.05 -21.98 -20.30
C8 CLA D . 24.14 -22.77 -21.05
C9 CLA D . 23.94 -22.69 -22.57
C10 CLA D . 25.50 -22.20 -20.69
C11 CLA D . 25.85 -22.21 -19.21
C12 CLA D . 27.28 -21.68 -19.14
C13 CLA D . 27.72 -21.08 -17.80
C14 CLA D . 27.59 -22.08 -16.65
C15 CLA D . 26.96 -19.77 -17.55
C16 CLA D . 26.80 -18.86 -18.76
C17 CLA D . 28.08 -18.16 -19.18
C18 CLA D . 27.91 -17.23 -20.39
C19 CLA D . 29.19 -16.52 -20.73
C20 CLA D . 27.41 -18.01 -21.59
MG CLA E . 8.73 0.03 -23.86
CHA CLA E . 5.42 -0.19 -22.64
CHB CLA E . 9.62 1.55 -20.85
CHC CLA E . 12.01 -0.31 -24.69
CHD CLA E . 7.82 -2.25 -26.39
NA CLA E . 7.66 0.54 -21.96
C1A CLA E . 6.27 0.43 -21.76
C2A CLA E . 5.90 1.02 -20.41
C3A CLA E . 7.23 1.61 -19.89
C4A CLA E . 8.26 1.24 -20.92
CMA CLA E . 7.13 3.18 -19.73
CAA CLA E . 5.34 -0.02 -19.42
CBA CLA E . 4.81 0.56 -18.10
CGA CLA E . 3.71 1.56 -18.32
O1A CLA E . 2.68 1.22 -18.93
O2A CLA E . 3.84 2.88 -17.92
NB CLA E . 10.49 0.57 -22.96
C1B CLA E . 10.63 1.24 -21.77
C2B CLA E . 12.02 1.58 -21.60
C3B CLA E . 12.71 1.12 -22.68
C4B CLA E . 11.74 0.43 -23.53
CMB CLA E . 12.54 2.35 -20.37
CAB CLA E . 14.14 1.38 -22.78
CBB CLA E . 14.81 1.00 -23.90
NC CLA E . 9.72 -1.05 -25.34
C1C CLA E . 11.08 -1.02 -25.52
C2C CLA E . 11.41 -1.83 -26.68
C3C CLA E . 10.26 -2.36 -27.15
C4C CLA E . 9.18 -1.87 -26.29
CMC CLA E . 12.85 -2.03 -27.24
CAC CLA E . 10.12 -3.32 -28.32
CBC CLA E . 9.97 -2.52 -29.63
ND CLA E . 7.05 -0.97 -24.44
C1D CLA E . 6.80 -1.81 -25.51
C2D CLA E . 5.40 -2.16 -25.59
C3D CLA E . 4.80 -1.51 -24.55
C4D CLA E . 5.84 -0.81 -23.82
CMD CLA E . 4.74 -3.11 -26.64
CAD CLA E . 3.58 -1.31 -23.82
OBD CLA E . 2.41 -1.61 -24.10
CBD CLA E . 3.92 -0.59 -22.49
CGD CLA E . 3.02 0.63 -22.34
O1D CLA E . 3.49 1.77 -22.41
O2D CLA E . 1.70 0.47 -22.06
CED CLA E . 0.85 1.62 -22.01
C1 CLA E . 2.84 3.82 -18.44
C2 CLA E . 3.25 4.24 -19.76
C3 CLA E . 4.17 5.20 -20.16
C4 CLA E . 5.00 6.06 -19.17
C5 CLA E . 4.50 5.46 -21.65
C6 CLA E . 4.14 6.87 -22.16
C7 CLA E . 2.67 7.30 -21.86
C8 CLA E . 1.58 6.47 -22.55
C9 CLA E . 1.79 6.49 -24.08
C10 CLA E . 0.21 7.13 -22.32
C11 CLA E . -0.18 7.47 -20.89
C12 CLA E . -0.54 6.24 -20.11
C13 CLA E . -1.43 6.47 -18.86
C14 CLA E . -0.75 7.29 -17.75
C15 CLA E . -1.75 5.09 -18.28
C16 CLA E . -2.63 4.22 -19.19
C17 CLA E . -2.97 2.91 -18.51
C18 CLA E . -3.41 1.81 -19.45
C19 CLA E . -3.50 0.50 -18.65
C20 CLA E . -2.38 1.66 -20.51
C1 PID F . 32.60 -19.16 -13.16
C2 PID F . 34.09 -19.57 -13.31
C3 PID F . 34.46 -20.67 -14.31
C4 PID F . 33.50 -20.61 -15.51
C5 PID F . 31.97 -20.69 -15.27
C6 PID F . 31.54 -19.73 -14.13
C7 PID F . 30.15 -19.80 -13.70
C8 PID F . 29.24 -18.76 -14.07
C9 PID F . 27.84 -18.80 -13.81
C10 PID F . 27.02 -19.81 -13.13
C11 PID F . 26.99 -17.85 -14.31
C12 PID F . 25.69 -18.26 -13.93
C13 PID F . 24.56 -17.52 -14.30
C14 PID F . 23.23 -17.87 -14.03
C15 PID F . 22.23 -16.98 -14.49
C16 PID F . 20.84 -17.25 -14.33
C17 PID F . 19.90 -16.31 -14.78
C18 PID F . 18.53 -16.54 -14.59
C19 PID F . 17.55 -15.55 -14.86
C20 PID F . 16.20 -15.87 -14.56
C21 PID F . 15.14 -14.96 -14.63
C22 PID F . 13.92 -15.39 -14.10
C23 PID F . 12.87 -14.52 -13.81
C24 PID F . 11.82 -13.71 -13.50
C25 PID F . 10.52 -13.79 -14.33
C26 PID F . 9.91 -12.40 -14.39
C27 PID F . 9.72 -11.67 -13.04
C28 PID F . 11.08 -11.57 -12.32
C29 PID F . 11.81 -12.93 -12.12
C30 PID F . 8.51 -9.78 -12.40
C31 PID F . 8.13 -8.33 -12.58
CM1 PID F . 32.16 -18.68 -11.80
CM2 PID F . 31.53 -22.10 -14.93
CM3 PID F . 31.32 -20.24 -16.58
CM4 PID F . 22.84 -19.16 -13.27
CM5 PID F . 15.26 -13.62 -15.40
CM6 PID F . 10.80 -14.30 -15.74
CM7 PID F . 9.53 -14.75 -13.66
CM8 PID F . 13.21 -12.68 -11.59
O1 PID F . 32.08 -18.34 -14.30
O2 PID F . 34.35 -21.95 -13.67
O3 PID F . 27.43 -20.97 -12.87
O4 PID F . 25.72 -19.53 -13.31
O5 PID F . 11.11 -13.70 -11.13
O6 PID F . 9.25 -10.34 -13.34
O7 PID F . 8.46 -10.27 -11.26
C1 PID G . 25.39 -10.42 -3.74
C2 PID G . 26.30 -10.19 -2.53
C3 PID G . 27.80 -10.06 -2.74
C4 PID G . 28.06 -9.29 -4.04
C5 PID G . 27.41 -9.68 -5.37
C6 PID G . 25.92 -10.15 -5.18
C7 PID G . 25.28 -10.84 -6.28
C8 PID G . 24.33 -10.16 -7.11
C9 PID G . 23.73 -10.75 -8.25
C10 PID G . 23.98 -12.07 -8.84
C11 PID G . 22.86 -10.10 -9.06
C12 PID G . 22.55 -11.01 -10.09
C13 PID G . 21.71 -10.67 -11.17
C14 PID G . 21.39 -11.53 -12.26
C15 PID G . 20.49 -11.05 -13.22
C16 PID G . 20.08 -11.78 -14.35
C17 PID G . 19.13 -11.18 -15.22
C18 PID G . 18.62 -11.85 -16.34
C19 PID G . 17.64 -11.24 -17.13
C20 PID G . 17.07 -11.91 -18.23
C21 PID G . 16.02 -11.37 -18.97
C22 PID G . 15.47 -12.14 -20.00
C23 PID G . 14.24 -11.84 -20.53
C24 PID G . 13.02 -11.56 -21.05
C25 PID G . 12.87 -10.69 -22.35
C26 PID G . 11.84 -9.58 -22.10
C27 PID G . 10.53 -9.96 -21.39
C28 PID G . 10.85 -10.74 -20.10
C29 PID G . 11.75 -11.98 -20.27
C30 PID G . 8.63 -8.70 -21.29
C31 PID G . 7.91 -7.39 -20.96
CM1 PID G . 24.28 -11.45 -3.59
CM2 PID G . 28.19 -10.73 -6.11
CM3 PID G . 27.44 -8.37 -6.17
CM4 PID G . 22.17 -12.84 -12.54
CM5 PID G . 15.57 -9.92 -18.76
CM6 PID G . 14.20 -10.05 -22.74
CM7 PID G . 12.36 -11.58 -23.49
CM8 PID G . 12.10 -12.59 -18.89
O1 PID G . 25.04 -9.16 -4.48
O2 PID G . 28.33 -11.38 -2.91
O3 PID G . 24.90 -12.83 -8.50
O4 PID G . 23.31 -12.19 -9.97
O5 PID G . 11.05 -12.96 -21.05
O6 PID G . 9.89 -8.73 -21.01
O7 PID G . 7.98 -9.76 -21.21
C1 PID H . 36.03 -14.12 -25.03
C2 PID H . 37.49 -14.51 -24.78
C3 PID H . 38.02 -15.88 -25.15
C4 PID H . 37.09 -16.54 -26.18
C5 PID H . 35.59 -16.59 -25.89
C6 PID H . 35.06 -15.17 -25.60
C7 PID H . 33.65 -15.06 -25.25
C8 PID H . 32.81 -14.12 -25.86
C9 PID H . 31.44 -14.08 -25.59
C10 PID H . 30.62 -15.00 -24.76
C11 PID H . 30.59 -13.30 -26.28
C12 PID H . 29.31 -13.57 -25.78
C13 PID H . 28.18 -12.92 -26.26
C14 PID H . 26.86 -13.06 -25.77
C15 PID H . 25.87 -12.27 -26.36
C16 PID H . 24.52 -12.28 -25.96
C17 PID H . 23.60 -11.43 -26.62
C18 PID H . 22.25 -11.37 -26.22
C19 PID H . 21.37 -10.50 -26.85
C20 PID H . 20.05 -10.39 -26.41
C21 PID H . 19.12 -9.53 -27.00
C22 PID H . 17.93 -9.31 -26.30
C23 PID H . 16.76 -8.89 -26.93
C24 PID H . 15.62 -8.50 -27.53
C25 PID H . 14.69 -9.54 -28.23
C26 PID H . 14.24 -8.98 -29.58
C27 PID H . 13.78 -7.51 -29.67
C28 PID H . 14.80 -6.61 -28.96
C29 PID H . 15.22 -6.97 -27.54
C30 PID H . 12.62 -6.84 -31.53
C31 PID H . 12.52 -6.61 -33.03
CM1 PID H . 35.48 -13.02 -24.13
CM2 PID H . 35.33 -17.50 -24.70
CM3 PID H . 34.90 -17.17 -27.10
CM4 PID H . 26.49 -14.11 -24.70
CM5 PID H . 19.23 -9.14 -28.48
CM6 PID H . 15.44 -10.86 -28.41
CM7 PID H . 13.44 -9.79 -27.33
CM8 PID H . 16.39 -6.12 -27.06
O1 PID H . 35.62 -14.08 -26.47
O2 PID H . 39.32 -15.71 -25.73
O3 PID H . 31.05 -15.46 -23.69
O4 PID H . 29.34 -14.67 -24.89
O5 PID H . 14.09 -6.76 -26.67
O6 PID H . 13.79 -7.14 -31.05
O7 PID H . 11.61 -7.03 -30.86
C1 PID I . 30.71 -15.97 -29.05
C2 PID I . 32.12 -15.73 -29.61
C3 PID I . 32.13 -15.01 -30.96
C4 PID I . 31.24 -15.80 -31.93
C5 PID I . 29.74 -15.82 -31.59
C6 PID I . 29.49 -15.99 -30.01
C7 PID I . 28.36 -16.76 -29.60
C8 PID I . 27.36 -16.23 -28.73
C9 PID I . 26.25 -17.01 -28.32
C10 PID I . 25.94 -18.41 -28.65
C11 PID I . 25.37 -16.60 -27.36
C12 PID I . 24.47 -17.68 -27.20
C13 PID I . 23.47 -17.66 -26.20
C14 PID I . 22.60 -18.74 -25.91
C15 PID I . 21.73 -18.58 -24.81
C16 PID I . 20.84 -19.60 -24.38
C17 PID I . 19.99 -19.36 -23.27
C18 PID I . 19.10 -20.34 -22.84
C19 PID I . 18.19 -20.09 -21.79
C20 PID I . 17.21 -21.07 -21.51
C21 PID I . 16.20 -20.91 -20.57
C22 PID I . 15.22 -21.87 -20.53
C23 PID I . 14.19 -21.78 -19.59
C24 PID I . 13.21 -21.70 -18.67
C25 PID I . 11.89 -20.92 -18.96
C26 PID I . 11.64 -19.92 -17.82
C27 PID I . 11.82 -20.43 -16.38
C28 PID I . 13.22 -21.06 -16.25
C29 PID I . 13.48 -22.22 -17.23
C30 PID I . 11.11 -19.59 -14.34
C31 PID I . 10.86 -18.45 -13.37
CM1 PID I . 30.59 -16.79 -27.78
CM2 PID I . 29.12 -17.00 -32.38
CM3 PID I . 29.11 -14.54 -32.08
CM4 PID I . 22.68 -20.07 -26.65
CM5 PID I . 16.14 -19.66 -19.63
CM6 PID I . 12.01 -20.19 -20.32
CM7 PID I . 10.72 -21.92 -19.02
CM8 PID I . 14.93 -22.72 -17.11
O1 PID I . 29.80 -14.78 -29.16
O2 PID I . 33.46 -14.97 -31.47
O3 PID I . 26.33 -18.96 -29.67
O4 PID I . 24.78 -18.76 -28.06
O5 PID I . 12.59 -23.32 -16.97
O6 PID I . 11.74 -19.31 -15.47
O7 PID I . 10.58 -20.70 -14.14
C1 PID J . -4.26 6.29 -11.96
C2 PID J . -5.64 6.79 -11.57
C3 PID J . -6.57 6.96 -12.78
C4 PID J . -5.92 8.01 -13.69
C5 PID J . -4.58 7.56 -14.34
C6 PID J . -3.68 6.73 -13.34
C7 PID J . -2.23 6.86 -13.46
C8 PID J . -1.42 5.77 -13.85
C9 PID J . -0.02 5.88 -14.03
C10 PID J . 0.87 7.04 -13.90
C11 PID J . 0.78 4.81 -14.37
C12 PID J . 2.12 5.32 -14.45
C13 PID J . 3.21 4.50 -14.79
C14 PID J . 4.55 4.92 -14.93
C15 PID J . 5.48 3.95 -15.35
C16 PID J . 6.87 4.22 -15.56
C17 PID J . 7.70 3.14 -15.91
C18 PID J . 9.09 3.34 -16.18
C19 PID J . 9.97 2.25 -16.41
C20 PID J . 11.34 2.56 -16.58
C21 PID J . 12.38 1.62 -16.61
C22 PID J . 13.70 2.14 -16.54
C23 PID J . 14.83 1.37 -16.46
C24 PID J . 15.96 0.62 -16.41
C25 PID J . 16.88 0.46 -17.69
C26 PID J . 17.55 -0.91 -17.63
C27 PID J . 18.24 -1.27 -16.31
C28 PID J . 17.18 -1.20 -15.20
C29 PID J . 16.49 0.17 -15.03
C30 PID J . 19.69 -2.96 -15.66
C31 PID J . 20.19 -4.40 -15.69
CM1 PID J . -3.33 5.96 -10.84
CM2 PID J . -3.86 8.87 -14.78
CM3 PID J . -4.90 6.70 -15.57
CM4 PID J . 4.99 6.40 -14.66
CM5 PID J . 12.13 0.15 -16.97
CM6 PID J . 16.06 0.58 -18.96
CM7 PID J . 17.97 1.58 -17.70
CM8 PID J . 15.31 0.13 -13.98
O1 PID J . -4.20 5.35 -13.13
O2 PID J . -7.84 7.43 -12.31
O3 PID J . 0.51 8.13 -13.49
O4 PID J . 2.15 6.70 -14.09
O5 PID J . 17.47 1.12 -14.55
O6 PID J . 18.69 -2.62 -16.45
O7 PID J . 20.19 -2.19 -14.85
C1 PID K . 6.80 -0.11 -2.36
C2 PID K . 6.56 0.14 -0.84
C3 PID K . 5.14 0.26 -0.28
C4 PID K . 4.16 -0.53 -1.17
C5 PID K . 4.16 -0.35 -2.70
C6 PID K . 5.60 -0.37 -3.28
C7 PID K . 5.76 -0.03 -4.68
C8 PID K . 6.29 -0.94 -5.63
C9 PID K . 6.45 -0.58 -7.00
C10 PID K . 6.10 0.67 -7.69
C11 PID K . 6.86 -1.47 -7.97
C12 PID K . 6.78 -0.77 -9.20
C13 PID K . 7.18 -1.33 -10.43
C14 PID K . 7.11 -0.69 -11.69
C15 PID K . 7.62 -1.38 -12.80
C16 PID K . 7.61 -0.89 -14.14
C17 PID K . 8.26 -1.68 -15.09
C18 PID K . 8.33 -1.37 -16.47
C19 PID K . 9.07 -2.24 -17.28
C20 PID K . 9.20 -2.01 -18.68
C21 PID K . 10.00 -2.83 -19.50
C22 PID K . 10.22 -2.43 -20.85
C23 PID K . 11.22 -3.03 -21.56
C24 PID K . 12.25 -3.61 -22.23
C25 PID K . 12.05 -4.88 -23.11
C26 PID K . 13.16 -5.88 -22.77
C27 PID K . 14.61 -5.38 -22.71
C28 PID K . 14.65 -4.18 -21.76
C29 PID K . 13.68 -3.03 -22.03
C30 PID K . 16.08 -7.06 -23.07
C31 PID K . 17.19 -8.01 -22.62
CM1 PID K . 8.06 0.48 -2.97
CM2 PID K . 3.44 0.95 -3.04
CM3 PID K . 3.37 -1.50 -3.27
CM4 PID K . 6.39 0.67 -11.87
CM5 PID K . 10.76 -4.06 -18.90
CM6 PID K . 12.12 -4.49 -24.63
CM7 PID K . 10.70 -5.56 -22.81
CM8 PID K . 13.71 -2.01 -20.87
O1 PID K . 6.47 -1.48 -2.79
O2 PID K . 4.76 1.63 -0.32
O3 PID K . 5.44 1.57 -7.17
O4 PID K . 6.21 0.52 -9.02
O5 PID K . 14.09 -2.36 -23.23
O6 PID K . 15.45 -6.40 -22.15
O7 PID K . 15.55 -7.23 -24.18
C1 PID L . -11.25 -1.70 -19.87
C2 PID L . -12.60 -1.18 -19.45
C3 PID L . -13.44 -0.64 -20.58
C4 PID L . -12.63 0.47 -21.26
C5 PID L . -11.26 0.12 -21.85
C6 PID L . -10.55 -1.07 -21.09
C7 PID L . -9.11 -1.12 -21.13
C8 PID L . -8.41 -2.11 -21.86
C9 PID L . -6.99 -2.09 -21.98
C10 PID L . -6.02 -1.15 -21.42
C11 PID L . -6.30 -2.98 -22.73
C12 PID L . -4.93 -2.59 -22.62
C13 PID L . -3.89 -3.31 -23.26
C14 PID L . -2.50 -3.02 -23.17
C15 PID L . -1.63 -3.92 -23.80
C16 PID L . -0.21 -3.85 -23.70
C17 PID L . 0.56 -4.87 -24.32
C18 PID L . 1.95 -4.94 -24.17
C19 PID L . 2.69 -5.99 -24.77
C20 PID L . 4.08 -5.98 -24.64
C21 PID L . 4.90 -6.92 -25.26
C22 PID L . 6.24 -6.95 -24.87
C23 PID L . 7.20 -7.62 -25.58
C24 PID L . 8.16 -8.28 -26.32
C25 PID L . 8.77 -7.61 -27.58
C26 PID L . 8.78 -8.62 -28.71
C27 PID L . 9.31 -10.03 -28.41
C28 PID L . 8.63 -10.57 -27.12
C29 PID L . 8.62 -9.67 -25.89
C30 PID L . 9.86 -11.29 -30.24
C31 PID L . 9.51 -12.22 -31.39
CM1 PID L . -10.36 -2.29 -18.78
CM2 PID L . -10.44 1.40 -21.76
CM3 PID L . -11.46 -0.24 -23.34
CM4 PID L . -1.95 -1.68 -22.56
CM5 PID L . 4.36 -7.90 -26.34
CM6 PID L . 7.91 -6.38 -27.98
CM7 PID L . 10.22 -7.18 -27.28
CM8 PID L . 7.69 -10.26 -24.80
O1 PID L . -11.24 -2.40 -21.18
O2 PID L . -14.62 -0.06 -20.02
O3 PID L . -6.32 -0.06 -20.95
O4 PID L . -4.79 -1.41 -21.86
O5 PID L . 9.96 -9.56 -25.36
O6 PID L . 8.88 -10.86 -29.50
O7 PID L . 11.01 -11.28 -29.80
C1 PID M . -7.05 -1.20 -25.75
C2 PID M . -8.54 -1.59 -25.70
C3 PID M . -8.94 -2.69 -26.68
C4 PID M . -8.41 -2.30 -28.07
C5 PID M . -6.88 -2.26 -28.24
C6 PID M . -6.18 -1.55 -27.00
C7 PID M . -4.99 -0.77 -27.25
C8 PID M . -3.75 -1.05 -26.63
C9 PID M . -2.60 -0.25 -26.88
C10 PID M . -2.42 0.91 -27.79
C11 PID M . -1.46 -0.35 -26.14
C12 PID M . -0.62 0.74 -26.59
C13 PID M . 0.63 1.01 -26.00
C14 PID M . 1.46 2.11 -26.34
C15 PID M . 2.64 2.25 -25.62
C16 PID M . 3.54 3.33 -25.84
C17 PID M . 4.66 3.40 -25.04
C18 PID M . 5.64 4.42 -25.24
C19 PID M . 6.82 4.44 -24.46
C20 PID M . 7.81 5.42 -24.77
C21 PID M . 9.06 5.52 -24.14
C22 PID M . 10.00 6.40 -24.71
C23 PID M . 11.26 6.55 -24.15
C24 PID M . 12.48 6.68 -23.58
C25 PID M . 13.64 5.77 -24.04
C26 PID M . 14.25 5.12 -22.80
C27 PID M . 14.58 6.01 -21.61
C28 PID M . 13.34 6.84 -21.24
C29 PID M . 12.71 7.64 -22.39
C30 PID M . 15.92 5.60 -19.78
C31 PID M . 16.31 4.78 -18.56
CM1 PID M . -6.62 -0.03 -24.87
CM2 PID M . -6.53 -1.52 -29.53
CM3 PID M . -6.33 -3.70 -28.38
CM4 PID M . 1.16 3.05 -27.55
CM5 PID M . 9.42 4.69 -22.87
CM6 PID M . 13.13 4.70 -24.99
CM7 PID M . 14.71 6.65 -24.78
CM8 PID M . 11.41 8.31 -21.95
O1 PID M . -6.11 -2.40 -25.77
O2 PID M . -10.38 -2.77 -26.72
O3 PID M . -3.31 1.41 -28.48
O4 PID M . -1.22 1.46 -27.60
O5 PID M . 13.63 8.67 -22.81
O6 PID M . 14.91 5.16 -20.51
O7 PID M . 16.25 6.79 -19.79
C1A DGD N . 28.95 -15.27 -16.83
C2A DGD N . 27.98 -14.15 -17.23
C3A DGD N . 26.63 -14.26 -16.53
C4A DGD N . 26.28 -12.96 -15.82
C5A DGD N . 24.80 -12.69 -15.85
C6A DGD N . 24.55 -11.20 -15.85
C7A DGD N . 23.67 -10.76 -17.00
C8A DGD N . 22.76 -9.63 -16.51
C9A DGD N . 21.75 -9.21 -17.53
CAA DGD N . 21.55 -7.72 -17.50
CBA DGD N . 20.50 -7.28 -18.50
CCA DGD N . 19.10 -7.30 -17.89
CDA DGD N . 18.05 -6.93 -18.94
CEA DGD N . 17.22 -5.73 -18.53
CFA DGD N . 16.32 -6.00 -17.34
CGA DGD N . 14.89 -5.45 -17.54
CHA DGD N . 14.68 -4.10 -16.84
CIA DGD N . 13.64 -4.17 -15.73
O1A DGD N . 28.81 -15.82 -15.72
C1B DGD N . 32.96 -13.53 -18.05
C2B DGD N . 33.15 -12.19 -17.37
C3B DGD N . 31.84 -11.58 -16.90
C4B DGD N . 31.09 -10.96 -18.06
C5B DGD N . 29.89 -10.17 -17.59
C6B DGD N . 28.59 -10.71 -18.16
C7B DGD N . 28.48 -10.58 -19.66
C8B DGD N . 28.51 -11.96 -20.35
C9B DGD N . 27.17 -12.64 -20.51
CAB DGD N . 26.01 -11.65 -20.53
CBB DGD N . 25.87 -10.99 -21.88
CCB DGD N . 24.64 -11.49 -22.56
CDB DGD N . 23.49 -10.55 -22.38
CEB DGD N . 22.57 -11.01 -21.28
CFB DGD N . 21.28 -10.22 -21.29
CGB DGD N . 20.49 -10.48 -22.56
CHB DGD N . 19.26 -11.30 -22.30
CIB DGD N . 18.51 -10.79 -21.12
O1B DGD N . 32.89 -13.56 -19.30
O1G DGD N . 30.18 -15.16 -17.38
C1G DGD N . 31.08 -16.24 -17.16
C2G DGD N . 32.34 -15.83 -17.91
O2G DGD N . 32.84 -14.65 -17.26
C3G DGD N . 33.33 -16.98 -17.85
O3G DGD N . 34.52 -16.62 -17.17
C1D DGD N . 35.53 -17.58 -17.51
C2D DGD N . 35.87 -17.53 -19.02
O2D DGD N . 36.40 -16.23 -19.37
C3D DGD N . 36.89 -18.64 -19.35
O3D DGD N . 37.31 -18.56 -20.72
C4D DGD N . 38.13 -18.51 -18.41
O4D DGD N . 38.81 -17.27 -18.65
C5D DGD N . 37.65 -18.54 -16.92
O5D DGD N . 37.17 -20.90 -17.57
C6D DGD N . 37.26 -19.97 -16.48
O6D DGD N . 36.67 -17.50 -16.60
C1E DGD N . 37.99 -22.07 -17.39
C2E DGD N . 38.72 -22.42 -18.72
O2E DGD N . 39.57 -21.33 -19.12
C3E DGD N . 37.65 -22.67 -19.79
O3E DGD N . 38.25 -22.75 -21.09
C4E DGD N . 36.89 -23.99 -19.47
O4E DGD N . 37.61 -25.11 -20.01
C5E DGD N . 36.70 -24.17 -17.92
O6E DGD N . 37.18 -23.18 -16.93
C6E DGD N . 35.27 -24.59 -17.60
O5E DGD N . 34.99 -24.44 -16.22
C1A DGD O . 8.11 -11.80 5.19
C2A DGD O . 7.58 -12.00 6.60
C3A DGD O . 8.18 -11.03 7.60
C4A DGD O . 7.34 -9.77 7.72
C5A DGD O . 7.82 -8.94 8.92
C6A DGD O . 6.69 -8.21 9.58
C7A DGD O . 5.88 -9.08 10.51
C8A DGD O . 4.45 -8.52 10.65
C9A DGD O . 4.12 -7.86 12.03
CAA DGD O . 4.42 -8.76 13.20
CBA DGD O . 3.37 -8.69 14.33
CCA DGD O . 4.01 -8.17 15.65
CDA DGD O . 4.09 -9.25 16.74
CEA DGD O . 3.34 -8.89 18.05
CFA DGD O . 3.72 -7.50 18.59
CGA DGD O . 3.76 -7.47 20.14
CHA DGD O . 2.40 -7.03 20.73
CIA DGD O . 2.43 -5.63 21.37
O1A DGD O . 8.76 -10.78 4.91
C1B DGD O . 5.31 -14.30 2.94
C2B DGD O . 3.87 -13.86 3.25
C3B DGD O . 3.39 -14.30 4.65
C4B DGD O . 4.05 -13.45 5.76
C5B DGD O . 3.80 -14.05 7.17
C6B DGD O . 4.24 -13.07 8.25
C7B DGD O . 5.41 -13.46 9.18
C8B DGD O . 5.96 -14.92 9.22
C9B DGD O . 5.64 -15.60 10.57
CAB DGD O . 6.70 -15.45 11.71
CBB DGD O . 7.68 -14.23 11.61
CCB DGD O . 7.14 -12.94 12.31
CDB DGD O . 6.35 -13.25 13.58
CEB DGD O . 5.97 -11.99 14.27
CFB DGD O . 6.42 -11.93 15.71
CGB DGD O . 7.89 -12.09 15.82
CHB DGD O . 8.21 -13.31 16.61
CIB DGD O . 8.82 -12.94 17.93
O1B DGD O . 5.82 -15.32 3.49
O1G DGD O . 7.73 -12.72 4.30
C1G DGD O . 8.14 -12.54 2.94
C2G DGD O . 7.50 -13.71 2.17
O2G DGD O . 6.11 -13.41 2.35
C3G DGD O . 7.77 -13.49 0.68
O3G DGD O . 7.09 -14.52 -0.03
C1D DGD O . 7.87 -15.70 -0.15
C2D DGD O . 6.86 -16.84 -0.44
O2D DGD O . 6.10 -17.10 0.75
C3D DGD O . 7.65 -18.12 -0.82
O3D DGD O . 6.73 -19.15 -1.28
C4D DGD O . 8.66 -17.79 -1.95
O4D DGD O . 7.97 -17.46 -3.16
C5D DGD O . 9.51 -16.60 -1.52
O5D DGD O . 11.38 -17.34 -2.81
C6D DGD O . 10.49 -16.25 -2.64
O6D DGD O . 8.74 -15.44 -1.26
C1E DGD O . 12.12 -17.39 -4.02
C2E DGD O . 12.69 -18.81 -4.19
O2E DGD O . 11.62 -19.76 -4.22
C3E DGD O . 13.63 -19.11 -3.01
O3E DGD O . 14.27 -20.36 -3.23
C4E DGD O . 14.70 -18.01 -2.89
O4E DGD O . 15.55 -18.03 -4.05
C5E DGD O . 14.02 -16.63 -2.78
O6E DGD O . 13.17 -16.44 -3.94
C6E DGD O . 15.07 -15.52 -2.81
O5E DGD O . 14.48 -14.25 -2.60
MG CLA P . 0.93 -10.48 29.95
CHA CLA P . 2.20 -8.15 32.23
CHB CLA P . -0.98 -7.93 28.51
CHC CLA P . 0.17 -12.50 27.22
CHD CLA P . 3.56 -12.62 30.77
NA CLA P . 0.63 -8.35 30.36
C1A CLA P . 1.23 -7.62 31.39
C2A CLA P . 0.77 -6.18 31.33
C3A CLA P . -0.32 -6.17 30.29
C4A CLA P . -0.26 -7.55 29.64
CMA CLA P . -1.68 -6.01 30.96
CAA CLA P . 1.87 -5.17 30.95
CBA CLA P . 1.46 -3.70 31.08
CGA CLA P . 0.97 -3.35 32.48
O1A CLA P . 1.71 -3.56 33.44
O2A CLA P . -0.32 -2.84 32.73
NB CLA P . -0.21 -10.26 28.19
C1B CLA P . -0.97 -9.16 27.86
C2B CLA P . -1.83 -9.51 26.74
C3B CLA P . -1.56 -10.78 26.38
C4B CLA P . -0.48 -11.25 27.28
CMB CLA P . -2.89 -8.58 26.17
CAB CLA P . -2.28 -11.32 25.29
CBB CLA P . -2.12 -12.63 24.91
NC CLA P . 1.71 -12.25 29.15
C1C CLA P . 1.19 -12.95 28.08
C2C CLA P . 1.88 -14.21 27.98
C3C CLA P . 2.85 -14.22 28.94
C4C CLA P . 2.75 -13.00 29.68
CMC CLA P . 1.57 -15.31 26.93
CAC CLA P . 3.93 -15.30 29.16
CBC CLA P . 3.29 -16.49 29.84
ND CLA P . 2.48 -10.48 31.21
C1D CLA P . 3.43 -11.43 31.50
C2D CLA P . 4.19 -11.04 32.69
C3D CLA P . 3.73 -9.80 33.03
C4D CLA P . 2.69 -9.46 32.10
CMD CLA P . 5.27 -11.87 33.41
CAD CLA P . 3.86 -8.69 33.94
OBD CLA P . 4.47 -8.58 35.01
CBD CLA P . 3.05 -7.50 33.35
CGD CLA P . 2.15 -6.89 34.44
O1D CLA P . 0.92 -7.14 34.46
O2D CLA P . 2.73 -6.02 35.39
CED CLA P . 1.98 -5.47 36.41
C1 CLA P . -0.79 -2.89 34.11
C2 CLA P . -1.23 -4.25 34.40
C3 CLA P . -2.49 -4.77 34.45
C4 CLA P . -3.76 -3.92 34.17
C5 CLA P . -2.77 -6.20 34.86
C6 CLA P . -2.71 -6.34 36.41
C7 CLA P . -4.09 -6.26 36.99
C8 CLA P . -4.17 -6.35 38.52
C9 CLA P . -3.45 -7.58 39.05
C10 CLA P . -3.56 -5.10 39.13
C11 CLA P . -4.20 -3.79 38.71
C12 CLA P . -3.48 -2.71 39.49
C13 CLA P . -3.49 -1.30 38.90
C14 CLA P . -4.89 -0.76 38.71
C15 CLA P . -2.64 -1.24 37.61
C16 CLA P . -1.31 -2.01 37.65
C17 CLA P . -0.25 -1.36 38.53
C18 CLA P . 1.08 -2.15 38.55
C19 CLA P . 2.15 -1.45 39.35
C20 CLA P . 0.85 -3.53 39.10
MG CLA Q . 13.19 -12.27 17.78
CHA CLA Q . 11.69 -13.44 14.82
CHB CLA Q . 13.29 -9.08 16.37
CHC CLA Q . 14.01 -10.96 20.85
CHD CLA Q . 12.24 -15.26 19.33
NA CLA Q . 12.50 -11.37 15.86
C1A CLA Q . 12.00 -12.08 14.77
C2A CLA Q . 11.78 -11.14 13.60
C3A CLA Q . 12.33 -9.79 14.08
C4A CLA Q . 12.75 -10.05 15.52
CMA CLA Q . 13.57 -9.32 13.22
CAA CLA Q . 10.31 -10.99 13.19
CBA CLA Q . 10.06 -10.22 11.87
CGA CLA Q . 10.83 -10.81 10.69
O1A CLA Q . 10.63 -11.98 10.36
O2A CLA Q . 11.79 -10.12 10.04
NB CLA Q . 13.63 -10.40 18.47
C1B CLA Q . 13.68 -9.25 17.71
C2B CLA Q . 14.20 -8.17 18.53
C3B CLA Q . 14.46 -8.67 19.78
C4B CLA Q . 14.05 -10.08 19.75
CMB CLA Q . 14.46 -6.75 17.97
CAB CLA Q . 15.01 -7.78 20.75
CBB CLA Q . 15.39 -8.28 21.97
NC CLA Q . 13.21 -13.01 19.74
C1C CLA Q . 13.61 -12.30 20.85
C2C CLA Q . 13.53 -13.17 22.01
C3C CLA Q . 13.02 -14.36 21.59
C4C CLA Q . 12.81 -14.27 20.15
CMC CLA Q . 13.96 -12.77 23.42
CAC CLA Q . 12.71 -15.59 22.50
CBC CLA Q . 13.99 -16.45 22.63
ND CLA Q . 12.24 -13.97 17.26
C1D CLA Q . 11.97 -15.13 17.96
C2D CLA Q . 11.37 -16.13 17.11
C3D CLA Q . 11.30 -15.54 15.88
C4D CLA Q . 11.81 -14.21 15.98
CMD CLA Q . 10.90 -17.57 17.48
CAD CLA Q . 10.89 -15.73 14.50
OBD CLA Q . 10.50 -16.72 13.90
CBD CLA Q . 10.94 -14.35 13.81
CGD CLA Q . 11.72 -14.48 12.49
O1D CLA Q . 12.84 -13.95 12.37
O2D CLA Q . 11.15 -15.10 11.41
CED CLA Q . 11.93 -15.39 10.24
C1 CLA Q . 12.58 -10.86 9.06
C2 CLA Q . 13.69 -11.53 9.78
C3 CLA Q . 14.89 -11.00 10.24
C4 CLA Q . 15.33 -9.51 10.04
C5 CLA Q . 15.87 -11.84 11.07
C6 CLA Q . 17.23 -12.09 10.40
C7 CLA Q . 17.14 -12.67 8.97
C8 CLA Q . 16.52 -14.07 8.86
C9 CLA Q . 17.29 -15.05 9.75
C10 CLA Q . 16.69 -14.56 7.42
C11 CLA Q . 16.19 -13.65 6.30
C12 CLA Q . 14.70 -13.58 6.22
C13 CLA Q . 14.11 -13.14 4.85
C14 CLA Q . 14.42 -11.69 4.48
C15 CLA Q . 12.59 -13.28 4.94
C16 CLA Q . 12.09 -14.71 5.08
C17 CLA Q . 10.57 -14.74 5.10
C18 CLA Q . 9.96 -15.98 5.73
C19 CLA Q . 8.46 -15.76 5.91
C20 CLA Q . 10.60 -16.16 7.06
C1 PID R . -2.90 5.66 39.58
C2 PID R . -2.85 6.35 40.95
C3 PID R . -3.24 5.54 42.20
C4 PID R . -2.84 4.07 42.00
C5 PID R . -3.37 3.30 40.78
C6 PID R . -3.17 4.13 39.49
C7 PID R . -3.73 3.58 38.26
C8 PID R . -2.87 3.01 37.28
C9 PID R . -3.34 2.35 36.11
C10 PID R . -4.72 2.08 35.64
C11 PID R . -2.50 1.71 35.25
C12 PID R . -3.31 1.07 34.29
C13 PID R . -2.76 0.30 33.26
C14 PID R . -3.49 -0.41 32.29
C15 PID R . -2.75 -1.14 31.34
C16 PID R . -3.36 -1.98 30.36
C17 PID R . -2.54 -2.64 29.41
C18 PID R . -3.13 -3.40 28.40
C19 PID R . -2.37 -3.95 27.33
C20 PID R . -3.08 -4.64 26.32
C21 PID R . -2.49 -5.09 25.13
C22 PID R . -3.38 -5.58 24.15
C23 PID R . -3.02 -5.81 22.84
C24 PID R . -2.72 -6.03 21.53
C25 PID R . -2.71 -7.49 20.97
C26 PID R . -1.64 -7.54 19.88
C27 PID R . -1.68 -6.48 18.77
C28 PID R . -1.65 -5.08 19.45
C29 PID R . -2.70 -4.83 20.52
C30 PID R . -0.62 -6.29 16.72
C31 PID R . 0.62 -6.30 15.84
CM1 PID R . -3.24 6.54 38.39
CM2 PID R . -4.84 2.96 40.96
CM3 PID R . -2.56 2.00 40.69
CM4 PID R . -5.05 -0.41 32.28
CM5 PID R . -0.97 -5.25 24.99
CM6 PID R . -2.40 -8.50 22.10
CM7 PID R . -4.07 -7.83 20.37
CM8 PID R . -2.42 -3.50 21.24
O1 PID R . -1.79 4.70 39.35
O2 PID R . -4.67 5.61 42.36
O3 PID R . -5.72 2.24 36.35
O4 PID R . -4.69 1.20 34.64
O5 PID R . -4.00 -4.74 19.89
O6 PID R . -0.49 -6.65 17.99
O7 PID R . -1.56 -5.58 16.39
C1 PID S . -1.42 10.44 25.68
C2 PID S . -1.60 11.96 25.70
C3 PID S . -1.06 12.76 26.89
C4 PID S . 0.27 12.15 27.33
C5 PID S . 0.43 10.65 27.64
C6 PID S . -0.41 9.77 26.64
C7 PID S . -0.62 8.38 27.00
C8 PID S . 0.15 7.34 26.37
C9 PID S . 0.05 5.98 26.75
C10 PID S . -0.77 5.35 27.80
C11 PID S . 0.78 4.99 26.14
C12 PID S . 0.43 3.79 26.81
C13 PID S . 1.02 2.55 26.53
C14 PID S . 0.75 1.33 27.21
C15 PID S . 1.41 0.18 26.75
C16 PID S . 1.21 -1.09 27.29
C17 PID S . 1.93 -2.16 26.75
C18 PID S . 1.75 -3.48 27.20
C19 PID S . 2.42 -4.54 26.53
C20 PID S . 2.20 -5.88 26.90
C21 PID S . 2.75 -6.95 26.19
C22 PID S . 2.46 -8.25 26.62
C23 PID S . 2.68 -9.33 25.81
C24 PID S . 2.89 -10.39 24.99
C25 PID S . 4.22 -11.24 25.10
C26 PID S . 4.81 -11.37 23.70
C27 PID S . 3.88 -11.77 22.55
C28 PID S . 2.66 -10.83 22.54
C29 PID S . 1.90 -10.71 23.86
C30 PID S . 4.48 -12.53 20.49
C31 PID S . 5.31 -12.43 19.22
CM1 PID S . -2.60 9.60 25.23
CM2 PID S . 0.04 10.29 29.09
CM3 PID S . 1.90 10.41 27.44
CM4 PID S . -0.07 1.27 28.53
CM5 PID S . 3.85 -6.69 25.13
CM6 PID S . 5.21 -10.49 26.00
CM7 PID S . 3.90 -12.61 25.66
CM8 PID S . 0.79 -9.64 23.79
O1 PID S . -0.07 10.02 25.19
O2 PID S . -2.00 12.63 27.95
O3 PID S . -1.32 5.96 28.71
O4 PID S . -0.47 4.06 27.89
O5 PID S . 1.29 -11.98 24.16
O6 PID S . 4.62 -11.57 21.35
O7 PID S . 3.42 -13.17 20.45
C1 PID T . 7.72 0.14 45.45
C2 PID T . 7.59 1.13 46.61
C3 PID T . 6.68 0.83 47.81
C4 PID T . 6.41 -0.68 47.89
C5 PID T . 5.90 -1.40 46.65
C6 PID T . 6.86 -1.15 45.45
C7 PID T . 6.48 -1.71 44.18
C8 PID T . 7.39 -2.47 43.41
C9 PID T . 6.99 -3.11 42.22
C10 PID T . 5.64 -3.20 41.64
C11 PID T . 7.79 -3.97 41.55
C12 PID T . 7.05 -4.44 40.46
C13 PID T . 7.58 -5.34 39.55
C14 PID T . 6.93 -5.79 38.38
C15 PID T . 7.65 -6.67 37.55
C16 PID T . 7.15 -7.19 36.34
C17 PID T . 7.96 -8.04 35.57
C18 PID T . 7.54 -8.53 34.33
C19 PID T . 8.38 -9.34 33.57
C20 PID T . 7.98 -9.78 32.30
C21 PID T . 8.78 -10.59 31.49
C22 PID T . 8.41 -10.73 30.14
C23 PID T . 8.79 -11.85 29.37
C24 PID T . 9.15 -12.92 28.61
C25 PID T . 8.36 -14.25 28.70
C26 PID T . 9.37 -15.40 28.73
C27 PID T . 10.58 -15.39 27.78
C28 PID T . 11.25 -14.01 27.81
C29 PID T . 10.35 -12.79 27.62
C30 PID T . 11.78 -17.33 27.49
C31 PID T . 12.66 -18.45 27.99
CM1 PID T . 8.13 0.73 44.10
CM2 PID T . 4.50 -0.89 46.32
CM3 PID T . 5.82 -2.88 46.97
CM4 PID T . 5.46 -5.46 38.09
CM5 PID T . 9.82 -11.55 32.11
CM6 PID T . 7.49 -14.28 29.95
CM7 PID T . 7.46 -14.44 27.46
CM8 PID T . 11.10 -11.50 27.86
O1 PID T . 8.33 -1.17 45.80
O2 PID T . 7.36 1.24 49.01
O3 PID T . 4.87 -2.25 41.66
O4 PID T . 5.69 -4.03 40.58
O5 PID T . 9.87 -12.80 26.28
O6 PID T . 11.52 -16.34 28.30
O7 PID T . 11.05 -17.54 26.51
C1 PID U . 6.82 -6.61 44.15
C2 PID U . 7.59 -6.10 45.36
C3 PID U . 8.84 -6.92 45.67
C4 PID U . 8.39 -8.37 45.83
C5 PID U . 7.88 -9.06 44.55
C6 PID U . 6.97 -8.08 43.69
C7 PID U . 5.86 -8.65 43.00
C8 PID U . 5.68 -8.49 41.59
C9 PID U . 4.59 -9.06 40.92
C10 PID U . 3.46 -9.85 41.48
C11 PID U . 4.28 -8.77 39.62
C12 PID U . 3.08 -9.46 39.35
C13 PID U . 2.41 -9.31 38.13
C14 PID U . 1.15 -9.89 37.80
C15 PID U . 0.59 -9.56 36.55
C16 PID U . -0.68 -10.03 36.15
C17 PID U . -1.17 -9.68 34.88
C18 PID U . -2.40 -10.16 34.44
C19 PID U . -2.86 -9.90 33.11
C20 PID U . -4.07 -10.49 32.72
C21 PID U . -4.59 -10.36 31.43
C22 PID U . -5.66 -11.18 31.09
C23 PID U . -6.25 -11.08 29.85
C24 PID U . -6.84 -10.98 28.64
C25 PID U . -6.33 -11.84 27.44
C26 PID U . -6.05 -10.90 26.24
C27 PID U . -7.12 -9.84 25.91
C28 PID U . -7.45 -9.05 27.19
C29 PID U . -7.90 -9.90 28.41
C30 PID U . -7.49 -8.55 24.08
C31 PID U . -7.06 -7.65 22.91
CM1 PID U . 5.49 -5.94 43.84
CM2 PID U . 7.08 -10.31 45.01
CM3 PID U . 9.08 -9.52 43.71
CM4 PID U . 0.37 -10.76 38.81
CM5 PID U . -4.00 -9.38 30.38
CM6 PID U . -5.03 -12.61 27.85
CM7 PID U . -7.41 -12.85 27.08
CM8 PID U . -8.04 -9.02 29.64
O1 PID U . 7.68 -6.98 42.98
O2 PID U . 9.41 -6.46 46.89
O3 PID U . 3.57 -10.51 42.51
O4 PID U . 2.62 -10.18 40.49
O5 PID U . -9.16 -10.51 28.11
O6 PID U . -6.58 -8.94 24.93
O7 PID U . -8.64 -9.00 24.13
C1 PID V . 10.12 -9.80 -0.47
C2 PID V . 10.05 -10.25 -1.93
C3 PID V . 10.56 -11.68 -2.15
C4 PID V . 12.02 -11.68 -1.66
C5 PID V . 12.27 -11.43 -0.17
C6 PID V . 11.27 -10.35 0.42
C7 PID V . 11.75 -9.51 1.51
C8 PID V . 11.18 -9.58 2.81
C9 PID V . 11.67 -8.81 3.91
C10 PID V . 12.79 -7.85 4.00
C11 PID V . 11.09 -8.84 5.15
C12 PID V . 11.85 -7.95 5.98
C13 PID V . 11.53 -7.75 7.34
C14 PID V . 12.28 -6.95 8.25
C15 PID V . 11.82 -6.92 9.58
C16 PID V . 12.46 -6.17 10.61
C17 PID V . 11.92 -6.21 11.91
C18 PID V . 12.52 -5.48 12.96
C19 PID V . 11.89 -5.36 14.24
C20 PID V . 12.53 -4.56 15.21
C21 PID V . 11.97 -4.18 16.43
C22 PID V . 12.68 -3.22 17.17
C23 PID V . 12.22 -2.67 18.36
C24 PID V . 11.79 -2.11 19.53
C25 PID V . 12.48 -2.51 20.88
C26 PID V . 11.43 -2.40 21.98
C27 PID V . 10.65 -1.09 22.05
C28 PID V . 9.97 -0.86 20.70
C29 PID V . 10.90 -0.85 19.48
C30 PID V . 9.27 -0.14 23.64
C31 PID V . 8.14 -0.19 24.68
CM1 PID V . 9.49 -8.47 -0.14
CM2 PID V . 13.71 -10.96 0.00
CM3 PID V . 12.08 -12.78 0.55
CM4 PID V . 13.44 -6.05 7.78
CM5 PID V . 10.86 -5.00 17.08
CM6 PID V . 12.96 -3.96 20.82
CM7 PID V . 13.67 -1.57 21.19
CM8 PID V . 10.11 -0.81 18.12
O1 PID V . 9.89 -10.85 0.55
O2 PID V . 10.52 -11.97 -3.55
O3 PID V . 13.48 -7.49 3.05
O4 PID V . 12.89 -7.34 5.24
O5 PID V . 11.75 0.30 19.57
O6 PID V . 9.67 -1.27 23.09
O7 PID V . 9.65 0.95 23.23
C1 PID W . 2.58 2.59 6.32
C2 PID W . 2.05 3.63 5.30
C3 PID W . 1.58 3.20 3.92
C4 PID W . 1.05 1.75 3.99
C5 PID W . 1.94 0.64 4.58
C6 PID W . 2.53 1.08 5.97
C7 PID W . 3.50 0.23 6.58
C8 PID W . 3.30 -0.38 7.85
C9 PID W . 4.25 -1.24 8.44
C10 PID W . 5.55 -1.66 7.92
C11 PID W . 4.05 -1.91 9.60
C12 PID W . 5.20 -2.74 9.79
C13 PID W . 5.36 -3.58 10.92
C14 PID W . 6.50 -4.39 11.15
C15 PID W . 6.55 -5.05 12.39
C16 PID W . 7.59 -5.92 12.79
C17 PID W . 7.49 -6.42 14.10
C18 PID W . 8.42 -7.31 14.67
C19 PID W . 8.23 -7.72 16.01
C20 PID W . 9.14 -8.60 16.66
C21 PID W . 8.99 -8.96 18.02
C22 PID W . 9.99 -9.74 18.63
C23 PID W . 10.07 -9.78 20.01
C24 PID W . 10.12 -9.77 21.36
C25 PID W . 9.38 -10.89 22.21
C26 PID W . 8.62 -10.20 23.35
C27 PID W . 9.36 -9.10 24.15
C28 PID W . 9.92 -8.06 23.18
C29 PID W . 10.84 -8.60 22.08
C30 PID W . 8.42 -8.91 26.22
C31 PID W . 7.64 -8.13 27.28
CM1 PID W . 3.68 3.05 7.28
CM2 PID W . 3.08 0.22 3.59
CM3 PID W . 1.04 -0.57 4.77
CM4 PID W . 7.64 -4.58 10.11
CM5 PID W . 7.85 -8.37 18.89
CM6 PID W . 10.43 -11.86 22.82
CM7 PID W . 8.41 -11.69 21.34
CM8 PID W . 11.18 -7.48 21.09
O1 PID W . 1.54 1.69 6.89
O2 PID W . 2.71 3.22 3.04
O3 PID W . 5.90 -1.50 6.74
O4 PID W . 6.10 -2.60 8.71
O5 PID W . 12.04 -9.11 22.68
O6 PID W . 8.43 -8.43 25.00
O7 PID W . 8.62 -10.12 26.41
C1 PID X . 5.43 -21.95 1.61
C2 PID X . 5.37 -22.33 0.13
C3 PID X . 6.18 -23.57 -0.21
C4 PID X . 7.62 -23.28 0.21
C5 PID X . 7.93 -23.00 1.69
C6 PID X . 6.70 -22.28 2.40
C7 PID X . 7.01 -21.46 3.53
C8 PID X . 6.65 -21.82 4.86
C9 PID X . 7.03 -21.03 5.98
C10 PID X . 7.79 -19.77 6.03
C11 PID X . 6.75 -21.39 7.25
C12 PID X . 7.36 -20.40 8.08
C13 PID X . 7.28 -20.42 9.48
C14 PID X . 7.82 -19.44 10.35
C15 PID X . 7.53 -19.58 11.71
C16 PID X . 7.86 -18.62 12.72
C17 PID X . 7.38 -18.84 14.05
C18 PID X . 7.62 -17.92 15.09
C19 PID X . 7.12 -18.14 16.37
C20 PID X . 7.42 -17.22 17.38
C21 PID X . 7.03 -17.38 18.73
C22 PID X . 7.12 -16.28 19.56
C23 PID X . 7.09 -16.41 20.93
C24 PID X . 7.09 -16.52 22.29
C25 PID X . 8.41 -16.92 23.04
C26 PID X . 8.06 -18.01 24.05
C27 PID X . 6.83 -17.82 24.95
C28 PID X . 5.62 -17.41 24.09
C29 PID X . 5.81 -16.25 23.11
C30 PID X . 6.72 -19.15 26.80
C31 PID X . 6.42 -20.46 27.53
CM1 PID X . 4.59 -20.74 2.06
CM2 PID X . 9.15 -22.13 1.73
CM3 PID X . 8.24 -24.33 2.36
CM4 PID X . 8.72 -18.30 9.84
CM5 PID X . 6.59 -18.76 19.27
CM6 PID X . 9.42 -17.48 22.04
CM7 PID X . 8.98 -15.69 23.73
CM8 PID X . 4.57 -16.13 22.19
O1 PID X . 5.48 -23.12 2.54
O2 PID X . 6.14 -23.78 -1.62
O3 PID X . 8.44 -19.32 5.09
O4 PID X . 8.03 -19.42 7.28
O5 PID X . 5.97 -15.04 23.84
O6 PID X . 6.50 -19.09 25.52
O7 PID X . 6.92 -18.12 27.46
C1 PID Y . 9.54 -23.66 7.28
C2 PID Y . 8.87 -24.64 6.31
C3 PID Y . 8.30 -25.88 6.97
C4 PID Y . 9.40 -26.50 7.83
C5 PID Y . 9.84 -25.68 9.05
C6 PID Y . 10.03 -24.14 8.67
C7 PID Y . 11.10 -23.41 9.31
C8 PID Y . 10.86 -22.26 10.12
C9 PID Y . 11.89 -21.54 10.75
C10 PID Y . 13.33 -21.81 10.74
C11 PID Y . 11.70 -20.34 11.36
C12 PID Y . 13.00 -19.88 11.72
C13 PID Y . 13.24 -18.63 12.29
C14 PID Y . 14.51 -18.06 12.53
C15 PID Y . 14.55 -16.77 13.05
C16 PID Y . 15.76 -16.08 13.29
C17 PID Y . 15.71 -14.78 13.79
C18 PID Y . 16.89 -14.06 14.08
C19 PID Y . 16.83 -12.76 14.64
C20 PID Y . 18.04 -12.12 15.01
C21 PID Y . 18.08 -10.91 15.71
C22 PID Y . 19.32 -10.53 16.27
C23 PID Y . 19.49 -9.29 16.88
C24 PID Y . 19.64 -8.08 17.48
C25 PID Y . 19.32 -7.96 18.99
C26 PID Y . 18.30 -6.80 19.17
C27 PID Y . 18.59 -5.47 18.44
C28 PID Y . 18.86 -5.76 16.96
C29 PID Y . 19.95 -6.83 16.67
C30 PID Y . 17.65 -3.41 18.78
C31 PID Y . 16.47 -2.46 18.87
CM1 PID Y . 10.29 -22.44 6.65
CM2 PID Y . 11.17 -26.25 9.59
CM3 PID Y . 8.73 -25.82 10.13
CM4 PID Y . 15.83 -18.87 12.40
CM5 PID Y . 16.87 -9.95 15.75
CM6 PID Y . 18.70 -9.26 19.52
CM7 PID Y . 20.63 -7.65 19.77
CM8 PID Y . 20.01 -7.14 15.17
O1 PID Y . 8.72 -23.37 8.52
O2 PID Y . 7.96 -26.80 5.91
O3 PID Y . 13.86 -22.72 10.11
O4 PID Y . 14.00 -20.80 11.30
O5 PID Y . 21.22 -6.30 17.09
O6 PID Y . 17.41 -4.68 18.54
O7 PID Y . 18.77 -2.94 18.58
C1A DGD Z . 1.34 1.66 36.75
C2A DGD Z . 2.25 1.03 35.70
C3A DGD Z . 1.53 0.68 34.40
C4A DGD Z . 2.25 1.31 33.23
C5A DGD Z . 2.15 0.45 31.97
C6A DGD Z . 3.37 0.70 31.09
C7A DGD Z . 4.09 -0.58 30.77
C8A DGD Z . 4.68 -0.47 29.37
C9A DGD Z . 5.27 -1.80 28.90
CAA DGD Z . 6.49 -1.55 28.04
CBA DGD Z . 7.09 -2.84 27.51
CCA DGD Z . 6.45 -3.25 26.20
CDA DGD Z . 7.04 -4.56 25.71
CEA DGD Z . 7.67 -4.44 24.33
CFA DGD Z . 6.65 -4.21 23.22
CGA DGD Z . 6.93 -5.08 22.00
CHA DGD Z . 7.71 -4.33 20.90
CIA DGD Z . 6.89 -4.20 19.62
O1A DGD Z . 0.34 2.30 36.39
C1B DGD Z . 4.29 3.62 39.60
C2B DGD Z . 5.14 4.59 38.80
C3B DGD Z . 5.15 4.27 37.30
C4B DGD Z . 6.04 3.08 37.00
C5B DGD Z . 6.26 2.90 35.50
C6B DGD Z . 5.77 1.55 35.02
C7B DGD Z . 6.56 0.40 35.62
C8B DGD Z . 5.70 -0.42 36.57
C9B DGD Z . 4.91 -1.54 35.92
CAB DGD Z . 5.54 -1.99 34.62
CBB DGD Z . 6.69 -2.97 34.86
CCB DGD Z . 6.26 -4.37 34.50
CDB DGD Z . 6.72 -4.74 33.10
CEB DGD Z . 5.62 -4.54 32.09
CFB DGD Z . 6.00 -5.15 30.76
CGB DGD Z . 6.20 -6.67 30.88
CHB DGD Z . 5.10 -7.45 30.17
CIB DGD Z . 4.82 -6.89 28.82
O1B DGD Z . 4.85 2.68 40.17
O1G DGD Z . 1.98 1.99 37.90
C1G DGD Z . 1.14 2.45 38.95
C2G DGD Z . 2.12 2.76 40.08
O2G DGD Z . 2.95 3.85 39.66
C3G DGD Z . 1.30 3.13 41.32
O3G DGD Z . 1.57 4.48 41.74
C1D DGD Z . 1.14 4.59 43.10
C2D DGD Z . 1.97 3.67 44.04
O2D DGD Z . 3.36 4.07 44.02
C3D DGD Z . 1.40 3.78 45.47
O3D DGD Z . 2.20 3.03 46.39
C4D DGD Z . 1.34 5.27 45.90
O4D DGD Z . 2.67 5.81 45.98
C5D DGD Z . 0.50 6.08 44.86
O5D DGD Z . -1.30 4.72 45.88
C6D DGD Z . -1.01 5.82 45.02
O6D DGD Z . 1.04 5.98 43.50
C1E DGD Z . -2.20 5.08 46.95
C2E DGD Z . -1.72 4.44 48.28
O2E DGD Z . -0.42 4.93 48.62
C3E DGD Z . -1.69 2.92 48.08
O3E DGD Z . -1.00 2.30 49.19
C4E DGD Z . -3.13 2.38 47.98
O4E DGD Z . -3.67 2.17 49.29
C5E DGD Z . -4.04 3.36 47.18
O6E DGD Z . -3.55 4.64 46.62
C6E DGD Z . -4.88 2.61 46.14
O5E DGD Z . -5.46 3.51 45.20
C1A DGD AA . -10.72 5.99 9.21
C2A DGD AA . -11.66 6.62 8.19
C3A DGD AA . -11.15 7.97 7.68
C4A DGD AA . -10.33 7.82 6.44
C5A DGD AA . -10.09 9.20 5.84
C6A DGD AA . -10.10 9.21 4.35
C7A DGD AA . -11.46 9.19 3.72
C8A DGD AA . -11.33 8.54 2.35
C9A DGD AA . -11.53 9.48 1.13
CAA DGD AA . -12.81 10.29 1.20
CBA DGD AA . -13.53 10.50 -0.16
CCA DGD AA . -13.55 11.99 -0.54
CDA DGD AA . -14.95 12.60 -0.48
CEA DGD AA . -15.45 13.19 -1.82
CFA DGD AA . -14.44 14.11 -2.50
CGA DGD AA . -15.13 15.30 -3.20
CHA DGD AA . -15.37 15.02 -4.70
CIA DGD AA . -14.48 15.85 -5.66
O1A DGD AA . -9.53 6.36 9.30
C1B DGD AA . -12.42 1.97 9.31
C2B DGD AA . -12.55 1.40 7.90
C3B DGD AA . -13.72 2.01 7.10
C4B DGD AA . -13.37 3.45 6.62
C5B DGD AA . -14.57 4.19 6.10
C6B DGD AA . -14.11 5.49 5.47
C7B DGD AA . -14.66 6.80 6.04
C8B DGD AA . -15.75 6.84 7.15
C9B DGD AA . -17.05 7.48 6.56
CAB DGD AA . -17.23 9.03 6.76
CBB DGD AA . -15.93 9.88 6.95
CCB DGD AA . -15.26 10.34 5.62
CDB DGD AA . -16.32 10.72 4.57
CEB DGD AA . -15.69 11.29 3.33
CFB DGD AA . -16.21 12.66 2.97
CGB DGD AA . -16.04 13.63 4.08
CHB DGD AA . -17.37 14.10 4.58
CIB DGD AA . -17.56 15.53 4.22
O1B DGD AA . -13.44 2.41 9.89
O1G DGD AA . -11.16 4.87 9.76
C1G DGD AA . -10.26 4.14 10.60
C2G DGD AA . -11.02 2.88 11.03
O2G DGD AA . -11.18 2.22 9.75
C3G DGD AA . -10.07 1.98 11.80
O3G DGD AA . -10.82 0.84 12.17
C1D DGD AA . -11.57 0.95 13.36
C2D DGD AA . -12.63 -0.18 13.29
O2D DGD AA . -13.58 0.13 12.26
C3D DGD AA . -13.37 -0.27 14.66
O3D DGD AA . -14.23 -1.43 14.65
C4D DGD AA . -12.33 -0.41 15.78
O4D DGD AA . -11.67 -1.68 15.65
C5D DGD AA . -11.29 0.75 15.64
O5D DGD AA . -10.89 0.78 17.99
C6D DGD AA . -10.24 0.67 16.74
O6D DGD AA . -10.59 0.69 14.39
C1E DGD AA . -10.17 0.35 19.14
C2E DGD AA . -11.16 0.24 20.32
O2E DGD AA . -12.20 -0.69 19.97
C3E DGD AA . -11.77 1.64 20.58
O3E DGD AA . -12.63 1.59 21.74
C4E DGD AA . -10.64 2.64 20.84
O4E DGD AA . -9.93 2.24 22.03
C5E DGD AA . -9.67 2.64 19.63
O6E DGD AA . -9.13 1.32 19.41
C6E DGD AA . -8.47 3.55 19.89
O5E DGD AA . -7.66 3.64 18.72
C1A DGD BA . -1.68 1.55 -15.23
C2A DGD BA . -0.85 0.38 -15.74
C3A DGD BA . 0.63 0.71 -15.73
C4A DGD BA . 1.31 0.24 -14.46
C5A DGD BA . 2.83 0.30 -14.66
C6A DGD BA . 3.58 -0.78 -13.96
C7A DGD BA . 3.56 -2.10 -14.67
C8A DGD BA . 3.69 -3.22 -13.63
C9A DGD BA . 5.08 -3.97 -13.61
CAA DGD BA . 5.47 -4.50 -14.97
CBA DGD BA . 6.10 -5.91 -14.94
CCA DGD BA . 7.58 -5.86 -15.48
CDA DGD BA . 7.72 -6.55 -16.84
CEA DGD BA . 8.80 -7.68 -16.86
CFA DGD BA . 10.13 -7.28 -16.23
CGA DGD BA . 11.33 -7.92 -16.95
CHA DGD BA . 11.72 -9.25 -16.29
CIA DGD BA . 13.06 -9.20 -15.56
O1A DGD BA . -1.15 2.42 -14.51
C1B DGD BA . -5.53 -0.51 -14.70
C2B DGD BA . -5.33 -1.77 -13.86
C3B DGD BA . -4.67 -2.91 -14.64
C4B DGD BA . -3.18 -2.65 -14.85
C5B DGD BA . -2.50 -3.68 -15.80
C6B DGD BA . -0.97 -3.49 -15.76
C7B DGD BA . -0.26 -3.02 -17.06
C8B DGD BA . -1.03 -2.91 -18.42
C9B DGD BA . -0.48 -3.97 -19.43
CAB DGD BA . 0.73 -3.56 -20.33
CBB DGD BA . 1.62 -2.37 -19.86
CCB DGD BA . 2.82 -2.81 -18.96
CDB DGD BA . 3.40 -4.14 -19.41
CEB DGD BA . 4.59 -4.53 -18.61
CFB DGD BA . 5.83 -4.75 -19.45
CGB DGD BA . 6.13 -3.57 -20.31
CHB DGD BA . 6.05 -3.92 -21.76
CIB DGD BA . 7.42 -3.90 -22.36
O1B DGD BA . -5.65 -0.61 -15.94
O1G DGD BA . -3.01 1.36 -15.28
C1G DGD BA . -3.83 2.36 -14.65
C2G DGD BA . -5.26 1.89 -14.92
O2G DGD BA . -5.23 0.68 -14.12
C3G DGD BA . -6.22 2.81 -14.16
O3G DGD BA . -7.56 2.32 -14.31
C1D DGD BA . -8.18 2.75 -15.49
C2D DGD BA . -9.32 1.73 -15.72
O2D DGD BA . -8.75 0.46 -16.10
C3D DGD BA . -10.21 2.25 -16.86
O3D DGD BA . -11.37 1.41 -16.98
C4D DGD BA . -10.65 3.69 -16.54
O4D DGD BA . -11.50 3.68 -15.38
C5D DGD BA . -9.38 4.56 -16.25
O5D DGD BA . -10.45 6.51 -17.06
C6D DGD BA . -9.79 5.99 -15.93
O6D DGD BA . -8.69 4.06 -15.15
C1E DGD BA . -11.18 7.71 -16.89
C2E DGD BA . -12.06 7.93 -18.11
O2E DGD BA . -12.92 6.79 -18.27
C3E DGD BA . -11.15 8.08 -19.37
O3E DGD BA . -11.98 8.41 -20.47
C4E DGD BA . -10.15 9.25 -19.11
O4E DGD BA . -10.88 10.45 -18.91
C5E DGD BA . -9.34 8.94 -17.82
O6E DGD BA . -10.26 8.79 -16.69
C6E DGD BA . -8.45 10.13 -17.46
O5E DGD BA . -7.65 9.82 -16.32
MG CLA CA . -23.00 20.08 -8.52
CHA CLA CA . -21.78 23.16 -9.74
CHB CLA CA . -20.62 18.45 -10.47
CHC CLA CA . -23.59 17.10 -6.82
CHD CLA CA . -24.62 21.84 -5.99
NA CLA CA . -21.44 20.73 -9.94
C1A CLA CA . -21.16 22.05 -10.31
C2A CLA CA . -20.03 22.08 -11.32
C3A CLA CA . -19.80 20.60 -11.64
C4A CLA CA . -20.63 19.84 -10.65
CMA CLA CA . -20.30 20.27 -13.07
CAA CLA CA . -18.72 22.70 -10.80
CBA CLA CA . -17.63 22.86 -11.88
CGA CLA CA . -18.14 23.67 -13.07
O1A CLA CA . -18.60 24.80 -12.89
O2A CLA CA . -18.16 23.16 -14.35
NB CLA CA . -22.27 18.14 -8.64
C1B CLA CA . -21.35 17.68 -9.58
C2B CLA CA . -21.31 16.25 -9.53
C3B CLA CA . -22.15 15.83 -8.54
C4B CLA CA . -22.72 17.04 -7.93
CMB CLA CA . -20.48 15.42 -10.48
CAB CLA CA . -22.28 14.42 -8.30
CBB CLA CA . -23.14 13.94 -7.36
NC CLA CA . -23.94 19.57 -6.73
C1C CLA CA . -24.14 18.29 -6.27
C2C CLA CA . -25.01 18.35 -5.13
C3C CLA CA . -25.25 19.66 -4.86
C4C CLA CA . -24.60 20.43 -5.89
CMC CLA CA . -25.53 17.11 -4.33
CAC CLA CA . -26.03 20.23 -3.62
CBC CLA CA . -27.53 20.13 -3.88
ND CLA CA . -23.19 22.02 -7.95
C1D CLA CA . -23.97 22.60 -6.98
C2D CLA CA . -24.05 24.04 -7.17
C3D CLA CA . -23.28 24.30 -8.27
C4D CLA CA . -22.71 23.05 -8.71
CMD CLA CA . -24.86 25.04 -6.32
CAD CLA CA . -22.72 25.32 -9.13
OBD CLA CA . -22.98 26.53 -9.20
CBD CLA CA . -21.60 24.67 -9.97
CGD CLA CA . -21.79 25.05 -11.46
O1D CLA CA . -22.26 24.21 -12.29
O2D CLA CA . -21.37 26.36 -11.87
CED CLA CA . -21.56 26.83 -13.17
C1 CLA CA . -18.93 23.91 -15.33
C2 CLA CA . -20.36 23.55 -15.17
C3 CLA CA . -21.10 22.63 -15.89
C4 CLA CA . -20.53 21.80 -17.05
C5 CLA CA . -22.60 22.42 -15.64
C6 CLA CA . -23.43 23.58 -16.25
C7 CLA CA . -23.96 23.18 -17.59
C8 CLA CA . -24.78 24.26 -18.34
C9 CLA CA . -25.89 24.84 -17.47
C10 CLA CA . -23.86 25.38 -18.79
C11 CLA CA . -22.68 24.98 -19.66
C12 CLA CA . -21.98 26.28 -20.03
C13 CLA CA . -20.49 26.18 -20.41
C14 CLA CA . -20.28 25.27 -21.62
C15 CLA CA . -19.64 25.78 -19.19
C16 CLA CA . -20.01 26.43 -17.86
C17 CLA CA . -19.64 27.91 -17.79
C18 CLA CA . -19.99 28.56 -16.45
C19 CLA CA . -19.52 30.00 -16.38
C20 CLA CA . -21.47 28.50 -16.17
MG CLA DA . -15.89 18.36 7.23
CHA CLA DA . -15.83 14.94 8.04
CHB CLA DA . -12.47 18.17 6.49
CHC CLA DA . -16.01 21.47 5.80
CHD CLA DA . -19.39 18.19 7.20
NA CLA DA . -14.37 16.74 7.21
C1A CLA DA . -14.58 15.44 7.67
C2A CLA DA . -13.28 14.66 7.63
C3A CLA DA . -12.24 15.68 7.19
C4A CLA DA . -13.02 16.96 6.95
CMA CLA DA . -11.15 15.88 8.33
CAA CLA DA . -13.30 13.46 6.67
CBA CLA DA . -12.04 12.57 6.75
CGA CLA DA . -11.83 11.99 8.12
O1A CLA DA . -12.72 11.29 8.64
O2A CLA DA . -10.72 12.26 8.84
NB CLA DA . -14.50 19.59 6.31
C1B CLA DA . -13.14 19.36 6.19
C2B CLA DA . -12.51 20.55 5.67
C3B CLA DA . -13.46 21.50 5.52
C4B CLA DA . -14.73 20.89 5.89
CMB CLA DA . -11.02 20.63 5.40
CAB CLA DA . -13.04 22.83 5.07
CBB CLA DA . -13.97 23.85 5.04
NC CLA DA . -17.45 19.62 6.64
C1C CLA DA . -17.25 20.89 6.12
C2C CLA DA . -18.56 21.49 5.90
C3C CLA DA . -19.51 20.57 6.30
C4C CLA DA . -18.79 19.40 6.76
CMC CLA DA . -18.80 22.89 5.35
CAC CLA DA . -21.05 20.74 6.24
CBC CLA DA . -21.56 21.45 7.50
ND CLA DA . -17.32 16.96 7.52
C1D CLA DA . -18.70 17.04 7.57
C2D CLA DA . -19.27 15.80 8.04
C3D CLA DA . -18.20 14.98 8.27
C4D CLA DA . -17.01 15.69 7.94
CMD CLA DA . -20.76 15.52 8.22
CAD CLA DA . -17.80 13.65 8.68
OBD CLA DA . -18.47 12.75 9.20
CBD CLA DA . -16.28 13.51 8.41
CGD CLA DA . -15.59 13.00 9.69
O1D CLA DA . -14.83 13.72 10.33
O2D CLA DA . -15.77 11.71 10.08
CED CLA DA . -15.24 11.23 11.33
C1 CLA DA . -10.73 11.84 10.23
C2 CLA DA . -11.37 12.91 11.04
C3 CLA DA . -10.87 14.14 11.47
C4 CLA DA . -9.42 14.63 11.18
C5 CLA DA . -11.76 15.17 12.18
C6 CLA DA . -11.30 15.49 13.62
C7 CLA DA . -11.15 14.24 14.51
C8 CLA DA . -12.43 13.42 14.79
C9 CLA DA . -13.50 14.31 15.39
C10 CLA DA . -12.13 12.32 15.82
C11 CLA DA . -10.92 11.40 15.56
C12 CLA DA . -11.17 10.44 14.45
C13 CLA DA . -10.28 9.17 14.44
C14 CLA DA . -8.78 9.46 14.21
C15 CLA DA . -10.78 8.28 13.31
C16 CLA DA . -12.18 7.70 13.53
C17 CLA DA . -12.57 6.75 12.41
C18 CLA DA . -14.07 6.52 12.26
C19 CLA DA . -14.35 5.77 10.97
C20 CLA DA . -14.77 7.85 12.22
C1 PID EA . -14.78 28.70 -23.56
C2 PID EA . -14.83 29.92 -24.49
C3 PID EA . -16.19 30.41 -25.01
C4 PID EA . -17.24 30.18 -23.93
C5 PID EA . -17.45 28.74 -23.39
C6 PID EA . -16.09 28.09 -23.00
C7 PID EA . -16.12 26.68 -22.58
C8 PID EA . -15.92 26.37 -21.23
C9 PID EA . -16.04 25.05 -20.70
C10 PID EA . -16.37 23.77 -21.37
C11 PID EA . -15.99 24.80 -19.36
C12 PID EA . -16.24 23.42 -19.19
C13 PID EA . -16.30 22.84 -17.92
C14 PID EA . -16.63 21.48 -17.67
C15 PID EA . -16.64 21.06 -16.32
C16 PID EA . -17.02 19.75 -15.91
C17 PID EA . -16.93 19.42 -14.53
C18 PID EA . -17.18 18.13 -14.12
C19 PID EA . -16.98 17.68 -12.80
C20 PID EA . -17.25 16.30 -12.53
C21 PID EA . -16.94 15.66 -11.33
C22 PID EA . -17.08 14.25 -11.31
C23 PID EA . -16.56 13.47 -10.30
C24 PID EA . -16.07 12.67 -9.34
C25 PID EA . -17.04 11.91 -8.36
C26 PID EA . -16.32 11.79 -7.02
C27 PID EA . -14.91 11.16 -7.05
C28 PID EA . -14.01 12.01 -8.00
C29 PID EA . -14.56 12.20 -9.43
C30 PID EA . -13.51 10.35 -5.39
C31 PID EA . -12.87 10.44 -4.03
CM1 PID EA . -13.55 27.82 -23.64
CM2 PID EA . -18.16 27.87 -24.41
CM3 PID EA . -18.34 28.86 -22.13
CM4 PID EA . -16.98 20.48 -18.82
CM5 PID EA . -16.69 16.46 -10.06
CM6 PID EA . -18.34 12.69 -8.22
CM7 PID EA . -17.36 10.52 -8.93
CM8 PID EA . -13.71 13.23 -10.20
O1 PID EA . -15.21 28.99 -22.17
O2 PID EA . -16.53 29.64 -26.18
O3 PID EA . -16.84 23.71 -22.51
O4 PID EA . -16.58 22.82 -20.44
O5 PID EA . -14.49 10.94 -10.13
O6 PID EA . -14.41 11.24 -5.70
O7 PID EA . -12.95 9.70 -6.25
C1 PID FA . -3.76 20.54 -18.11
C2 PID FA . -2.52 20.80 -18.97
C3 PID FA . -2.29 22.21 -19.51
C4 PID FA . -2.73 23.23 -18.47
C5 PID FA . -4.10 23.17 -17.79
C6 PID FA . -4.55 21.71 -17.50
C7 PID FA . -5.95 21.49 -17.16
C8 PID FA . -6.36 21.25 -15.83
C9 PID FA . -7.72 21.11 -15.45
C10 PID FA . -8.95 21.24 -16.24
C11 PID FA . -8.12 20.94 -14.14
C12 PID FA . -9.53 20.93 -14.16
C13 PID FA . -10.31 20.77 -13.00
C14 PID FA . -11.72 20.79 -12.96
C15 PID FA . -12.32 20.58 -11.71
C16 PID FA . -13.72 20.56 -11.50
C17 PID FA . -14.19 20.30 -10.20
C18 PID FA . -15.55 20.24 -9.91
C19 PID FA . -15.97 19.87 -8.60
C20 PID FA . -17.35 19.72 -8.31
C21 PID FA . -17.79 19.26 -7.06
C22 PID FA . -19.17 19.11 -6.87
C23 PID FA . -19.64 18.40 -5.79
C24 PID FA . -20.11 17.69 -4.75
C25 PID FA . -20.58 18.40 -3.43
C26 PID FA . -19.87 17.69 -2.26
C27 PID FA . -19.88 16.16 -2.20
C28 PID FA . -19.33 15.63 -3.53
C29 PID FA . -20.06 16.14 -4.79
C30 PID FA . -19.42 14.86 -0.39
C31 PID FA . -18.52 14.48 0.78
CM1 PID FA . -4.51 19.22 -18.36
CM2 PID FA . -5.17 23.89 -18.58
CM3 PID FA . -3.87 23.90 -16.46
CM4 PID FA . -12.59 21.21 -14.17
CM5 PID FA . -16.82 19.16 -5.87
CM6 PID FA . -20.18 19.87 -3.39
CM7 PID FA . -22.09 18.28 -3.30
CM8 PID FA . -19.37 15.62 -6.08
O1 PID FA . -3.57 20.95 -16.69
O2 PID FA . -3.14 22.36 -20.66
O3 PID FA . -8.97 21.71 -17.38
O4 PID FA . -10.02 21.20 -15.45
O5 PID FA . -21.41 15.68 -4.76
O6 PID FA . -18.97 15.80 -1.15
O7 PID FA . -20.15 13.96 -0.87
C1 PID GA . -19.75 38.40 -15.86
C2 PID GA . -19.51 39.41 -16.98
C3 PID GA . -20.52 39.65 -18.10
C4 PID GA . -21.90 39.17 -17.64
C5 PID GA . -22.04 37.76 -17.07
C6 PID GA . -21.04 37.54 -15.90
C7 PID GA . -21.00 36.22 -15.31
C8 PID GA . -21.07 36.04 -13.93
C9 PID GA . -21.15 34.76 -13.36
C10 PID GA . -21.27 33.45 -14.04
C11 PID GA . -21.39 34.57 -12.04
C12 PID GA . -21.46 33.17 -11.86
C13 PID GA . -21.67 32.61 -10.61
C14 PID GA . -21.62 31.23 -10.31
C15 PID GA . -21.81 30.87 -8.96
C16 PID GA . -21.79 29.52 -8.50
C17 PID GA . -21.96 29.29 -7.14
C18 PID GA . -21.91 27.97 -6.61
C19 PID GA . -22.07 27.74 -5.23
C20 PID GA . -21.92 26.46 -4.73
C21 PID GA . -22.05 26.16 -3.37
C22 PID GA . -21.61 24.88 -2.95
C23 PID GA . -22.05 24.29 -1.79
C24 PID GA . -22.50 23.70 -0.66
C25 PID GA . -23.87 22.93 -0.65
C26 PID GA . -24.64 23.33 0.62
C27 PID GA . -23.88 23.36 1.97
C28 PID GA . -22.58 24.12 1.81
C29 PID GA . -21.64 23.76 0.66
C30 PID GA . -25.10 23.44 3.94
C31 PID GA . -26.10 24.12 4.88
CM1 PID GA . -18.52 37.80 -15.19
CM2 PID GA . -21.79 36.73 -18.15
CM3 PID GA . -23.46 37.60 -16.58
CM4 PID GA . -21.59 30.16 -11.40
CM5 PID GA . -22.87 27.05 -2.45
CM6 PID GA . -24.71 23.27 -1.89
CM7 PID GA . -23.61 21.39 -0.59
CM8 PID GA . -20.49 24.78 0.51
O1 PID GA . -20.88 38.70 -14.95
O2 PID GA . -20.58 41.06 -18.37
O3 PID GA . -20.70 33.22 -15.09
O4 PID GA . -21.44 32.49 -13.11
O5 PID GA . -21.08 22.47 0.92
O6 PID GA . -24.69 24.12 2.90
O7 PID GA . -24.99 22.20 4.00
C1 PID HA . -25.08 35.24 -12.76
C2 PID HA . -25.03 36.76 -12.98
C3 PID HA . -25.58 37.56 -11.81
C4 PID HA . -26.99 37.05 -11.53
C5 PID HA . -27.09 35.62 -10.99
C6 PID HA . -26.08 34.64 -11.74
C7 PID HA . -26.51 33.29 -11.97
C8 PID HA . -25.74 32.18 -11.50
C9 PID HA . -26.15 30.86 -11.71
C10 PID HA . -27.33 30.38 -12.44
C11 PID HA . -25.34 29.78 -11.45
C12 PID HA . -26.07 28.66 -11.89
C13 PID HA . -25.53 27.36 -11.88
C14 PID HA . -26.19 26.21 -12.36
C15 PID HA . -25.46 24.99 -12.36
C16 PID HA . -25.98 23.78 -12.88
C17 PID HA . -25.16 22.62 -12.83
C18 PID HA . -25.62 21.39 -13.29
C19 PID HA . -24.88 20.22 -13.16
C20 PID HA . -25.48 19.01 -13.54
C21 PID HA . -24.88 17.77 -13.40
C22 PID HA . -25.68 16.64 -13.64
C23 PID HA . -25.17 15.37 -13.54
C24 PID HA . -24.66 14.11 -13.44
C25 PID HA . -24.67 13.35 -12.09
C26 PID HA . -23.24 12.89 -11.75
C27 PID HA . -22.44 12.20 -12.89
C28 PID HA . -22.45 13.14 -14.12
C29 PID HA . -23.85 13.54 -14.62
C30 PID HA . -20.53 10.92 -12.92
C31 PID HA . -19.14 10.53 -12.41
CM1 PID HA . -24.66 34.36 -13.92
CM2 PID HA . -28.53 35.15 -11.20
CM3 PID HA . -26.78 35.62 -9.49
CM4 PID HA . -27.58 26.27 -13.02
CM5 PID HA . -23.42 17.62 -12.85
CM6 PID HA . -25.25 14.27 -10.97
CM7 PID HA . -25.54 12.12 -12.24
CM8 PID HA . -23.76 14.56 -15.75
O1 PID HA . -24.63 34.81 -11.41
O2 PID HA . -25.64 38.93 -12.19
O3 PID HA . -28.37 31.03 -12.47
O4 PID HA . -27.36 29.04 -12.40
O5 PID HA . -24.54 12.37 -15.10
O6 PID HA . -21.08 12.03 -12.46
O7 PID HA . -21.17 10.11 -13.62
C1 PID IA . -5.87 3.54 12.43
C2 PID IA . -5.66 2.25 13.23
C3 PID IA . -6.58 2.11 14.44
C4 PID IA . -6.42 3.38 15.30
C5 PID IA . -6.90 4.70 14.66
C6 PID IA . -6.49 4.78 13.14
C7 PID IA . -6.19 6.10 12.60
C8 PID IA . -6.98 6.68 11.57
C9 PID IA . -6.72 7.98 11.02
C10 PID IA . -5.71 8.97 11.36
C11 PID IA . -7.50 8.54 10.05
C12 PID IA . -6.93 9.83 9.76
C13 PID IA . -7.49 10.71 8.82
C14 PID IA . -7.03 12.05 8.54
C15 PID IA . -7.75 12.76 7.57
C16 PID IA . -7.43 14.08 7.18
C17 PID IA . -8.24 14.66 6.18
C18 PID IA . -8.00 16.02 5.76
C19 PID IA . -8.66 16.59 4.67
C20 PID IA . -8.24 17.88 4.29
C21 PID IA . -8.66 18.55 3.14
C22 PID IA . -8.02 19.77 2.86
C23 PID IA . -8.24 20.49 1.70
C24 PID IA . -8.43 21.23 0.55
C25 PID IA . -9.25 22.56 0.60
C26 PID IA . -9.89 22.76 -0.78
C27 PID IA . -8.98 22.62 -2.00
C28 PID IA . -8.32 21.22 -1.97
C29 PID IA . -7.54 20.91 -0.68
C30 PID IA . -9.28 23.20 -4.22
C31 PID IA . -10.10 23.24 -5.51
CM1 PID IA . -5.04 3.71 11.17
CM2 PID IA . -6.25 5.87 15.47
CM3 PID IA . -8.44 4.78 14.78
CM4 PID IA . -5.84 12.67 9.26
CM5 PID IA . -9.92 18.12 2.37
CM6 PID IA . -10.35 22.50 1.68
CM7 PID IA . -8.31 23.77 0.91
CM8 PID IA . -7.06 19.44 -0.62
O1 PID IA . -7.29 3.91 12.26
O2 PID IA . -6.13 0.99 15.21
O3 PID IA . -4.80 8.79 12.17
O4 PID IA . -5.84 10.07 10.62
O5 PID IA . -6.38 21.77 -0.65
O6 PID IA . -9.85 22.66 -3.14
O7 PID IA . -8.06 23.41 -4.28
C1 PID JA . -0.28 6.81 -2.21
C2 PID JA . 0.95 5.97 -2.63
C3 PID JA . 1.13 4.54 -2.11
C4 PID JA . -0.24 3.92 -1.83
C5 PID JA . -1.27 4.66 -0.95
C6 PID JA . -1.41 6.15 -1.38
C7 PID JA . -2.21 7.03 -0.55
C8 PID JA . -3.40 7.67 -1.02
C9 PID JA . -4.18 8.52 -0.19
C10 PID JA . -3.98 8.85 1.23
C11 PID JA . -5.35 9.08 -0.58
C12 PID JA . -5.85 9.76 0.56
C13 PID JA . -7.05 10.51 0.55
C14 PID JA . -7.62 11.17 1.67
C15 PID JA . -8.75 11.96 1.42
C16 PID JA . -9.44 12.69 2.42
C17 PID JA . -10.51 13.49 1.97
C18 PID JA . -11.34 14.25 2.82
C19 PID JA . -12.30 15.08 2.23
C20 PID JA . -13.15 15.91 3.00
C21 PID JA . -14.14 16.72 2.41
C22 PID JA . -14.89 17.57 3.23
C23 PID JA . -15.58 18.63 2.64
C24 PID JA . -16.18 19.65 2.03
C25 PID JA . -17.71 19.58 1.61
C26 PID JA . -17.81 20.10 0.17
C27 PID JA . -17.13 21.45 -0.16
C28 PID JA . -15.66 21.36 0.24
C29 PID JA . -15.35 20.94 1.69
C30 PID JA . -18.18 22.39 -1.95
C31 PID JA . -18.21 22.88 -3.40
CM1 PID JA . -0.08 8.32 -2.09
CM2 PID JA . -0.88 4.57 0.53
CM3 PID JA . -2.59 3.94 -1.14
CM4 PID JA . -7.04 11.03 3.10
CM5 PID JA . -14.37 16.72 0.87
CM6 PID JA . -18.55 20.48 2.57
CM7 PID JA . -18.21 18.13 1.68
CM8 PID JA . -13.83 20.70 1.85
O1 PID JA . -1.54 6.37 -2.85
O2 PID JA . 1.86 4.63 -0.88
O3 PID JA . -3.18 8.29 1.96
O4 PID JA . -5.02 9.53 1.69
O5 PID JA . -15.75 22.01 2.58
O6 PID JA . -17.16 21.66 -1.58
O7 PID JA . -19.25 22.35 -1.32
C1 PID KA . -18.27 -0.80 13.69
C2 PID KA . -17.96 -2.06 14.52
C3 PID KA . -18.65 -2.08 15.87
C4 PID KA . -18.26 -0.80 16.62
C5 PID KA . -18.61 0.56 16.01
C6 PID KA . -18.62 0.51 14.42
C7 PID KA . -18.37 1.74 13.71
C8 PID KA . -19.39 2.40 13.00
C9 PID KA . -19.18 3.66 12.37
C10 PID KA . -17.96 4.47 12.33
C11 PID KA . -20.16 4.37 11.74
C12 PID KA . -19.57 5.58 11.32
C13 PID KA . -20.25 6.55 10.59
C14 PID KA . -19.70 7.77 10.11
C15 PID KA . -20.54 8.58 9.32
C16 PID KA . -20.10 9.75 8.62
C17 PID KA . -21.04 10.41 7.78
C18 PID KA . -20.70 11.54 7.01
C19 PID KA . -21.64 12.12 6.15
C20 PID KA . -21.25 13.27 5.44
C21 PID KA . -22.12 14.01 4.65
C22 PID KA . -21.56 14.92 3.75
C23 PID KA . -22.33 15.88 3.14
C24 PID KA . -23.05 16.85 2.55
C25 PID KA . -23.44 18.13 3.36
C26 PID KA . -24.94 18.39 3.12
C27 PID KA . -25.48 18.36 1.68
C28 PID KA . -24.99 17.07 1.00
C29 PID KA . -23.51 16.69 1.08
C30 PID KA . -27.53 19.33 1.36
C31 PID KA . -29.05 19.32 1.34
CM1 PID KA . -17.61 -0.69 12.31
CM2 PID KA . -17.60 1.59 16.48
CM3 PID KA . -19.98 0.97 16.51
CM4 PID KA . -18.28 8.23 10.49
CM5 PID KA . -23.64 13.79 4.70
CM6 PID KA . -23.19 17.90 4.86
CM7 PID KA . -22.62 19.34 2.87
CM8 PID KA . -23.25 15.27 0.58
O1 PID KA . -19.69 -0.36 13.81
O2 PID KA . -18.15 -3.22 16.59
O3 PID KA . -16.99 4.32 13.07
O4 PID KA . -18.22 5.64 11.73
O5 PID KA . -22.79 17.62 0.26
O6 PID KA . -26.91 18.26 1.77
O7 PID KA . -26.92 20.17 0.69
C1 PID LA . -21.44 5.59 14.82
C2 PID LA . -21.95 4.20 15.27
C3 PID LA . -23.47 4.01 15.12
C4 PID LA . -24.15 5.20 15.79
C5 PID LA . -23.93 6.59 15.15
C6 PID LA . -22.41 6.80 14.75
C7 PID LA . -21.85 8.13 14.89
C8 PID LA . -21.27 8.80 13.82
C9 PID LA . -20.71 10.09 13.95
C10 PID LA . -20.65 10.98 15.13
C11 PID LA . -19.97 10.70 12.97
C12 PID LA . -19.49 11.91 13.55
C13 PID LA . -18.62 12.78 12.87
C14 PID LA . -18.02 13.95 13.42
C15 PID LA . -17.12 14.63 12.62
C16 PID LA . -16.40 15.76 13.08
C17 PID LA . -15.52 16.39 12.20
C18 PID LA . -14.80 17.54 12.58
C19 PID LA . -13.93 18.19 11.67
C20 PID LA . -13.35 19.45 12.07
C21 PID LA . -12.62 20.26 11.20
C22 PID LA . -12.24 21.54 11.69
C23 PID LA . -11.43 22.37 10.93
C24 PID LA . -10.67 23.17 10.16
C25 PID LA . -11.36 24.15 9.14
C26 PID LA . -10.69 23.91 7.77
C27 PID LA . -9.15 23.88 7.72
C28 PID LA . -8.63 22.86 8.75
C29 PID LA . -9.13 23.07 10.19
C30 PID LA . -7.78 24.08 5.86
C31 PID LA . -7.30 23.61 4.51
CM1 PID LA . -19.94 5.89 15.09
CM2 PID LA . -24.36 7.68 16.15
CM3 PID LA . -24.82 6.68 13.89
CM4 PID LA . -18.33 14.46 14.86
CM5 PID LA . -12.10 19.77 9.82
CM6 PID LA . -12.83 23.82 9.04
CM7 PID LA . -11.16 25.63 9.60
CM8 PID LA . -8.67 21.94 11.09
O1 PID LA . -21.99 6.08 13.53
O2 PID LA . -23.85 2.78 15.77
O3 PID LA . -21.02 10.66 16.28
O4 PID LA . -19.92 12.05 14.87
O5 PID LA . -8.60 24.31 10.71
O6 PID LA . -8.78 23.46 6.40
O7 PID LA . -7.01 24.75 6.56
C1A DGD MA . -15.84 28.30 -17.21
C2A DGD MA . -15.66 27.95 -15.73
C3A DGD MA . -15.51 26.46 -15.47
C4A DGD MA . -14.26 26.18 -14.68
C5A DGD MA . -14.42 25.00 -13.73
C6A DGD MA . -13.52 25.14 -12.53
C7A DGD MA . -14.27 25.06 -11.25
C8A DGD MA . -13.40 24.38 -10.20
C9A DGD MA . -14.14 24.11 -8.92
CAA DGD MA . -13.23 24.31 -7.73
CBA DGD MA . -13.94 24.00 -6.44
CCA DGD MA . -13.80 22.55 -6.06
CDA DGD MA . -14.55 22.24 -4.76
CEA DGD MA . -13.64 21.63 -3.70
CFA DGD MA . -13.14 20.24 -4.06
CGA DGD MA . -13.25 19.24 -2.87
CHA DGD MA . -11.96 19.13 -2.06
CIA DGD MA . -11.40 17.71 -2.11
O1A DGD MA . -15.39 27.53 -18.08
C1B DGD MA . -14.86 32.72 -17.26
C2B DGD MA . -13.45 32.92 -16.72
C3B DGD MA . -12.96 31.75 -15.86
C4B DGD MA . -13.61 31.79 -14.48
C5B DGD MA . -13.01 30.77 -13.53
C6B DGD MA . -14.03 29.79 -12.97
C7B DGD MA . -15.14 30.45 -12.16
C8B DGD MA . -16.49 30.41 -12.89
C9B DGD MA . -17.34 29.17 -12.63
CAB DGD MA . -16.98 28.45 -11.34
CBB DGD MA . -17.60 29.12 -10.14
CCB DGD MA . -18.73 28.29 -9.62
CDB DGD MA . -18.28 27.46 -8.44
CEB DGD MA . -17.91 26.06 -8.86
CFB DGD MA . -17.69 25.17 -7.65
CGB DGD MA . -18.98 25.01 -6.85
CHB DGD MA . -19.55 23.61 -6.95
CIB DGD MA . -18.49 22.58 -6.78
O1B DGD MA . -15.82 33.25 -16.67
O1G DGD MA . -15.93 29.63 -17.46
C1G DGD MA . -16.26 30.01 -18.79
C2G DGD MA . -16.33 31.54 -18.72
O2G DGD MA . -15.01 32.00 -18.40
C3G DGD MA . -16.79 32.04 -20.09
O3G DGD MA . -15.77 32.83 -20.73
C1D DGD MA . -16.42 33.60 -21.75
C2D DGD MA . -17.45 34.59 -21.15
O2D DGD MA . -16.78 35.53 -20.29
C3D DGD MA . -18.16 35.32 -22.31
O3D DGD MA . -19.05 36.33 -21.79
C4D DGD MA . -17.11 35.96 -23.26
O4D DGD MA . -16.38 36.99 -22.56
C5D DGD MA . -16.14 34.87 -23.76
O5D DGD MA . -18.19 34.17 -24.95
C6D DGD MA . -16.78 33.97 -24.84
O6D DGD MA . -15.44 34.16 -22.68
C1E DGD MA . -18.61 34.47 -26.29
C2E DGD MA . -19.67 35.60 -26.27
O2E DGD MA . -19.11 36.78 -25.70
C3E DGD MA . -20.87 35.12 -25.42
O3E DGD MA . -21.76 36.21 -25.17
C4E DGD MA . -21.61 33.99 -26.19
O4E DGD MA . -22.55 34.56 -27.11
C5E DGD MA . -20.60 33.08 -26.96
O6E DGD MA . -19.14 33.28 -26.95
C6E DGD MA . -20.94 31.59 -26.74
O5E DGD MA . -19.88 30.76 -27.18
#